data_7ZFY
# 
_entry.id   7ZFY 
# 
_audit_conform.dict_name       mmcif_pdbx.dic 
_audit_conform.dict_version    5.384 
_audit_conform.dict_location   http://mmcif.pdb.org/dictionaries/ascii/mmcif_pdbx.dic 
# 
loop_
_database_2.database_id 
_database_2.database_code 
_database_2.pdbx_database_accession 
_database_2.pdbx_DOI 
PDB   7ZFY         pdb_00007zfy 10.2210/pdb7zfy/pdb 
WWPDB D_1292122185 ?            ?                   
# 
loop_
_pdbx_audit_revision_history.ordinal 
_pdbx_audit_revision_history.data_content_type 
_pdbx_audit_revision_history.major_revision 
_pdbx_audit_revision_history.minor_revision 
_pdbx_audit_revision_history.revision_date 
1 'Structure model' 1 0 2022-11-23 
2 'Structure model' 1 1 2022-12-07 
3 'Structure model' 1 2 2024-01-31 
# 
_pdbx_audit_revision_details.ordinal             1 
_pdbx_audit_revision_details.revision_ordinal    1 
_pdbx_audit_revision_details.data_content_type   'Structure model' 
_pdbx_audit_revision_details.provider            repository 
_pdbx_audit_revision_details.type                'Initial release' 
_pdbx_audit_revision_details.description         ? 
_pdbx_audit_revision_details.details             ? 
# 
loop_
_pdbx_audit_revision_group.ordinal 
_pdbx_audit_revision_group.revision_ordinal 
_pdbx_audit_revision_group.data_content_type 
_pdbx_audit_revision_group.group 
1 2 'Structure model' 'Database references'    
2 3 'Structure model' 'Data collection'        
3 3 'Structure model' 'Refinement description' 
# 
loop_
_pdbx_audit_revision_category.ordinal 
_pdbx_audit_revision_category.revision_ordinal 
_pdbx_audit_revision_category.data_content_type 
_pdbx_audit_revision_category.category 
1 2 'Structure model' citation                      
2 2 'Structure model' citation_author               
3 3 'Structure model' chem_comp_atom                
4 3 'Structure model' chem_comp_bond                
5 3 'Structure model' pdbx_initial_refinement_model 
# 
loop_
_pdbx_audit_revision_item.ordinal 
_pdbx_audit_revision_item.revision_ordinal 
_pdbx_audit_revision_item.data_content_type 
_pdbx_audit_revision_item.item 
1 2 'Structure model' '_citation.journal_volume'          
2 2 'Structure model' '_citation.page_first'              
3 2 'Structure model' '_citation.page_last'               
4 2 'Structure model' '_citation_author.identifier_ORCID' 
# 
_pdbx_database_status.status_code                     REL 
_pdbx_database_status.status_code_sf                  REL 
_pdbx_database_status.status_code_mr                  ? 
_pdbx_database_status.entry_id                        7ZFY 
_pdbx_database_status.recvd_initial_deposition_date   2022-04-01 
_pdbx_database_status.SG_entry                        N 
_pdbx_database_status.deposit_site                    PDBE 
_pdbx_database_status.process_site                    PDBE 
_pdbx_database_status.status_code_cs                  ? 
_pdbx_database_status.status_code_nmr_data            ? 
_pdbx_database_status.methods_development_category    ? 
_pdbx_database_status.pdb_format_compatible           N 
# 
_pdbx_contact_author.id                 2 
_pdbx_contact_author.email              martin.noble@ncl.ac.uk 
_pdbx_contact_author.name_first         Martin 
_pdbx_contact_author.name_last          Noble 
_pdbx_contact_author.name_mi            E.M. 
_pdbx_contact_author.role               'principal investigator/group leader' 
_pdbx_contact_author.identifier_ORCID   0000-0002-3595-9807 
# 
loop_
_audit_author.name 
_audit_author.pdbx_ordinal 
_audit_author.identifier_ORCID 
'Turberville, S.' 1 0000-0003-2173-9675 
'Martin, M.P.'    2 0000-0003-4810-3351 
'Hope, I.'        3 ?                   
'Noble, M.E.M.'   4 0000-0002-3595-9807 
# 
_citation.abstract                  ? 
_citation.abstract_id_CAS           ? 
_citation.book_id_ISBN              ? 
_citation.book_publisher            ? 
_citation.book_publisher_city       ? 
_citation.book_title                ? 
_citation.coordinate_linkage        ? 
_citation.country                   US 
_citation.database_id_Medline       ? 
_citation.details                   ? 
_citation.id                        primary 
_citation.journal_abbrev            J.Med.Chem. 
_citation.journal_id_ASTM           JMCMAR 
_citation.journal_id_CSD            0151 
_citation.journal_id_ISSN           0022-2623 
_citation.journal_full              ? 
_citation.journal_issue             ? 
_citation.journal_volume            65 
_citation.language                  ? 
_citation.page_first                15416 
_citation.page_last                 15432 
_citation.title                     
;Mapping Ligand Interactions of Bromodomains BRD4 and ATAD2 with FragLites and PepLites&#9472;Halogenated Probes of Druglike and Peptide-like Molecular Interactions.
;
_citation.year                      2022 
_citation.database_id_CSD           ? 
_citation.pdbx_database_id_DOI      10.1021/acs.jmedchem.2c01357 
_citation.pdbx_database_id_PubMed   36367089 
_citation.pdbx_database_id_patent   ? 
_citation.unpublished_flag          ? 
# 
loop_
_citation_author.citation_id 
_citation_author.name 
_citation_author.ordinal 
_citation_author.identifier_ORCID 
primary 'Davison, G.'       1  ? 
primary 'Martin, M.P.'      2  ? 
primary 'Turberville, S.'   3  ? 
primary 'Dormen, S.'        4  ? 
primary 'Heath, R.'         5  ? 
primary 'Heptinstall, A.B.' 6  ? 
primary 'Lawson, M.'        7  ? 
primary 'Miller, D.C.'      8  ? 
primary 'Ng, Y.M.'          9  ? 
primary 'Sanderson, J.N.'   10 ? 
primary 'Hope, I.'          11 ? 
primary 'Wood, D.J.'        12 ? 
primary 'Cano, C.'          13 ? 
primary 'Endicott, J.A.'    14 ? 
primary 'Hardcastle, I.R.'  15 ? 
primary 'Noble, M.E.M.'     16 ? 
primary 'Waring, M.J.'      17 ? 
# 
loop_
_entity.id 
_entity.type 
_entity.src_method 
_entity.pdbx_description 
_entity.formula_weight 
_entity.pdbx_number_of_molecules 
_entity.pdbx_ec 
_entity.pdbx_mutation 
_entity.pdbx_fragment 
_entity.details 
1 polymer     man 'Bromodomain-containing protein 4'                15294.578 1   ? ? ? ? 
2 non-polymer syn '2-acetamido-N-(3-bromanylprop-2-ynyl)ethanamide' 233.063   1   ? ? ? ? 
3 non-polymer syn GLYCEROL                                          92.094    8   ? ? ? ? 
4 water       nat water                                             18.015    122 ? ? ? ? 
# 
_entity_name_com.entity_id   1 
_entity_name_com.name        'Protein HUNK1' 
# 
_entity_poly.entity_id                      1 
_entity_poly.type                           'polypeptide(L)' 
_entity_poly.nstd_linkage                   no 
_entity_poly.nstd_monomer                   no 
_entity_poly.pdbx_seq_one_letter_code       
;GSHMNPPPPETSNPNKPKRQTNQLQYLLRVVLKTLWKHQFAWPFQQPVDAVKLNLPDYYKIIKTPMDMGTIKKRLENNYY
WNAQECIQDFNTMFTNCYIYNKPGDDIVLMAEALEKLFLQKINELPTEE
;
_entity_poly.pdbx_seq_one_letter_code_can   
;GSHMNPPPPETSNPNKPKRQTNQLQYLLRVVLKTLWKHQFAWPFQQPVDAVKLNLPDYYKIIKTPMDMGTIKKRLENNYY
WNAQECIQDFNTMFTNCYIYNKPGDDIVLMAEALEKLFLQKINELPTEE
;
_entity_poly.pdbx_strand_id                 AAA 
_entity_poly.pdbx_target_identifier         ? 
# 
loop_
_pdbx_entity_nonpoly.entity_id 
_pdbx_entity_nonpoly.name 
_pdbx_entity_nonpoly.comp_id 
2 '2-acetamido-N-(3-bromanylprop-2-ynyl)ethanamide' ISK 
3 GLYCEROL                                          GOL 
4 water                                             HOH 
# 
loop_
_entity_poly_seq.entity_id 
_entity_poly_seq.num 
_entity_poly_seq.mon_id 
_entity_poly_seq.hetero 
1 1   GLY n 
1 2   SER n 
1 3   HIS n 
1 4   MET n 
1 5   ASN n 
1 6   PRO n 
1 7   PRO n 
1 8   PRO n 
1 9   PRO n 
1 10  GLU n 
1 11  THR n 
1 12  SER n 
1 13  ASN n 
1 14  PRO n 
1 15  ASN n 
1 16  LYS n 
1 17  PRO n 
1 18  LYS n 
1 19  ARG n 
1 20  GLN n 
1 21  THR n 
1 22  ASN n 
1 23  GLN n 
1 24  LEU n 
1 25  GLN n 
1 26  TYR n 
1 27  LEU n 
1 28  LEU n 
1 29  ARG n 
1 30  VAL n 
1 31  VAL n 
1 32  LEU n 
1 33  LYS n 
1 34  THR n 
1 35  LEU n 
1 36  TRP n 
1 37  LYS n 
1 38  HIS n 
1 39  GLN n 
1 40  PHE n 
1 41  ALA n 
1 42  TRP n 
1 43  PRO n 
1 44  PHE n 
1 45  GLN n 
1 46  GLN n 
1 47  PRO n 
1 48  VAL n 
1 49  ASP n 
1 50  ALA n 
1 51  VAL n 
1 52  LYS n 
1 53  LEU n 
1 54  ASN n 
1 55  LEU n 
1 56  PRO n 
1 57  ASP n 
1 58  TYR n 
1 59  TYR n 
1 60  LYS n 
1 61  ILE n 
1 62  ILE n 
1 63  LYS n 
1 64  THR n 
1 65  PRO n 
1 66  MET n 
1 67  ASP n 
1 68  MET n 
1 69  GLY n 
1 70  THR n 
1 71  ILE n 
1 72  LYS n 
1 73  LYS n 
1 74  ARG n 
1 75  LEU n 
1 76  GLU n 
1 77  ASN n 
1 78  ASN n 
1 79  TYR n 
1 80  TYR n 
1 81  TRP n 
1 82  ASN n 
1 83  ALA n 
1 84  GLN n 
1 85  GLU n 
1 86  CYS n 
1 87  ILE n 
1 88  GLN n 
1 89  ASP n 
1 90  PHE n 
1 91  ASN n 
1 92  THR n 
1 93  MET n 
1 94  PHE n 
1 95  THR n 
1 96  ASN n 
1 97  CYS n 
1 98  TYR n 
1 99  ILE n 
1 100 TYR n 
1 101 ASN n 
1 102 LYS n 
1 103 PRO n 
1 104 GLY n 
1 105 ASP n 
1 106 ASP n 
1 107 ILE n 
1 108 VAL n 
1 109 LEU n 
1 110 MET n 
1 111 ALA n 
1 112 GLU n 
1 113 ALA n 
1 114 LEU n 
1 115 GLU n 
1 116 LYS n 
1 117 LEU n 
1 118 PHE n 
1 119 LEU n 
1 120 GLN n 
1 121 LYS n 
1 122 ILE n 
1 123 ASN n 
1 124 GLU n 
1 125 LEU n 
1 126 PRO n 
1 127 THR n 
1 128 GLU n 
1 129 GLU n 
# 
_entity_src_gen.entity_id                          1 
_entity_src_gen.pdbx_src_id                        1 
_entity_src_gen.pdbx_alt_source_flag               sample 
_entity_src_gen.pdbx_seq_type                      'Biological sequence' 
_entity_src_gen.pdbx_beg_seq_num                   1 
_entity_src_gen.pdbx_end_seq_num                   129 
_entity_src_gen.gene_src_common_name               human 
_entity_src_gen.gene_src_genus                     ? 
_entity_src_gen.pdbx_gene_src_gene                 'BRD4, HUNK1' 
_entity_src_gen.gene_src_species                   ? 
_entity_src_gen.gene_src_strain                    ? 
_entity_src_gen.gene_src_tissue                    ? 
_entity_src_gen.gene_src_tissue_fraction           ? 
_entity_src_gen.gene_src_details                   ? 
_entity_src_gen.pdbx_gene_src_fragment             ? 
_entity_src_gen.pdbx_gene_src_scientific_name      'Homo sapiens' 
_entity_src_gen.pdbx_gene_src_ncbi_taxonomy_id     9606 
_entity_src_gen.pdbx_gene_src_variant              ? 
_entity_src_gen.pdbx_gene_src_cell_line            ? 
_entity_src_gen.pdbx_gene_src_atcc                 ? 
_entity_src_gen.pdbx_gene_src_organ                ? 
_entity_src_gen.pdbx_gene_src_organelle            ? 
_entity_src_gen.pdbx_gene_src_cell                 ? 
_entity_src_gen.pdbx_gene_src_cellular_location    ? 
_entity_src_gen.host_org_common_name               ? 
_entity_src_gen.pdbx_host_org_scientific_name      'Escherichia coli BL21(DE3)' 
_entity_src_gen.pdbx_host_org_ncbi_taxonomy_id     469008 
_entity_src_gen.host_org_genus                     ? 
_entity_src_gen.pdbx_host_org_gene                 ? 
_entity_src_gen.pdbx_host_org_organ                ? 
_entity_src_gen.host_org_species                   ? 
_entity_src_gen.pdbx_host_org_tissue               ? 
_entity_src_gen.pdbx_host_org_tissue_fraction      ? 
_entity_src_gen.pdbx_host_org_strain               ? 
_entity_src_gen.pdbx_host_org_variant              ? 
_entity_src_gen.pdbx_host_org_cell_line            ? 
_entity_src_gen.pdbx_host_org_atcc                 ? 
_entity_src_gen.pdbx_host_org_culture_collection   ? 
_entity_src_gen.pdbx_host_org_cell                 ? 
_entity_src_gen.pdbx_host_org_organelle            ? 
_entity_src_gen.pdbx_host_org_cellular_location    ? 
_entity_src_gen.pdbx_host_org_vector_type          ? 
_entity_src_gen.pdbx_host_org_vector               ? 
_entity_src_gen.host_org_details                   ? 
_entity_src_gen.expression_system_id               ? 
_entity_src_gen.plasmid_name                       pET28b 
_entity_src_gen.plasmid_details                    ? 
_entity_src_gen.pdbx_description                   ? 
# 
loop_
_chem_comp.id 
_chem_comp.type 
_chem_comp.mon_nstd_flag 
_chem_comp.name 
_chem_comp.pdbx_synonyms 
_chem_comp.formula 
_chem_comp.formula_weight 
ALA 'L-peptide linking' y ALANINE                                           ?                               'C3 H7 N O2'     
89.093  
ARG 'L-peptide linking' y ARGININE                                          ?                               'C6 H15 N4 O2 1' 
175.209 
ASN 'L-peptide linking' y ASPARAGINE                                        ?                               'C4 H8 N2 O3'    
132.118 
ASP 'L-peptide linking' y 'ASPARTIC ACID'                                   ?                               'C4 H7 N O4'     
133.103 
CYS 'L-peptide linking' y CYSTEINE                                          ?                               'C3 H7 N O2 S'   
121.158 
GLN 'L-peptide linking' y GLUTAMINE                                         ?                               'C5 H10 N2 O3'   
146.144 
GLU 'L-peptide linking' y 'GLUTAMIC ACID'                                   ?                               'C5 H9 N O4'     
147.129 
GLY 'peptide linking'   y GLYCINE                                           ?                               'C2 H5 N O2'     
75.067  
GOL non-polymer         . GLYCEROL                                          'GLYCERIN; PROPANE-1,2,3-TRIOL' 'C3 H8 O3'       
92.094  
HIS 'L-peptide linking' y HISTIDINE                                         ?                               'C6 H10 N3 O2 1' 
156.162 
HOH non-polymer         . WATER                                             ?                               'H2 O'           
18.015  
ILE 'L-peptide linking' y ISOLEUCINE                                        ?                               'C6 H13 N O2'    
131.173 
ISK non-polymer         . '2-acetamido-N-(3-bromanylprop-2-ynyl)ethanamide' ?                               'C7 H9 Br N2 O2' 
233.063 
LEU 'L-peptide linking' y LEUCINE                                           ?                               'C6 H13 N O2'    
131.173 
LYS 'L-peptide linking' y LYSINE                                            ?                               'C6 H15 N2 O2 1' 
147.195 
MET 'L-peptide linking' y METHIONINE                                        ?                               'C5 H11 N O2 S'  
149.211 
PHE 'L-peptide linking' y PHENYLALANINE                                     ?                               'C9 H11 N O2'    
165.189 
PRO 'L-peptide linking' y PROLINE                                           ?                               'C5 H9 N O2'     
115.130 
SER 'L-peptide linking' y SERINE                                            ?                               'C3 H7 N O3'     
105.093 
THR 'L-peptide linking' y THREONINE                                         ?                               'C4 H9 N O3'     
119.119 
TRP 'L-peptide linking' y TRYPTOPHAN                                        ?                               'C11 H12 N2 O2'  
204.225 
TYR 'L-peptide linking' y TYROSINE                                          ?                               'C9 H11 N O3'    
181.189 
VAL 'L-peptide linking' y VALINE                                            ?                               'C5 H11 N O2'    
117.146 
# 
loop_
_pdbx_poly_seq_scheme.asym_id 
_pdbx_poly_seq_scheme.entity_id 
_pdbx_poly_seq_scheme.seq_id 
_pdbx_poly_seq_scheme.mon_id 
_pdbx_poly_seq_scheme.ndb_seq_num 
_pdbx_poly_seq_scheme.pdb_seq_num 
_pdbx_poly_seq_scheme.auth_seq_num 
_pdbx_poly_seq_scheme.pdb_mon_id 
_pdbx_poly_seq_scheme.auth_mon_id 
_pdbx_poly_seq_scheme.pdb_strand_id 
_pdbx_poly_seq_scheme.pdb_ins_code 
_pdbx_poly_seq_scheme.hetero 
A 1 1   GLY 1   40  40  GLY GLY AAA . n 
A 1 2   SER 2   41  41  SER SER AAA . n 
A 1 3   HIS 3   42  42  HIS HIS AAA . n 
A 1 4   MET 4   43  43  MET MET AAA . n 
A 1 5   ASN 5   44  44  ASN ASN AAA . n 
A 1 6   PRO 6   45  45  PRO PRO AAA . n 
A 1 7   PRO 7   46  46  PRO PRO AAA . n 
A 1 8   PRO 8   47  47  PRO PRO AAA . n 
A 1 9   PRO 9   48  48  PRO PRO AAA . n 
A 1 10  GLU 10  49  49  GLU GLU AAA . n 
A 1 11  THR 11  50  50  THR THR AAA . n 
A 1 12  SER 12  51  51  SER SER AAA . n 
A 1 13  ASN 13  52  52  ASN ASN AAA . n 
A 1 14  PRO 14  53  53  PRO PRO AAA . n 
A 1 15  ASN 15  54  54  ASN ASN AAA . n 
A 1 16  LYS 16  55  55  LYS LYS AAA . n 
A 1 17  PRO 17  56  56  PRO PRO AAA . n 
A 1 18  LYS 18  57  57  LYS LYS AAA . n 
A 1 19  ARG 19  58  58  ARG ARG AAA . n 
A 1 20  GLN 20  59  59  GLN GLN AAA . n 
A 1 21  THR 21  60  60  THR THR AAA . n 
A 1 22  ASN 22  61  61  ASN ASN AAA . n 
A 1 23  GLN 23  62  62  GLN GLN AAA . n 
A 1 24  LEU 24  63  63  LEU LEU AAA . n 
A 1 25  GLN 25  64  64  GLN GLN AAA . n 
A 1 26  TYR 26  65  65  TYR TYR AAA . n 
A 1 27  LEU 27  66  66  LEU LEU AAA . n 
A 1 28  LEU 28  67  67  LEU LEU AAA . n 
A 1 29  ARG 29  68  68  ARG ARG AAA . n 
A 1 30  VAL 30  69  69  VAL VAL AAA . n 
A 1 31  VAL 31  70  70  VAL VAL AAA . n 
A 1 32  LEU 32  71  71  LEU LEU AAA . n 
A 1 33  LYS 33  72  72  LYS LYS AAA . n 
A 1 34  THR 34  73  73  THR THR AAA . n 
A 1 35  LEU 35  74  74  LEU LEU AAA . n 
A 1 36  TRP 36  75  75  TRP TRP AAA . n 
A 1 37  LYS 37  76  76  LYS LYS AAA . n 
A 1 38  HIS 38  77  77  HIS HIS AAA . n 
A 1 39  GLN 39  78  78  GLN GLN AAA . n 
A 1 40  PHE 40  79  79  PHE PHE AAA . n 
A 1 41  ALA 41  80  80  ALA ALA AAA . n 
A 1 42  TRP 42  81  81  TRP TRP AAA . n 
A 1 43  PRO 43  82  82  PRO PRO AAA . n 
A 1 44  PHE 44  83  83  PHE PHE AAA . n 
A 1 45  GLN 45  84  84  GLN GLN AAA . n 
A 1 46  GLN 46  85  85  GLN GLN AAA . n 
A 1 47  PRO 47  86  86  PRO PRO AAA . n 
A 1 48  VAL 48  87  87  VAL VAL AAA . n 
A 1 49  ASP 49  88  88  ASP ASP AAA . n 
A 1 50  ALA 50  89  89  ALA ALA AAA . n 
A 1 51  VAL 51  90  90  VAL VAL AAA . n 
A 1 52  LYS 52  91  91  LYS LYS AAA . n 
A 1 53  LEU 53  92  92  LEU LEU AAA . n 
A 1 54  ASN 54  93  93  ASN ASN AAA . n 
A 1 55  LEU 55  94  94  LEU LEU AAA . n 
A 1 56  PRO 56  95  95  PRO PRO AAA . n 
A 1 57  ASP 57  96  96  ASP ASP AAA . n 
A 1 58  TYR 58  97  97  TYR TYR AAA . n 
A 1 59  TYR 59  98  98  TYR TYR AAA . n 
A 1 60  LYS 60  99  99  LYS LYS AAA . n 
A 1 61  ILE 61  100 100 ILE ILE AAA . n 
A 1 62  ILE 62  101 101 ILE ILE AAA . n 
A 1 63  LYS 63  102 102 LYS LYS AAA . n 
A 1 64  THR 64  103 103 THR THR AAA . n 
A 1 65  PRO 65  104 104 PRO PRO AAA . n 
A 1 66  MET 66  105 105 MET MET AAA . n 
A 1 67  ASP 67  106 106 ASP ASP AAA . n 
A 1 68  MET 68  107 107 MET MET AAA . n 
A 1 69  GLY 69  108 108 GLY GLY AAA . n 
A 1 70  THR 70  109 109 THR THR AAA . n 
A 1 71  ILE 71  110 110 ILE ILE AAA . n 
A 1 72  LYS 72  111 111 LYS LYS AAA . n 
A 1 73  LYS 73  112 112 LYS LYS AAA . n 
A 1 74  ARG 74  113 113 ARG ARG AAA . n 
A 1 75  LEU 75  114 114 LEU LEU AAA . n 
A 1 76  GLU 76  115 115 GLU GLU AAA . n 
A 1 77  ASN 77  116 116 ASN ASN AAA . n 
A 1 78  ASN 78  117 117 ASN ASN AAA . n 
A 1 79  TYR 79  118 118 TYR TYR AAA . n 
A 1 80  TYR 80  119 119 TYR TYR AAA . n 
A 1 81  TRP 81  120 120 TRP TRP AAA . n 
A 1 82  ASN 82  121 121 ASN ASN AAA . n 
A 1 83  ALA 83  122 122 ALA ALA AAA . n 
A 1 84  GLN 84  123 123 GLN GLN AAA . n 
A 1 85  GLU 85  124 124 GLU GLU AAA . n 
A 1 86  CYS 86  125 125 CYS CYS AAA . n 
A 1 87  ILE 87  126 126 ILE ILE AAA . n 
A 1 88  GLN 88  127 127 GLN GLN AAA . n 
A 1 89  ASP 89  128 128 ASP ASP AAA . n 
A 1 90  PHE 90  129 129 PHE PHE AAA . n 
A 1 91  ASN 91  130 130 ASN ASN AAA . n 
A 1 92  THR 92  131 131 THR THR AAA . n 
A 1 93  MET 93  132 132 MET MET AAA . n 
A 1 94  PHE 94  133 133 PHE PHE AAA . n 
A 1 95  THR 95  134 134 THR THR AAA . n 
A 1 96  ASN 96  135 135 ASN ASN AAA . n 
A 1 97  CYS 97  136 136 CYS CYS AAA . n 
A 1 98  TYR 98  137 137 TYR TYR AAA . n 
A 1 99  ILE 99  138 138 ILE ILE AAA . n 
A 1 100 TYR 100 139 139 TYR TYR AAA . n 
A 1 101 ASN 101 140 140 ASN ASN AAA . n 
A 1 102 LYS 102 141 141 LYS LYS AAA . n 
A 1 103 PRO 103 142 142 PRO PRO AAA . n 
A 1 104 GLY 104 143 143 GLY GLY AAA . n 
A 1 105 ASP 105 144 144 ASP ASP AAA . n 
A 1 106 ASP 106 145 145 ASP ASP AAA . n 
A 1 107 ILE 107 146 146 ILE ILE AAA . n 
A 1 108 VAL 108 147 147 VAL VAL AAA . n 
A 1 109 LEU 109 148 148 LEU LEU AAA . n 
A 1 110 MET 110 149 149 MET MET AAA . n 
A 1 111 ALA 111 150 150 ALA ALA AAA . n 
A 1 112 GLU 112 151 151 GLU GLU AAA . n 
A 1 113 ALA 113 152 152 ALA ALA AAA . n 
A 1 114 LEU 114 153 153 LEU LEU AAA . n 
A 1 115 GLU 115 154 154 GLU GLU AAA . n 
A 1 116 LYS 116 155 155 LYS LYS AAA . n 
A 1 117 LEU 117 156 156 LEU LEU AAA . n 
A 1 118 PHE 118 157 157 PHE PHE AAA . n 
A 1 119 LEU 119 158 158 LEU LEU AAA . n 
A 1 120 GLN 120 159 159 GLN GLN AAA . n 
A 1 121 LYS 121 160 160 LYS LYS AAA . n 
A 1 122 ILE 122 161 161 ILE ILE AAA . n 
A 1 123 ASN 123 162 162 ASN ASN AAA . n 
A 1 124 GLU 124 163 163 GLU GLU AAA . n 
A 1 125 LEU 125 164 164 LEU LEU AAA . n 
A 1 126 PRO 126 165 165 PRO PRO AAA . n 
A 1 127 THR 127 166 166 THR THR AAA . n 
A 1 128 GLU 128 167 167 GLU GLU AAA . n 
A 1 129 GLU 129 168 168 GLU GLU AAA . n 
# 
loop_
_pdbx_nonpoly_scheme.asym_id 
_pdbx_nonpoly_scheme.entity_id 
_pdbx_nonpoly_scheme.mon_id 
_pdbx_nonpoly_scheme.ndb_seq_num 
_pdbx_nonpoly_scheme.pdb_seq_num 
_pdbx_nonpoly_scheme.auth_seq_num 
_pdbx_nonpoly_scheme.pdb_mon_id 
_pdbx_nonpoly_scheme.auth_mon_id 
_pdbx_nonpoly_scheme.pdb_strand_id 
_pdbx_nonpoly_scheme.pdb_ins_code 
B 2 ISK 1   201 201 ISK DRG AAA . 
C 3 GOL 1   202 1   GOL GOL AAA . 
D 3 GOL 1   203 2   GOL GOL AAA . 
E 3 GOL 1   204 3   GOL GOL AAA . 
F 3 GOL 1   205 4   GOL GOL AAA . 
G 3 GOL 1   206 5   GOL GOL AAA . 
H 3 GOL 1   207 6   GOL GOL AAA . 
I 3 GOL 1   208 7   GOL GOL AAA . 
J 3 GOL 1   209 8   GOL GOL AAA . 
K 4 HOH 1   301 54  HOH HOH AAA . 
K 4 HOH 2   302 164 HOH HOH AAA . 
K 4 HOH 3   303 128 HOH HOH AAA . 
K 4 HOH 4   304 67  HOH HOH AAA . 
K 4 HOH 5   305 168 HOH HOH AAA . 
K 4 HOH 6   306 86  HOH HOH AAA . 
K 4 HOH 7   307 204 HOH HOH AAA . 
K 4 HOH 8   308 129 HOH HOH AAA . 
K 4 HOH 9   309 53  HOH HOH AAA . 
K 4 HOH 10  310 136 HOH HOH AAA . 
K 4 HOH 11  311 217 HOH HOH AAA . 
K 4 HOH 12  312 177 HOH HOH AAA . 
K 4 HOH 13  313 101 HOH HOH AAA . 
K 4 HOH 14  314 121 HOH HOH AAA . 
K 4 HOH 15  315 10  HOH HOH AAA . 
K 4 HOH 16  316 83  HOH HOH AAA . 
K 4 HOH 17  317 172 HOH HOH AAA . 
K 4 HOH 18  318 49  HOH HOH AAA . 
K 4 HOH 19  319 209 HOH HOH AAA . 
K 4 HOH 20  320 25  HOH HOH AAA . 
K 4 HOH 21  321 55  HOH HOH AAA . 
K 4 HOH 22  322 203 HOH HOH AAA . 
K 4 HOH 23  323 40  HOH HOH AAA . 
K 4 HOH 24  324 27  HOH HOH AAA . 
K 4 HOH 25  325 197 HOH HOH AAA . 
K 4 HOH 26  326 143 HOH HOH AAA . 
K 4 HOH 27  327 17  HOH HOH AAA . 
K 4 HOH 28  328 214 HOH HOH AAA . 
K 4 HOH 29  329 42  HOH HOH AAA . 
K 4 HOH 30  330 14  HOH HOH AAA . 
K 4 HOH 31  331 65  HOH HOH AAA . 
K 4 HOH 32  332 178 HOH HOH AAA . 
K 4 HOH 33  333 207 HOH HOH AAA . 
K 4 HOH 34  334 137 HOH HOH AAA . 
K 4 HOH 35  335 26  HOH HOH AAA . 
K 4 HOH 36  336 192 HOH HOH AAA . 
K 4 HOH 37  337 90  HOH HOH AAA . 
K 4 HOH 38  338 57  HOH HOH AAA . 
K 4 HOH 39  339 202 HOH HOH AAA . 
K 4 HOH 40  340 180 HOH HOH AAA . 
K 4 HOH 41  341 122 HOH HOH AAA . 
K 4 HOH 42  342 109 HOH HOH AAA . 
K 4 HOH 43  343 163 HOH HOH AAA . 
K 4 HOH 44  344 179 HOH HOH AAA . 
K 4 HOH 45  345 199 HOH HOH AAA . 
K 4 HOH 46  346 117 HOH HOH AAA . 
K 4 HOH 47  347 8   HOH HOH AAA . 
K 4 HOH 48  348 216 HOH HOH AAA . 
K 4 HOH 49  349 118 HOH HOH AAA . 
K 4 HOH 50  350 12  HOH HOH AAA . 
K 4 HOH 51  351 71  HOH HOH AAA . 
K 4 HOH 52  352 13  HOH HOH AAA . 
K 4 HOH 53  353 102 HOH HOH AAA . 
K 4 HOH 54  354 3   HOH HOH AAA . 
K 4 HOH 55  355 195 HOH HOH AAA . 
K 4 HOH 56  356 56  HOH HOH AAA . 
K 4 HOH 57  357 148 HOH HOH AAA . 
K 4 HOH 58  358 24  HOH HOH AAA . 
K 4 HOH 59  359 196 HOH HOH AAA . 
K 4 HOH 60  360 210 HOH HOH AAA . 
K 4 HOH 61  361 170 HOH HOH AAA . 
K 4 HOH 62  362 95  HOH HOH AAA . 
K 4 HOH 63  363 108 HOH HOH AAA . 
K 4 HOH 64  364 185 HOH HOH AAA . 
K 4 HOH 65  365 20  HOH HOH AAA . 
K 4 HOH 66  366 5   HOH HOH AAA . 
K 4 HOH 67  367 111 HOH HOH AAA . 
K 4 HOH 68  368 21  HOH HOH AAA . 
K 4 HOH 69  369 205 HOH HOH AAA . 
K 4 HOH 70  370 94  HOH HOH AAA . 
K 4 HOH 71  371 103 HOH HOH AAA . 
K 4 HOH 72  372 201 HOH HOH AAA . 
K 4 HOH 73  373 69  HOH HOH AAA . 
K 4 HOH 74  374 6   HOH HOH AAA . 
K 4 HOH 75  375 70  HOH HOH AAA . 
K 4 HOH 76  376 134 HOH HOH AAA . 
K 4 HOH 77  377 35  HOH HOH AAA . 
K 4 HOH 78  378 93  HOH HOH AAA . 
K 4 HOH 79  379 23  HOH HOH AAA . 
K 4 HOH 80  380 41  HOH HOH AAA . 
K 4 HOH 81  381 198 HOH HOH AAA . 
K 4 HOH 82  382 43  HOH HOH AAA . 
K 4 HOH 83  383 208 HOH HOH AAA . 
K 4 HOH 84  384 215 HOH HOH AAA . 
K 4 HOH 85  385 36  HOH HOH AAA . 
K 4 HOH 86  386 153 HOH HOH AAA . 
K 4 HOH 87  387 200 HOH HOH AAA . 
K 4 HOH 88  388 174 HOH HOH AAA . 
K 4 HOH 89  389 194 HOH HOH AAA . 
K 4 HOH 90  390 7   HOH HOH AAA . 
K 4 HOH 91  391 68  HOH HOH AAA . 
K 4 HOH 92  392 193 HOH HOH AAA . 
K 4 HOH 93  393 9   HOH HOH AAA . 
K 4 HOH 94  394 1   HOH HOH AAA . 
K 4 HOH 95  395 75  HOH HOH AAA . 
K 4 HOH 96  396 18  HOH HOH AAA . 
K 4 HOH 97  397 45  HOH HOH AAA . 
K 4 HOH 98  398 175 HOH HOH AAA . 
K 4 HOH 99  399 126 HOH HOH AAA . 
K 4 HOH 100 400 114 HOH HOH AAA . 
K 4 HOH 101 401 162 HOH HOH AAA . 
K 4 HOH 102 402 39  HOH HOH AAA . 
K 4 HOH 103 403 150 HOH HOH AAA . 
K 4 HOH 104 404 140 HOH HOH AAA . 
K 4 HOH 105 405 211 HOH HOH AAA . 
K 4 HOH 106 406 113 HOH HOH AAA . 
K 4 HOH 107 407 105 HOH HOH AAA . 
K 4 HOH 108 408 48  HOH HOH AAA . 
K 4 HOH 109 409 115 HOH HOH AAA . 
K 4 HOH 110 410 28  HOH HOH AAA . 
K 4 HOH 111 411 191 HOH HOH AAA . 
K 4 HOH 112 412 15  HOH HOH AAA . 
K 4 HOH 113 413 181 HOH HOH AAA . 
K 4 HOH 114 414 213 HOH HOH AAA . 
K 4 HOH 115 415 98  HOH HOH AAA . 
K 4 HOH 116 416 212 HOH HOH AAA . 
K 4 HOH 117 417 169 HOH HOH AAA . 
K 4 HOH 118 418 149 HOH HOH AAA . 
K 4 HOH 119 419 132 HOH HOH AAA . 
K 4 HOH 120 420 189 HOH HOH AAA . 
K 4 HOH 121 421 151 HOH HOH AAA . 
K 4 HOH 122 422 110 HOH HOH AAA . 
# 
loop_
_software.citation_id 
_software.classification 
_software.compiler_name 
_software.compiler_version 
_software.contact_author 
_software.contact_author_email 
_software.date 
_software.description 
_software.dependencies 
_software.hardware 
_software.language 
_software.location 
_software.mods 
_software.name 
_software.os 
_software.os_version 
_software.type 
_software.version 
_software.pdbx_ordinal 
? refinement       ? ? ? ? ? ? ? ? ? ? ? REFMAC  ? ? ? 5.8.0258 1 
? refinement       ? ? ? ? ? ? ? ? ? ? ? REFMAC  ? ? ? 5.8.0258 2 
? 'data scaling'   ? ? ? ? ? ? ? ? ? ? ? Aimless ? ? ? 0.7.4    3 
? 'data reduction' ? ? ? ? ? ? ? ? ? ? ? xia2    ? ? ? .        4 
? phasing          ? ? ? ? ? ? ? ? ? ? ? PHASER  ? ? ? .        5 
# 
_cell.angle_alpha                  90.000 
_cell.angle_alpha_esd              ? 
_cell.angle_beta                   90.000 
_cell.angle_beta_esd               ? 
_cell.angle_gamma                  90.000 
_cell.angle_gamma_esd              ? 
_cell.entry_id                     7ZFY 
_cell.details                      ? 
_cell.formula_units_Z              ? 
_cell.length_a                     37.896 
_cell.length_a_esd                 ? 
_cell.length_b                     43.531 
_cell.length_b_esd                 ? 
_cell.length_c                     79.967 
_cell.length_c_esd                 ? 
_cell.volume                       ? 
_cell.volume_esd                   ? 
_cell.Z_PDB                        4 
_cell.reciprocal_angle_alpha       ? 
_cell.reciprocal_angle_beta        ? 
_cell.reciprocal_angle_gamma       ? 
_cell.reciprocal_angle_alpha_esd   ? 
_cell.reciprocal_angle_beta_esd    ? 
_cell.reciprocal_angle_gamma_esd   ? 
_cell.reciprocal_length_a          ? 
_cell.reciprocal_length_b          ? 
_cell.reciprocal_length_c          ? 
_cell.reciprocal_length_a_esd      ? 
_cell.reciprocal_length_b_esd      ? 
_cell.reciprocal_length_c_esd      ? 
_cell.pdbx_unique_axis             ? 
# 
_symmetry.entry_id                         7ZFY 
_symmetry.cell_setting                     ? 
_symmetry.Int_Tables_number                19 
_symmetry.space_group_name_Hall            ? 
_symmetry.space_group_name_H-M             'P 21 21 21' 
_symmetry.pdbx_full_space_group_name_H-M   ? 
# 
_exptl.absorpt_coefficient_mu     ? 
_exptl.absorpt_correction_T_max   ? 
_exptl.absorpt_correction_T_min   ? 
_exptl.absorpt_correction_type    ? 
_exptl.absorpt_process_details    ? 
_exptl.entry_id                   7ZFY 
_exptl.crystals_number            1 
_exptl.details                    ? 
_exptl.method                     'X-RAY DIFFRACTION' 
_exptl.method_details             ? 
# 
_exptl_crystal.colour                      ? 
_exptl_crystal.density_diffrn              ? 
_exptl_crystal.density_Matthews            2.16 
_exptl_crystal.density_method              ? 
_exptl_crystal.density_percent_sol         42.96 
_exptl_crystal.description                 ? 
_exptl_crystal.F_000                       ? 
_exptl_crystal.id                          1 
_exptl_crystal.preparation                 ? 
_exptl_crystal.size_max                    ? 
_exptl_crystal.size_mid                    ? 
_exptl_crystal.size_min                    ? 
_exptl_crystal.size_rad                    ? 
_exptl_crystal.colour_lustre               ? 
_exptl_crystal.colour_modifier             ? 
_exptl_crystal.colour_primary              ? 
_exptl_crystal.density_meas                ? 
_exptl_crystal.density_meas_esd            ? 
_exptl_crystal.density_meas_gt             ? 
_exptl_crystal.density_meas_lt             ? 
_exptl_crystal.density_meas_temp           ? 
_exptl_crystal.density_meas_temp_esd       ? 
_exptl_crystal.density_meas_temp_gt        ? 
_exptl_crystal.density_meas_temp_lt        ? 
_exptl_crystal.pdbx_crystal_image_url      ? 
_exptl_crystal.pdbx_crystal_image_format   ? 
_exptl_crystal.pdbx_mosaicity              ? 
_exptl_crystal.pdbx_mosaicity_esd          ? 
# 
_exptl_crystal_grow.apparatus       ? 
_exptl_crystal_grow.atmosphere      ? 
_exptl_crystal_grow.crystal_id      1 
_exptl_crystal_grow.details         ? 
_exptl_crystal_grow.method          'VAPOR DIFFUSION, SITTING DROP' 
_exptl_crystal_grow.method_ref      ? 
_exptl_crystal_grow.pH              8.5 
_exptl_crystal_grow.pressure        ? 
_exptl_crystal_grow.pressure_esd    ? 
_exptl_crystal_grow.seeding         ? 
_exptl_crystal_grow.seeding_ref     ? 
_exptl_crystal_grow.temp            293 
_exptl_crystal_grow.temp_details    ? 
_exptl_crystal_grow.temp_esd        ? 
_exptl_crystal_grow.time            ? 
_exptl_crystal_grow.pdbx_details    
;0.1 M Buffer system 3 (1 M Tris, 1 M BICINE, pH 8.5), 34-44% Precipitant Solution 3 (20% PEG 4000, 40%) and 60-80 mM Halogens Mix (NaF, NaBr and NaI) solution
;
_exptl_crystal_grow.pdbx_pH_range   ? 
# 
_diffrn.ambient_environment              ? 
_diffrn.ambient_temp                     100 
_diffrn.ambient_temp_details             ? 
_diffrn.ambient_temp_esd                 ? 
_diffrn.crystal_id                       1 
_diffrn.crystal_support                  ? 
_diffrn.crystal_treatment                ? 
_diffrn.details                          ? 
_diffrn.id                               1 
_diffrn.ambient_pressure                 ? 
_diffrn.ambient_pressure_esd             ? 
_diffrn.ambient_pressure_gt              ? 
_diffrn.ambient_pressure_lt              ? 
_diffrn.ambient_temp_gt                  ? 
_diffrn.ambient_temp_lt                  ? 
_diffrn.pdbx_serial_crystal_experiment   N 
# 
_diffrn_detector.details                      ? 
_diffrn_detector.detector                     PIXEL 
_diffrn_detector.diffrn_id                    1 
_diffrn_detector.type                         'DECTRIS PILATUS 6M' 
_diffrn_detector.area_resol_mean              ? 
_diffrn_detector.dtime                        ? 
_diffrn_detector.pdbx_frames_total            ? 
_diffrn_detector.pdbx_collection_time_total   ? 
_diffrn_detector.pdbx_collection_date         2019-08-04 
_diffrn_detector.pdbx_frequency               ? 
# 
_diffrn_radiation.collimation                      ? 
_diffrn_radiation.diffrn_id                        1 
_diffrn_radiation.filter_edge                      ? 
_diffrn_radiation.inhomogeneity                    ? 
_diffrn_radiation.monochromator                    ? 
_diffrn_radiation.polarisn_norm                    ? 
_diffrn_radiation.polarisn_ratio                   ? 
_diffrn_radiation.probe                            ? 
_diffrn_radiation.type                             ? 
_diffrn_radiation.xray_symbol                      ? 
_diffrn_radiation.wavelength_id                    1 
_diffrn_radiation.pdbx_monochromatic_or_laue_m_l   M 
_diffrn_radiation.pdbx_wavelength_list             ? 
_diffrn_radiation.pdbx_wavelength                  ? 
_diffrn_radiation.pdbx_diffrn_protocol             'SINGLE WAVELENGTH' 
_diffrn_radiation.pdbx_analyzer                    ? 
_diffrn_radiation.pdbx_scattering_type             x-ray 
# 
_diffrn_radiation_wavelength.id           1 
_diffrn_radiation_wavelength.wavelength   0.911635 
_diffrn_radiation_wavelength.wt           1.0 
# 
_diffrn_source.current                     ? 
_diffrn_source.details                     ? 
_diffrn_source.diffrn_id                   1 
_diffrn_source.power                       ? 
_diffrn_source.size                        ? 
_diffrn_source.source                      SYNCHROTRON 
_diffrn_source.target                      ? 
_diffrn_source.type                        'DIAMOND BEAMLINE I04-1' 
_diffrn_source.voltage                     ? 
_diffrn_source.take-off_angle              ? 
_diffrn_source.pdbx_wavelength_list        0.911635 
_diffrn_source.pdbx_wavelength             ? 
_diffrn_source.pdbx_synchrotron_beamline   I04-1 
_diffrn_source.pdbx_synchrotron_site       Diamond 
# 
_reflns.B_iso_Wilson_estimate                          ? 
_reflns.entry_id                                       7ZFY 
_reflns.data_reduction_details                         ? 
_reflns.data_reduction_method                          ? 
_reflns.d_resolution_high                              1.15 
_reflns.d_resolution_low                               39.98 
_reflns.details                                        ? 
_reflns.limit_h_max                                    ? 
_reflns.limit_h_min                                    ? 
_reflns.limit_k_max                                    ? 
_reflns.limit_k_min                                    ? 
_reflns.limit_l_max                                    ? 
_reflns.limit_l_min                                    ? 
_reflns.number_all                                     ? 
_reflns.number_obs                                     47837 
_reflns.observed_criterion                             ? 
_reflns.observed_criterion_F_max                       ? 
_reflns.observed_criterion_F_min                       ? 
_reflns.observed_criterion_I_max                       ? 
_reflns.observed_criterion_I_min                       ? 
_reflns.observed_criterion_sigma_F                     ? 
_reflns.observed_criterion_sigma_I                     ? 
_reflns.percent_possible_obs                           100.0 
_reflns.R_free_details                                 ? 
_reflns.Rmerge_F_all                                   ? 
_reflns.Rmerge_F_obs                                   ? 
_reflns.Friedel_coverage                               ? 
_reflns.number_gt                                      ? 
_reflns.threshold_expression                           ? 
_reflns.pdbx_redundancy                                12.9 
_reflns.pdbx_Rmerge_I_obs                              0.101 
_reflns.pdbx_Rmerge_I_all                              ? 
_reflns.pdbx_Rsym_value                                ? 
_reflns.pdbx_netI_over_av_sigmaI                       ? 
_reflns.pdbx_netI_over_sigmaI                          11.8 
_reflns.pdbx_res_netI_over_av_sigmaI_2                 ? 
_reflns.pdbx_res_netI_over_sigmaI_2                    ? 
_reflns.pdbx_chi_squared                               ? 
_reflns.pdbx_scaling_rejects                           ? 
_reflns.pdbx_d_res_high_opt                            ? 
_reflns.pdbx_d_res_low_opt                             ? 
_reflns.pdbx_d_res_opt_method                          ? 
_reflns.phase_calculation_details                      ? 
_reflns.pdbx_Rrim_I_all                                0.110 
_reflns.pdbx_Rpim_I_all                                0.042 
_reflns.pdbx_d_opt                                     ? 
_reflns.pdbx_number_measured_all                       ? 
_reflns.pdbx_diffrn_id                                 1 
_reflns.pdbx_ordinal                                   1 
_reflns.pdbx_CC_half                                   1.000 
_reflns.pdbx_CC_star                                   ? 
_reflns.pdbx_R_split                                   ? 
_reflns.pdbx_aniso_diffraction_limit_axis_1_ortho[1]   ? 
_reflns.pdbx_aniso_diffraction_limit_axis_1_ortho[2]   ? 
_reflns.pdbx_aniso_diffraction_limit_axis_1_ortho[3]   ? 
_reflns.pdbx_aniso_diffraction_limit_axis_2_ortho[1]   ? 
_reflns.pdbx_aniso_diffraction_limit_axis_2_ortho[2]   ? 
_reflns.pdbx_aniso_diffraction_limit_axis_2_ortho[3]   ? 
_reflns.pdbx_aniso_diffraction_limit_axis_3_ortho[1]   ? 
_reflns.pdbx_aniso_diffraction_limit_axis_3_ortho[2]   ? 
_reflns.pdbx_aniso_diffraction_limit_axis_3_ortho[3]   ? 
_reflns.pdbx_aniso_diffraction_limit_1                 ? 
_reflns.pdbx_aniso_diffraction_limit_2                 ? 
_reflns.pdbx_aniso_diffraction_limit_3                 ? 
_reflns.pdbx_aniso_B_tensor_eigenvector_1_ortho[1]     ? 
_reflns.pdbx_aniso_B_tensor_eigenvector_1_ortho[2]     ? 
_reflns.pdbx_aniso_B_tensor_eigenvector_1_ortho[3]     ? 
_reflns.pdbx_aniso_B_tensor_eigenvector_2_ortho[1]     ? 
_reflns.pdbx_aniso_B_tensor_eigenvector_2_ortho[2]     ? 
_reflns.pdbx_aniso_B_tensor_eigenvector_2_ortho[3]     ? 
_reflns.pdbx_aniso_B_tensor_eigenvector_3_ortho[1]     ? 
_reflns.pdbx_aniso_B_tensor_eigenvector_3_ortho[2]     ? 
_reflns.pdbx_aniso_B_tensor_eigenvector_3_ortho[3]     ? 
_reflns.pdbx_aniso_B_tensor_eigenvalue_1               ? 
_reflns.pdbx_aniso_B_tensor_eigenvalue_2               ? 
_reflns.pdbx_aniso_B_tensor_eigenvalue_3               ? 
_reflns.pdbx_orthogonalization_convention              ? 
_reflns.pdbx_percent_possible_ellipsoidal              ? 
_reflns.pdbx_percent_possible_spherical                ? 
_reflns.pdbx_percent_possible_ellipsoidal_anomalous    ? 
_reflns.pdbx_percent_possible_spherical_anomalous      ? 
_reflns.pdbx_redundancy_anomalous                      ? 
_reflns.pdbx_CC_half_anomalous                         ? 
_reflns.pdbx_absDiff_over_sigma_anomalous              ? 
_reflns.pdbx_percent_possible_anomalous                ? 
_reflns.pdbx_observed_signal_threshold                 ? 
_reflns.pdbx_signal_type                               ? 
_reflns.pdbx_signal_details                            ? 
_reflns.pdbx_signal_software_id                        ? 
# 
loop_
_reflns_shell.d_res_high 
_reflns_shell.d_res_low 
_reflns_shell.meanI_over_sigI_all 
_reflns_shell.meanI_over_sigI_obs 
_reflns_shell.number_measured_all 
_reflns_shell.number_measured_obs 
_reflns_shell.number_possible 
_reflns_shell.number_unique_all 
_reflns_shell.number_unique_obs 
_reflns_shell.percent_possible_all 
_reflns_shell.percent_possible_obs 
_reflns_shell.Rmerge_F_all 
_reflns_shell.Rmerge_F_obs 
_reflns_shell.Rmerge_I_all 
_reflns_shell.Rmerge_I_obs 
_reflns_shell.meanI_over_sigI_gt 
_reflns_shell.meanI_over_uI_all 
_reflns_shell.meanI_over_uI_gt 
_reflns_shell.number_measured_gt 
_reflns_shell.number_unique_gt 
_reflns_shell.percent_possible_gt 
_reflns_shell.Rmerge_F_gt 
_reflns_shell.Rmerge_I_gt 
_reflns_shell.pdbx_redundancy 
_reflns_shell.pdbx_Rsym_value 
_reflns_shell.pdbx_chi_squared 
_reflns_shell.pdbx_netI_over_sigmaI_all 
_reflns_shell.pdbx_netI_over_sigmaI_obs 
_reflns_shell.pdbx_Rrim_I_all 
_reflns_shell.pdbx_Rpim_I_all 
_reflns_shell.pdbx_rejects 
_reflns_shell.pdbx_ordinal 
_reflns_shell.pdbx_diffrn_id 
_reflns_shell.pdbx_CC_half 
_reflns_shell.pdbx_CC_star 
_reflns_shell.pdbx_R_split 
_reflns_shell.pdbx_percent_possible_ellipsoidal 
_reflns_shell.pdbx_percent_possible_spherical 
_reflns_shell.pdbx_percent_possible_ellipsoidal_anomalous 
_reflns_shell.pdbx_percent_possible_spherical_anomalous 
_reflns_shell.pdbx_redundancy_anomalous 
_reflns_shell.pdbx_CC_half_anomalous 
_reflns_shell.pdbx_absDiff_over_sigma_anomalous 
_reflns_shell.pdbx_percent_possible_anomalous 
6.30 39.98 ? ? ? ? ? ? 355  ? ? ? ? ? 0.029 ? ? ? ? ? ? ? ? 10.7 ? ? ? ? 0.031 0.012 ? 1 1 0.999 ? ? ? ? ? ? ? ? ? ? 
1.15 1.17  ? ? ? ? ? ? 2288 ? ? ? ? ? 3.299 ? ? ? ? ? ? ? ? 13.0 ? ? ? ? 3.578 1.374 ? 2 1 0.371 ? ? ? ? ? ? ? ? ? ? 
# 
_refine.aniso_B[1][1]                            0.595 
_refine.aniso_B[1][2]                            0.000 
_refine.aniso_B[1][3]                            -0.000 
_refine.aniso_B[2][2]                            -0.548 
_refine.aniso_B[2][3]                            0.000 
_refine.aniso_B[3][3]                            -0.048 
_refine.B_iso_max                                ? 
_refine.B_iso_mean                               18.007 
_refine.B_iso_min                                ? 
_refine.correlation_coeff_Fo_to_Fc               0.965 
_refine.correlation_coeff_Fo_to_Fc_free          0.960 
_refine.details                                  'Hydrogens have been added in their riding positions' 
_refine.diff_density_max                         ? 
_refine.diff_density_max_esd                     ? 
_refine.diff_density_min                         ? 
_refine.diff_density_min_esd                     ? 
_refine.diff_density_rms                         ? 
_refine.diff_density_rms_esd                     ? 
_refine.entry_id                                 7ZFY 
_refine.pdbx_refine_id                           'X-RAY DIFFRACTION' 
_refine.ls_abs_structure_details                 ? 
_refine.ls_abs_structure_Flack                   ? 
_refine.ls_abs_structure_Flack_esd               ? 
_refine.ls_abs_structure_Rogers                  ? 
_refine.ls_abs_structure_Rogers_esd              ? 
_refine.ls_d_res_high                            1.150 
_refine.ls_d_res_low                             39.98 
_refine.ls_extinction_coef                       ? 
_refine.ls_extinction_coef_esd                   ? 
_refine.ls_extinction_expression                 ? 
_refine.ls_extinction_method                     ? 
_refine.ls_goodness_of_fit_all                   ? 
_refine.ls_goodness_of_fit_all_esd               ? 
_refine.ls_goodness_of_fit_obs                   ? 
_refine.ls_goodness_of_fit_obs_esd               ? 
_refine.ls_hydrogen_treatment                    ? 
_refine.ls_matrix_type                           ? 
_refine.ls_number_constraints                    ? 
_refine.ls_number_parameters                     ? 
_refine.ls_number_reflns_all                     ? 
_refine.ls_number_reflns_obs                     47768 
_refine.ls_number_reflns_R_free                  2333 
_refine.ls_number_reflns_R_work                  45435 
_refine.ls_number_restraints                     ? 
_refine.ls_percent_reflns_obs                    99.967 
_refine.ls_percent_reflns_R_free                 4.884 
_refine.ls_R_factor_all                          0.198 
_refine.ls_R_factor_obs                          ? 
_refine.ls_R_factor_R_free                       0.2133 
_refine.ls_R_factor_R_free_error                 ? 
_refine.ls_R_factor_R_free_error_details         ? 
_refine.ls_R_factor_R_work                       0.1969 
_refine.ls_R_Fsqd_factor_obs                     ? 
_refine.ls_R_I_factor_obs                        ? 
_refine.ls_redundancy_reflns_all                 ? 
_refine.ls_redundancy_reflns_obs                 ? 
_refine.ls_restrained_S_all                      ? 
_refine.ls_restrained_S_obs                      ? 
_refine.ls_shift_over_esd_max                    ? 
_refine.ls_shift_over_esd_mean                   ? 
_refine.ls_structure_factor_coef                 ? 
_refine.ls_weighting_details                     ? 
_refine.ls_weighting_scheme                      ? 
_refine.ls_wR_factor_all                         ? 
_refine.ls_wR_factor_obs                         ? 
_refine.ls_wR_factor_R_free                      ? 
_refine.ls_wR_factor_R_work                      ? 
_refine.occupancy_max                            ? 
_refine.occupancy_min                            ? 
_refine.solvent_model_details                    'MASK BULK SOLVENT' 
_refine.solvent_model_param_bsol                 ? 
_refine.solvent_model_param_ksol                 ? 
_refine.pdbx_R_complete                          ? 
_refine.ls_R_factor_gt                           ? 
_refine.ls_goodness_of_fit_gt                    ? 
_refine.ls_goodness_of_fit_ref                   ? 
_refine.ls_shift_over_su_max                     ? 
_refine.ls_shift_over_su_max_lt                  ? 
_refine.ls_shift_over_su_mean                    ? 
_refine.ls_shift_over_su_mean_lt                 ? 
_refine.pdbx_ls_sigma_I                          ? 
_refine.pdbx_ls_sigma_F                          ? 
_refine.pdbx_ls_sigma_Fsqd                       ? 
_refine.pdbx_data_cutoff_high_absF               ? 
_refine.pdbx_data_cutoff_high_rms_absF           ? 
_refine.pdbx_data_cutoff_low_absF                ? 
_refine.pdbx_isotropic_thermal_model             ? 
_refine.pdbx_ls_cross_valid_method               'FREE R-VALUE' 
_refine.pdbx_method_to_determine_struct          'MOLECULAR REPLACEMENT' 
_refine.pdbx_starting_model                      5LRQ 
_refine.pdbx_stereochemistry_target_values       ? 
_refine.pdbx_R_Free_selection_details            ? 
_refine.pdbx_stereochem_target_val_spec_case     ? 
_refine.pdbx_overall_ESU_R                       0.041 
_refine.pdbx_overall_ESU_R_Free                  0.042 
_refine.pdbx_solvent_vdw_probe_radii             1.200 
_refine.pdbx_solvent_ion_probe_radii             0.800 
_refine.pdbx_solvent_shrinkage_radii             0.800 
_refine.pdbx_real_space_R                        ? 
_refine.pdbx_density_correlation                 ? 
_refine.pdbx_pd_number_of_powder_patterns        ? 
_refine.pdbx_pd_number_of_points                 ? 
_refine.pdbx_pd_meas_number_of_points            ? 
_refine.pdbx_pd_proc_ls_prof_R_factor            ? 
_refine.pdbx_pd_proc_ls_prof_wR_factor           ? 
_refine.pdbx_pd_Marquardt_correlation_coeff      ? 
_refine.pdbx_pd_Fsqrd_R_factor                   ? 
_refine.pdbx_pd_ls_matrix_band_width             ? 
_refine.pdbx_overall_phase_error                 ? 
_refine.pdbx_overall_SU_R_free_Cruickshank_DPI   ? 
_refine.pdbx_overall_SU_R_free_Blow_DPI          ? 
_refine.pdbx_overall_SU_R_Blow_DPI               ? 
_refine.pdbx_TLS_residual_ADP_flag               ? 
_refine.pdbx_diffrn_id                           1 
_refine.overall_SU_B                             0.760 
_refine.overall_SU_ML                            0.033 
_refine.overall_SU_R_Cruickshank_DPI             ? 
_refine.overall_SU_R_free                        ? 
_refine.overall_FOM_free_R_set                   ? 
_refine.overall_FOM_work_R_set                   ? 
_refine.pdbx_average_fsc_overall                 ? 
_refine.pdbx_average_fsc_work                    ? 
_refine.pdbx_average_fsc_free                    ? 
# 
_refine_hist.pdbx_refine_id                   'X-RAY DIFFRACTION' 
_refine_hist.cycle_id                         LAST 
_refine_hist.details                          ? 
_refine_hist.d_res_high                       1.150 
_refine_hist.d_res_low                        39.98 
_refine_hist.number_atoms_solvent             122 
_refine_hist.number_atoms_total               1258 
_refine_hist.number_reflns_all                ? 
_refine_hist.number_reflns_obs                ? 
_refine_hist.number_reflns_R_free             ? 
_refine_hist.number_reflns_R_work             ? 
_refine_hist.R_factor_all                     ? 
_refine_hist.R_factor_obs                     ? 
_refine_hist.R_factor_R_free                  ? 
_refine_hist.R_factor_R_work                  ? 
_refine_hist.pdbx_number_residues_total       ? 
_refine_hist.pdbx_B_iso_mean_ligand           ? 
_refine_hist.pdbx_B_iso_mean_solvent          ? 
_refine_hist.pdbx_number_atoms_protein        1076 
_refine_hist.pdbx_number_atoms_nucleic_acid   0 
_refine_hist.pdbx_number_atoms_ligand         60 
_refine_hist.pdbx_number_atoms_lipid          ? 
_refine_hist.pdbx_number_atoms_carb           ? 
_refine_hist.pdbx_pseudo_atom_details         ? 
# 
loop_
_refine_ls_restr.pdbx_refine_id 
_refine_ls_restr.criterion 
_refine_ls_restr.dev_ideal 
_refine_ls_restr.dev_ideal_target 
_refine_ls_restr.number 
_refine_ls_restr.rejects 
_refine_ls_restr.type 
_refine_ls_restr.weight 
_refine_ls_restr.pdbx_restraint_function 
'X-RAY DIFFRACTION' ? 0.015  0.012  1163 ? r_bond_refined_d               ? ? 
'X-RAY DIFFRACTION' ? 1.969  1.656  1567 ? r_angle_refined_deg            ? ? 
'X-RAY DIFFRACTION' ? 5.505  5.000  130  ? r_dihedral_angle_1_deg         ? ? 
'X-RAY DIFFRACTION' ? 38.696 24.500 60   ? r_dihedral_angle_2_deg         ? ? 
'X-RAY DIFFRACTION' ? 12.730 15.000 199  ? r_dihedral_angle_3_deg         ? ? 
'X-RAY DIFFRACTION' ? 27.740 15.000 3    ? r_dihedral_angle_4_deg         ? ? 
'X-RAY DIFFRACTION' ? 0.119  0.200  143  ? r_chiral_restr                 ? ? 
'X-RAY DIFFRACTION' ? 0.011  0.020  871  ? r_gen_planes_refined           ? ? 
'X-RAY DIFFRACTION' ? 0.238  0.200  539  ? r_nbd_refined                  ? ? 
'X-RAY DIFFRACTION' ? 0.321  0.200  787  ? r_nbtor_refined                ? ? 
'X-RAY DIFFRACTION' ? 0.277  0.200  98   ? r_xyhbond_nbd_refined          ? ? 
'X-RAY DIFFRACTION' ? 0.357  0.200  48   ? r_symmetry_nbd_refined         ? ? 
'X-RAY DIFFRACTION' ? 0.219  0.200  21   ? r_symmetry_xyhbond_nbd_refined ? ? 
'X-RAY DIFFRACTION' ? 1.272  1.325  517  ? r_mcbond_it                    ? ? 
'X-RAY DIFFRACTION' ? 1.905  1.984  645  ? r_mcangle_it                   ? ? 
'X-RAY DIFFRACTION' ? 3.398  1.768  646  ? r_scbond_it                    ? ? 
'X-RAY DIFFRACTION' ? 4.402  2.487  921  ? r_scangle_it                   ? ? 
'X-RAY DIFFRACTION' ? 6.940  20.738 1811 ? r_lrange_it                    ? ? 
# 
loop_
_refine_ls_shell.pdbx_refine_id 
_refine_ls_shell.d_res_high 
_refine_ls_shell.d_res_low 
_refine_ls_shell.number_reflns_all 
_refine_ls_shell.number_reflns_obs 
_refine_ls_shell.number_reflns_R_free 
_refine_ls_shell.number_reflns_R_work 
_refine_ls_shell.percent_reflns_obs 
_refine_ls_shell.percent_reflns_R_free 
_refine_ls_shell.R_factor_all 
_refine_ls_shell.R_factor_obs 
_refine_ls_shell.R_factor_R_free 
_refine_ls_shell.R_factor_R_free_error 
_refine_ls_shell.R_factor_R_work 
_refine_ls_shell.redundancy_reflns_all 
_refine_ls_shell.redundancy_reflns_obs 
_refine_ls_shell.wR_factor_all 
_refine_ls_shell.wR_factor_obs 
_refine_ls_shell.wR_factor_R_free 
_refine_ls_shell.wR_factor_R_work 
_refine_ls_shell.pdbx_R_complete 
_refine_ls_shell.pdbx_total_number_of_bins_used 
_refine_ls_shell.pdbx_phase_error 
_refine_ls_shell.pdbx_fsc_work 
_refine_ls_shell.pdbx_fsc_free 
'X-RAY DIFFRACTION' 1.150 1.180 . . 158 3301 99.8557  . . . 0.347 . 0.334 . . . . . . . . . . . 
'X-RAY DIFFRACTION' 1.180 1.212 . . 163 3220 100.0000 . . . 0.281 . 0.306 . . . . . . . . . . . 
'X-RAY DIFFRACTION' 1.212 1.247 . . 167 3146 100.0000 . . . 0.308 . 0.289 . . . . . . . . . . . 
'X-RAY DIFFRACTION' 1.247 1.286 . . 145 3064 100.0000 . . . 0.300 . 0.282 . . . . . . . . . . . 
'X-RAY DIFFRACTION' 1.286 1.328 . . 152 2931 100.0000 . . . 0.266 . 0.255 . . . . . . . . . . . 
'X-RAY DIFFRACTION' 1.328 1.374 . . 162 2886 100.0000 . . . 0.238 . 0.232 . . . . . . . . . . . 
'X-RAY DIFFRACTION' 1.374 1.426 . . 154 2759 100.0000 . . . 0.228 . 0.216 . . . . . . . . . . . 
'X-RAY DIFFRACTION' 1.426 1.485 . . 135 2677 100.0000 . . . 0.202 . 0.198 . . . . . . . . . . . 
'X-RAY DIFFRACTION' 1.485 1.550 . . 135 2574 100.0000 . . . 0.217 . 0.181 . . . . . . . . . . . 
'X-RAY DIFFRACTION' 1.550 1.626 . . 109 2475 100.0000 . . . 0.187 . 0.175 . . . . . . . . . . . 
'X-RAY DIFFRACTION' 1.626 1.714 . . 122 2348 100.0000 . . . 0.223 . 0.172 . . . . . . . . . . . 
'X-RAY DIFFRACTION' 1.714 1.818 . . 108 2245 100.0000 . . . 0.189 . 0.162 . . . . . . . . . . . 
'X-RAY DIFFRACTION' 1.818 1.943 . . 119 2078 100.0000 . . . 0.199 . 0.166 . . . . . . . . . . . 
'X-RAY DIFFRACTION' 1.943 2.099 . . 99  1968 100.0000 . . . 0.190 . 0.171 . . . . . . . . . . . 
'X-RAY DIFFRACTION' 2.099 2.299 . . 108 1795 100.0000 . . . 0.192 . 0.180 . . . . . . . . . . . 
'X-RAY DIFFRACTION' 2.299 2.570 . . 95  1634 100.0000 . . . 0.178 . 0.178 . . . . . . . . . . . 
'X-RAY DIFFRACTION' 2.570 2.967 . . 75  1469 100.0000 . . . 0.208 . 0.181 . . . . . . . . . . . 
'X-RAY DIFFRACTION' 2.967 3.633 . . 65  1258 99.9245  . . . 0.192 . 0.179 . . . . . . . . . . . 
'X-RAY DIFFRACTION' 3.633 5.133 . . 35  1008 100.0000 . . . 0.197 . 0.185 . . . . . . . . . . . 
'X-RAY DIFFRACTION' 5.133 39.98 . . 27  599  100.0000 . . . 0.297 . 0.261 . . . . . . . . . . . 
# 
_struct.entry_id                     7ZFY 
_struct.title                        'BRD4 in complex with PepLite-Gly' 
_struct.pdbx_model_details           ? 
_struct.pdbx_formula_weight          ? 
_struct.pdbx_formula_weight_method   ? 
_struct.pdbx_model_type_details      ? 
_struct.pdbx_CASP_flag               N 
# 
_struct_keywords.entry_id        7ZFY 
_struct_keywords.text            'FragLites, anomalous, BRD4, Fragment screening, TRANSCRIPTION' 
_struct_keywords.pdbx_keywords   TRANSCRIPTION 
# 
loop_
_struct_asym.id 
_struct_asym.pdbx_blank_PDB_chainid_flag 
_struct_asym.pdbx_modified 
_struct_asym.entity_id 
_struct_asym.details 
A N N 1 ? 
B N N 2 ? 
C N N 3 ? 
D N N 3 ? 
E N N 3 ? 
F N N 3 ? 
G N N 3 ? 
H N N 3 ? 
I N N 3 ? 
J N N 3 ? 
K N N 4 ? 
# 
_struct_ref.id                         1 
_struct_ref.db_name                    UNP 
_struct_ref.db_code                    BRD4_HUMAN 
_struct_ref.pdbx_db_accession          O60885 
_struct_ref.pdbx_db_isoform            ? 
_struct_ref.entity_id                  1 
_struct_ref.pdbx_seq_one_letter_code   
;NPPPPETSNPNKPKRQTNQLQYLLRVVLKTLWKHQFAWPFQQPVDAVKLNLPDYYKIIKTPMDMGTIKKRLENNYYWNAQ
ECIQDFNTMFTNCYIYNKPGDDIVLMAEALEKLFLQKINELPTEE
;
_struct_ref.pdbx_align_begin           44 
# 
_struct_ref_seq.align_id                      1 
_struct_ref_seq.ref_id                        1 
_struct_ref_seq.pdbx_PDB_id_code              7ZFY 
_struct_ref_seq.pdbx_strand_id                AAA 
_struct_ref_seq.seq_align_beg                 5 
_struct_ref_seq.pdbx_seq_align_beg_ins_code   ? 
_struct_ref_seq.seq_align_end                 129 
_struct_ref_seq.pdbx_seq_align_end_ins_code   ? 
_struct_ref_seq.pdbx_db_accession             O60885 
_struct_ref_seq.db_align_beg                  44 
_struct_ref_seq.pdbx_db_align_beg_ins_code    ? 
_struct_ref_seq.db_align_end                  168 
_struct_ref_seq.pdbx_db_align_end_ins_code    ? 
_struct_ref_seq.pdbx_auth_seq_align_beg       44 
_struct_ref_seq.pdbx_auth_seq_align_end       168 
# 
loop_
_struct_ref_seq_dif.align_id 
_struct_ref_seq_dif.pdbx_pdb_id_code 
_struct_ref_seq_dif.mon_id 
_struct_ref_seq_dif.pdbx_pdb_strand_id 
_struct_ref_seq_dif.seq_num 
_struct_ref_seq_dif.pdbx_pdb_ins_code 
_struct_ref_seq_dif.pdbx_seq_db_name 
_struct_ref_seq_dif.pdbx_seq_db_accession_code 
_struct_ref_seq_dif.db_mon_id 
_struct_ref_seq_dif.pdbx_seq_db_seq_num 
_struct_ref_seq_dif.details 
_struct_ref_seq_dif.pdbx_auth_seq_num 
_struct_ref_seq_dif.pdbx_ordinal 
1 7ZFY GLY AAA 1 ? UNP O60885 ? ? 'expression tag' 40 1 
1 7ZFY SER AAA 2 ? UNP O60885 ? ? 'expression tag' 41 2 
1 7ZFY HIS AAA 3 ? UNP O60885 ? ? 'expression tag' 42 3 
1 7ZFY MET AAA 4 ? UNP O60885 ? ? 'expression tag' 43 4 
# 
_pdbx_struct_assembly.id                   1 
_pdbx_struct_assembly.details              author_and_software_defined_assembly 
_pdbx_struct_assembly.method_details       PISA 
_pdbx_struct_assembly.oligomeric_details   monomeric 
_pdbx_struct_assembly.oligomeric_count     1 
# 
loop_
_pdbx_struct_assembly_prop.biol_id 
_pdbx_struct_assembly_prop.type 
_pdbx_struct_assembly_prop.value 
_pdbx_struct_assembly_prop.details 
1 'ABSA (A^2)' 1640 ? 
1 MORE         -6   ? 
1 'SSA (A^2)'  7920 ? 
# 
_pdbx_struct_assembly_gen.assembly_id       1 
_pdbx_struct_assembly_gen.oper_expression   1 
_pdbx_struct_assembly_gen.asym_id_list      A,B,C,D,E,F,G,H,I,J,K 
# 
_pdbx_struct_assembly_auth_evidence.id                     1 
_pdbx_struct_assembly_auth_evidence.assembly_id            1 
_pdbx_struct_assembly_auth_evidence.experimental_support   'gel filtration' 
_pdbx_struct_assembly_auth_evidence.details                ? 
# 
_pdbx_struct_oper_list.id                   1 
_pdbx_struct_oper_list.type                 'identity operation' 
_pdbx_struct_oper_list.name                 1_555 
_pdbx_struct_oper_list.symmetry_operation   x,y,z 
_pdbx_struct_oper_list.matrix[1][1]         1.0000000000 
_pdbx_struct_oper_list.matrix[1][2]         0.0000000000 
_pdbx_struct_oper_list.matrix[1][3]         0.0000000000 
_pdbx_struct_oper_list.vector[1]            0.0000000000 
_pdbx_struct_oper_list.matrix[2][1]         0.0000000000 
_pdbx_struct_oper_list.matrix[2][2]         1.0000000000 
_pdbx_struct_oper_list.matrix[2][3]         0.0000000000 
_pdbx_struct_oper_list.vector[2]            0.0000000000 
_pdbx_struct_oper_list.matrix[3][1]         0.0000000000 
_pdbx_struct_oper_list.matrix[3][2]         0.0000000000 
_pdbx_struct_oper_list.matrix[3][3]         1.0000000000 
_pdbx_struct_oper_list.vector[3]            0.0000000000 
# 
loop_
_struct_conf.conf_type_id 
_struct_conf.id 
_struct_conf.pdbx_PDB_helix_id 
_struct_conf.beg_label_comp_id 
_struct_conf.beg_label_asym_id 
_struct_conf.beg_label_seq_id 
_struct_conf.pdbx_beg_PDB_ins_code 
_struct_conf.end_label_comp_id 
_struct_conf.end_label_asym_id 
_struct_conf.end_label_seq_id 
_struct_conf.pdbx_end_PDB_ins_code 
_struct_conf.beg_auth_comp_id 
_struct_conf.beg_auth_asym_id 
_struct_conf.beg_auth_seq_id 
_struct_conf.end_auth_comp_id 
_struct_conf.end_auth_asym_id 
_struct_conf.end_auth_seq_id 
_struct_conf.pdbx_PDB_helix_class 
_struct_conf.details 
_struct_conf.pdbx_PDB_helix_length 
HELX_P HELX_P1 AA1 THR A 21  ? VAL A 30  ? THR AAA 60  VAL AAA 69  1 ? 10 
HELX_P HELX_P2 AA2 VAL A 30  ? LYS A 37  ? VAL AAA 69  LYS AAA 76  1 ? 8  
HELX_P HELX_P3 AA3 ALA A 41  ? GLN A 45  ? ALA AAA 80  GLN AAA 84  5 ? 5  
HELX_P HELX_P4 AA4 ASP A 57  ? ILE A 62  ? ASP AAA 96  ILE AAA 101 1 ? 6  
HELX_P HELX_P5 AA5 ASP A 67  ? ASN A 77  ? ASP AAA 106 ASN AAA 116 1 ? 11 
HELX_P HELX_P6 AA6 ASN A 82  ? ASN A 101 ? ASN AAA 121 ASN AAA 140 1 ? 20 
HELX_P HELX_P7 AA7 ASP A 105 ? GLU A 124 ? ASP AAA 144 GLU AAA 163 1 ? 20 
# 
_struct_conf_type.id          HELX_P 
_struct_conf_type.criteria    ? 
_struct_conf_type.reference   ? 
# 
loop_
_pdbx_validate_close_contact.id 
_pdbx_validate_close_contact.PDB_model_num 
_pdbx_validate_close_contact.auth_atom_id_1 
_pdbx_validate_close_contact.auth_asym_id_1 
_pdbx_validate_close_contact.auth_comp_id_1 
_pdbx_validate_close_contact.auth_seq_id_1 
_pdbx_validate_close_contact.PDB_ins_code_1 
_pdbx_validate_close_contact.label_alt_id_1 
_pdbx_validate_close_contact.auth_atom_id_2 
_pdbx_validate_close_contact.auth_asym_id_2 
_pdbx_validate_close_contact.auth_comp_id_2 
_pdbx_validate_close_contact.auth_seq_id_2 
_pdbx_validate_close_contact.PDB_ins_code_2 
_pdbx_validate_close_contact.label_alt_id_2 
_pdbx_validate_close_contact.dist 
1 1 O  AAA HOH 379 ? ? O AAA HOH 399 ? ? 1.29 
2 1 O  AAA HOH 311 ? ? O AAA HOH 348 ? ? 2.00 
3 1 CG AAA ASN 116 ? ? O AAA HOH 308 ? ? 2.10 
4 1 O2 AAA GOL 208 ? ? O AAA HOH 301 ? ? 2.11 
5 1 O  AAA HOH 369 ? ? O AAA HOH 408 ? ? 2.12 
# 
loop_
_pdbx_validate_symm_contact.id 
_pdbx_validate_symm_contact.PDB_model_num 
_pdbx_validate_symm_contact.auth_atom_id_1 
_pdbx_validate_symm_contact.auth_asym_id_1 
_pdbx_validate_symm_contact.auth_comp_id_1 
_pdbx_validate_symm_contact.auth_seq_id_1 
_pdbx_validate_symm_contact.PDB_ins_code_1 
_pdbx_validate_symm_contact.label_alt_id_1 
_pdbx_validate_symm_contact.site_symmetry_1 
_pdbx_validate_symm_contact.auth_atom_id_2 
_pdbx_validate_symm_contact.auth_asym_id_2 
_pdbx_validate_symm_contact.auth_comp_id_2 
_pdbx_validate_symm_contact.auth_seq_id_2 
_pdbx_validate_symm_contact.PDB_ins_code_2 
_pdbx_validate_symm_contact.label_alt_id_2 
_pdbx_validate_symm_contact.site_symmetry_2 
_pdbx_validate_symm_contact.dist 
1 1 O  AAA HOH 309 ? ? 1_555 O AAA HOH 376 ? ? 1_545 1.92 
2 1 SD AAA MET 43  ? ? 1_555 O AAA HOH 405 ? ? 4_445 2.01 
# 
_pdbx_validate_torsion.id              1 
_pdbx_validate_torsion.PDB_model_num   1 
_pdbx_validate_torsion.auth_comp_id    ASN 
_pdbx_validate_torsion.auth_asym_id    AAA 
_pdbx_validate_torsion.auth_seq_id     52 
_pdbx_validate_torsion.PDB_ins_code    ? 
_pdbx_validate_torsion.label_alt_id    ? 
_pdbx_validate_torsion.phi             -168.19 
_pdbx_validate_torsion.psi             106.61 
# 
_pdbx_entry_details.entry_id                 7ZFY 
_pdbx_entry_details.has_ligand_of_interest   Y 
_pdbx_entry_details.compound_details         ? 
_pdbx_entry_details.source_details           ? 
_pdbx_entry_details.nonpolymer_details       ? 
_pdbx_entry_details.sequence_details         ? 
# 
loop_
_chem_comp_atom.comp_id 
_chem_comp_atom.atom_id 
_chem_comp_atom.type_symbol 
_chem_comp_atom.pdbx_aromatic_flag 
_chem_comp_atom.pdbx_stereo_config 
_chem_comp_atom.pdbx_ordinal 
ALA N    N  N N 1   
ALA CA   C  N S 2   
ALA C    C  N N 3   
ALA O    O  N N 4   
ALA CB   C  N N 5   
ALA OXT  O  N N 6   
ALA H    H  N N 7   
ALA H2   H  N N 8   
ALA HA   H  N N 9   
ALA HB1  H  N N 10  
ALA HB2  H  N N 11  
ALA HB3  H  N N 12  
ALA HXT  H  N N 13  
ARG N    N  N N 14  
ARG CA   C  N S 15  
ARG C    C  N N 16  
ARG O    O  N N 17  
ARG CB   C  N N 18  
ARG CG   C  N N 19  
ARG CD   C  N N 20  
ARG NE   N  N N 21  
ARG CZ   C  N N 22  
ARG NH1  N  N N 23  
ARG NH2  N  N N 24  
ARG OXT  O  N N 25  
ARG H    H  N N 26  
ARG H2   H  N N 27  
ARG HA   H  N N 28  
ARG HB2  H  N N 29  
ARG HB3  H  N N 30  
ARG HG2  H  N N 31  
ARG HG3  H  N N 32  
ARG HD2  H  N N 33  
ARG HD3  H  N N 34  
ARG HE   H  N N 35  
ARG HH11 H  N N 36  
ARG HH12 H  N N 37  
ARG HH21 H  N N 38  
ARG HH22 H  N N 39  
ARG HXT  H  N N 40  
ASN N    N  N N 41  
ASN CA   C  N S 42  
ASN C    C  N N 43  
ASN O    O  N N 44  
ASN CB   C  N N 45  
ASN CG   C  N N 46  
ASN OD1  O  N N 47  
ASN ND2  N  N N 48  
ASN OXT  O  N N 49  
ASN H    H  N N 50  
ASN H2   H  N N 51  
ASN HA   H  N N 52  
ASN HB2  H  N N 53  
ASN HB3  H  N N 54  
ASN HD21 H  N N 55  
ASN HD22 H  N N 56  
ASN HXT  H  N N 57  
ASP N    N  N N 58  
ASP CA   C  N S 59  
ASP C    C  N N 60  
ASP O    O  N N 61  
ASP CB   C  N N 62  
ASP CG   C  N N 63  
ASP OD1  O  N N 64  
ASP OD2  O  N N 65  
ASP OXT  O  N N 66  
ASP H    H  N N 67  
ASP H2   H  N N 68  
ASP HA   H  N N 69  
ASP HB2  H  N N 70  
ASP HB3  H  N N 71  
ASP HD2  H  N N 72  
ASP HXT  H  N N 73  
CYS N    N  N N 74  
CYS CA   C  N R 75  
CYS C    C  N N 76  
CYS O    O  N N 77  
CYS CB   C  N N 78  
CYS SG   S  N N 79  
CYS OXT  O  N N 80  
CYS H    H  N N 81  
CYS H2   H  N N 82  
CYS HA   H  N N 83  
CYS HB2  H  N N 84  
CYS HB3  H  N N 85  
CYS HG   H  N N 86  
CYS HXT  H  N N 87  
GLN N    N  N N 88  
GLN CA   C  N S 89  
GLN C    C  N N 90  
GLN O    O  N N 91  
GLN CB   C  N N 92  
GLN CG   C  N N 93  
GLN CD   C  N N 94  
GLN OE1  O  N N 95  
GLN NE2  N  N N 96  
GLN OXT  O  N N 97  
GLN H    H  N N 98  
GLN H2   H  N N 99  
GLN HA   H  N N 100 
GLN HB2  H  N N 101 
GLN HB3  H  N N 102 
GLN HG2  H  N N 103 
GLN HG3  H  N N 104 
GLN HE21 H  N N 105 
GLN HE22 H  N N 106 
GLN HXT  H  N N 107 
GLU N    N  N N 108 
GLU CA   C  N S 109 
GLU C    C  N N 110 
GLU O    O  N N 111 
GLU CB   C  N N 112 
GLU CG   C  N N 113 
GLU CD   C  N N 114 
GLU OE1  O  N N 115 
GLU OE2  O  N N 116 
GLU OXT  O  N N 117 
GLU H    H  N N 118 
GLU H2   H  N N 119 
GLU HA   H  N N 120 
GLU HB2  H  N N 121 
GLU HB3  H  N N 122 
GLU HG2  H  N N 123 
GLU HG3  H  N N 124 
GLU HE2  H  N N 125 
GLU HXT  H  N N 126 
GLY N    N  N N 127 
GLY CA   C  N N 128 
GLY C    C  N N 129 
GLY O    O  N N 130 
GLY OXT  O  N N 131 
GLY H    H  N N 132 
GLY H2   H  N N 133 
GLY HA2  H  N N 134 
GLY HA3  H  N N 135 
GLY HXT  H  N N 136 
GOL C1   C  N N 137 
GOL O1   O  N N 138 
GOL C2   C  N N 139 
GOL O2   O  N N 140 
GOL C3   C  N N 141 
GOL O3   O  N N 142 
GOL H11  H  N N 143 
GOL H12  H  N N 144 
GOL HO1  H  N N 145 
GOL H2   H  N N 146 
GOL HO2  H  N N 147 
GOL H31  H  N N 148 
GOL H32  H  N N 149 
GOL HO3  H  N N 150 
HIS N    N  N N 151 
HIS CA   C  N S 152 
HIS C    C  N N 153 
HIS O    O  N N 154 
HIS CB   C  N N 155 
HIS CG   C  Y N 156 
HIS ND1  N  Y N 157 
HIS CD2  C  Y N 158 
HIS CE1  C  Y N 159 
HIS NE2  N  Y N 160 
HIS OXT  O  N N 161 
HIS H    H  N N 162 
HIS H2   H  N N 163 
HIS HA   H  N N 164 
HIS HB2  H  N N 165 
HIS HB3  H  N N 166 
HIS HD1  H  N N 167 
HIS HD2  H  N N 168 
HIS HE1  H  N N 169 
HIS HE2  H  N N 170 
HIS HXT  H  N N 171 
HOH O    O  N N 172 
HOH H1   H  N N 173 
HOH H2   H  N N 174 
ILE N    N  N N 175 
ILE CA   C  N S 176 
ILE C    C  N N 177 
ILE O    O  N N 178 
ILE CB   C  N S 179 
ILE CG1  C  N N 180 
ILE CG2  C  N N 181 
ILE CD1  C  N N 182 
ILE OXT  O  N N 183 
ILE H    H  N N 184 
ILE H2   H  N N 185 
ILE HA   H  N N 186 
ILE HB   H  N N 187 
ILE HG12 H  N N 188 
ILE HG13 H  N N 189 
ILE HG21 H  N N 190 
ILE HG22 H  N N 191 
ILE HG23 H  N N 192 
ILE HD11 H  N N 193 
ILE HD12 H  N N 194 
ILE HD13 H  N N 195 
ILE HXT  H  N N 196 
ISK C4   C  N N 197 
ISK C5   C  N N 198 
ISK C6   C  N N 199 
ISK C7   C  N N 200 
ISK N1   N  N N 201 
ISK N2   N  N N 202 
ISK C3   C  N N 203 
ISK C1   C  N N 204 
ISK C2   C  N N 205 
ISK O1   O  N N 206 
ISK O2   O  N N 207 
ISK BR1  BR N N 208 
ISK H1   H  N N 209 
ISK H2   H  N N 210 
ISK H7   H  N N 211 
ISK H8   H  N N 212 
ISK H9   H  N N 213 
ISK H10  H  N N 214 
ISK H11  H  N N 215 
ISK H12  H  N N 216 
ISK H13  H  N N 217 
LEU N    N  N N 218 
LEU CA   C  N S 219 
LEU C    C  N N 220 
LEU O    O  N N 221 
LEU CB   C  N N 222 
LEU CG   C  N N 223 
LEU CD1  C  N N 224 
LEU CD2  C  N N 225 
LEU OXT  O  N N 226 
LEU H    H  N N 227 
LEU H2   H  N N 228 
LEU HA   H  N N 229 
LEU HB2  H  N N 230 
LEU HB3  H  N N 231 
LEU HG   H  N N 232 
LEU HD11 H  N N 233 
LEU HD12 H  N N 234 
LEU HD13 H  N N 235 
LEU HD21 H  N N 236 
LEU HD22 H  N N 237 
LEU HD23 H  N N 238 
LEU HXT  H  N N 239 
LYS N    N  N N 240 
LYS CA   C  N S 241 
LYS C    C  N N 242 
LYS O    O  N N 243 
LYS CB   C  N N 244 
LYS CG   C  N N 245 
LYS CD   C  N N 246 
LYS CE   C  N N 247 
LYS NZ   N  N N 248 
LYS OXT  O  N N 249 
LYS H    H  N N 250 
LYS H2   H  N N 251 
LYS HA   H  N N 252 
LYS HB2  H  N N 253 
LYS HB3  H  N N 254 
LYS HG2  H  N N 255 
LYS HG3  H  N N 256 
LYS HD2  H  N N 257 
LYS HD3  H  N N 258 
LYS HE2  H  N N 259 
LYS HE3  H  N N 260 
LYS HZ1  H  N N 261 
LYS HZ2  H  N N 262 
LYS HZ3  H  N N 263 
LYS HXT  H  N N 264 
MET N    N  N N 265 
MET CA   C  N S 266 
MET C    C  N N 267 
MET O    O  N N 268 
MET CB   C  N N 269 
MET CG   C  N N 270 
MET SD   S  N N 271 
MET CE   C  N N 272 
MET OXT  O  N N 273 
MET H    H  N N 274 
MET H2   H  N N 275 
MET HA   H  N N 276 
MET HB2  H  N N 277 
MET HB3  H  N N 278 
MET HG2  H  N N 279 
MET HG3  H  N N 280 
MET HE1  H  N N 281 
MET HE2  H  N N 282 
MET HE3  H  N N 283 
MET HXT  H  N N 284 
PHE N    N  N N 285 
PHE CA   C  N S 286 
PHE C    C  N N 287 
PHE O    O  N N 288 
PHE CB   C  N N 289 
PHE CG   C  Y N 290 
PHE CD1  C  Y N 291 
PHE CD2  C  Y N 292 
PHE CE1  C  Y N 293 
PHE CE2  C  Y N 294 
PHE CZ   C  Y N 295 
PHE OXT  O  N N 296 
PHE H    H  N N 297 
PHE H2   H  N N 298 
PHE HA   H  N N 299 
PHE HB2  H  N N 300 
PHE HB3  H  N N 301 
PHE HD1  H  N N 302 
PHE HD2  H  N N 303 
PHE HE1  H  N N 304 
PHE HE2  H  N N 305 
PHE HZ   H  N N 306 
PHE HXT  H  N N 307 
PRO N    N  N N 308 
PRO CA   C  N S 309 
PRO C    C  N N 310 
PRO O    O  N N 311 
PRO CB   C  N N 312 
PRO CG   C  N N 313 
PRO CD   C  N N 314 
PRO OXT  O  N N 315 
PRO H    H  N N 316 
PRO HA   H  N N 317 
PRO HB2  H  N N 318 
PRO HB3  H  N N 319 
PRO HG2  H  N N 320 
PRO HG3  H  N N 321 
PRO HD2  H  N N 322 
PRO HD3  H  N N 323 
PRO HXT  H  N N 324 
SER N    N  N N 325 
SER CA   C  N S 326 
SER C    C  N N 327 
SER O    O  N N 328 
SER CB   C  N N 329 
SER OG   O  N N 330 
SER OXT  O  N N 331 
SER H    H  N N 332 
SER H2   H  N N 333 
SER HA   H  N N 334 
SER HB2  H  N N 335 
SER HB3  H  N N 336 
SER HG   H  N N 337 
SER HXT  H  N N 338 
THR N    N  N N 339 
THR CA   C  N S 340 
THR C    C  N N 341 
THR O    O  N N 342 
THR CB   C  N R 343 
THR OG1  O  N N 344 
THR CG2  C  N N 345 
THR OXT  O  N N 346 
THR H    H  N N 347 
THR H2   H  N N 348 
THR HA   H  N N 349 
THR HB   H  N N 350 
THR HG1  H  N N 351 
THR HG21 H  N N 352 
THR HG22 H  N N 353 
THR HG23 H  N N 354 
THR HXT  H  N N 355 
TRP N    N  N N 356 
TRP CA   C  N S 357 
TRP C    C  N N 358 
TRP O    O  N N 359 
TRP CB   C  N N 360 
TRP CG   C  Y N 361 
TRP CD1  C  Y N 362 
TRP CD2  C  Y N 363 
TRP NE1  N  Y N 364 
TRP CE2  C  Y N 365 
TRP CE3  C  Y N 366 
TRP CZ2  C  Y N 367 
TRP CZ3  C  Y N 368 
TRP CH2  C  Y N 369 
TRP OXT  O  N N 370 
TRP H    H  N N 371 
TRP H2   H  N N 372 
TRP HA   H  N N 373 
TRP HB2  H  N N 374 
TRP HB3  H  N N 375 
TRP HD1  H  N N 376 
TRP HE1  H  N N 377 
TRP HE3  H  N N 378 
TRP HZ2  H  N N 379 
TRP HZ3  H  N N 380 
TRP HH2  H  N N 381 
TRP HXT  H  N N 382 
TYR N    N  N N 383 
TYR CA   C  N S 384 
TYR C    C  N N 385 
TYR O    O  N N 386 
TYR CB   C  N N 387 
TYR CG   C  Y N 388 
TYR CD1  C  Y N 389 
TYR CD2  C  Y N 390 
TYR CE1  C  Y N 391 
TYR CE2  C  Y N 392 
TYR CZ   C  Y N 393 
TYR OH   O  N N 394 
TYR OXT  O  N N 395 
TYR H    H  N N 396 
TYR H2   H  N N 397 
TYR HA   H  N N 398 
TYR HB2  H  N N 399 
TYR HB3  H  N N 400 
TYR HD1  H  N N 401 
TYR HD2  H  N N 402 
TYR HE1  H  N N 403 
TYR HE2  H  N N 404 
TYR HH   H  N N 405 
TYR HXT  H  N N 406 
VAL N    N  N N 407 
VAL CA   C  N S 408 
VAL C    C  N N 409 
VAL O    O  N N 410 
VAL CB   C  N N 411 
VAL CG1  C  N N 412 
VAL CG2  C  N N 413 
VAL OXT  O  N N 414 
VAL H    H  N N 415 
VAL H2   H  N N 416 
VAL HA   H  N N 417 
VAL HB   H  N N 418 
VAL HG11 H  N N 419 
VAL HG12 H  N N 420 
VAL HG13 H  N N 421 
VAL HG21 H  N N 422 
VAL HG22 H  N N 423 
VAL HG23 H  N N 424 
VAL HXT  H  N N 425 
# 
loop_
_chem_comp_bond.comp_id 
_chem_comp_bond.atom_id_1 
_chem_comp_bond.atom_id_2 
_chem_comp_bond.value_order 
_chem_comp_bond.pdbx_aromatic_flag 
_chem_comp_bond.pdbx_stereo_config 
_chem_comp_bond.pdbx_ordinal 
ALA N   CA   sing N N 1   
ALA N   H    sing N N 2   
ALA N   H2   sing N N 3   
ALA CA  C    sing N N 4   
ALA CA  CB   sing N N 5   
ALA CA  HA   sing N N 6   
ALA C   O    doub N N 7   
ALA C   OXT  sing N N 8   
ALA CB  HB1  sing N N 9   
ALA CB  HB2  sing N N 10  
ALA CB  HB3  sing N N 11  
ALA OXT HXT  sing N N 12  
ARG N   CA   sing N N 13  
ARG N   H    sing N N 14  
ARG N   H2   sing N N 15  
ARG CA  C    sing N N 16  
ARG CA  CB   sing N N 17  
ARG CA  HA   sing N N 18  
ARG C   O    doub N N 19  
ARG C   OXT  sing N N 20  
ARG CB  CG   sing N N 21  
ARG CB  HB2  sing N N 22  
ARG CB  HB3  sing N N 23  
ARG CG  CD   sing N N 24  
ARG CG  HG2  sing N N 25  
ARG CG  HG3  sing N N 26  
ARG CD  NE   sing N N 27  
ARG CD  HD2  sing N N 28  
ARG CD  HD3  sing N N 29  
ARG NE  CZ   sing N N 30  
ARG NE  HE   sing N N 31  
ARG CZ  NH1  sing N N 32  
ARG CZ  NH2  doub N N 33  
ARG NH1 HH11 sing N N 34  
ARG NH1 HH12 sing N N 35  
ARG NH2 HH21 sing N N 36  
ARG NH2 HH22 sing N N 37  
ARG OXT HXT  sing N N 38  
ASN N   CA   sing N N 39  
ASN N   H    sing N N 40  
ASN N   H2   sing N N 41  
ASN CA  C    sing N N 42  
ASN CA  CB   sing N N 43  
ASN CA  HA   sing N N 44  
ASN C   O    doub N N 45  
ASN C   OXT  sing N N 46  
ASN CB  CG   sing N N 47  
ASN CB  HB2  sing N N 48  
ASN CB  HB3  sing N N 49  
ASN CG  OD1  doub N N 50  
ASN CG  ND2  sing N N 51  
ASN ND2 HD21 sing N N 52  
ASN ND2 HD22 sing N N 53  
ASN OXT HXT  sing N N 54  
ASP N   CA   sing N N 55  
ASP N   H    sing N N 56  
ASP N   H2   sing N N 57  
ASP CA  C    sing N N 58  
ASP CA  CB   sing N N 59  
ASP CA  HA   sing N N 60  
ASP C   O    doub N N 61  
ASP C   OXT  sing N N 62  
ASP CB  CG   sing N N 63  
ASP CB  HB2  sing N N 64  
ASP CB  HB3  sing N N 65  
ASP CG  OD1  doub N N 66  
ASP CG  OD2  sing N N 67  
ASP OD2 HD2  sing N N 68  
ASP OXT HXT  sing N N 69  
CYS N   CA   sing N N 70  
CYS N   H    sing N N 71  
CYS N   H2   sing N N 72  
CYS CA  C    sing N N 73  
CYS CA  CB   sing N N 74  
CYS CA  HA   sing N N 75  
CYS C   O    doub N N 76  
CYS C   OXT  sing N N 77  
CYS CB  SG   sing N N 78  
CYS CB  HB2  sing N N 79  
CYS CB  HB3  sing N N 80  
CYS SG  HG   sing N N 81  
CYS OXT HXT  sing N N 82  
GLN N   CA   sing N N 83  
GLN N   H    sing N N 84  
GLN N   H2   sing N N 85  
GLN CA  C    sing N N 86  
GLN CA  CB   sing N N 87  
GLN CA  HA   sing N N 88  
GLN C   O    doub N N 89  
GLN C   OXT  sing N N 90  
GLN CB  CG   sing N N 91  
GLN CB  HB2  sing N N 92  
GLN CB  HB3  sing N N 93  
GLN CG  CD   sing N N 94  
GLN CG  HG2  sing N N 95  
GLN CG  HG3  sing N N 96  
GLN CD  OE1  doub N N 97  
GLN CD  NE2  sing N N 98  
GLN NE2 HE21 sing N N 99  
GLN NE2 HE22 sing N N 100 
GLN OXT HXT  sing N N 101 
GLU N   CA   sing N N 102 
GLU N   H    sing N N 103 
GLU N   H2   sing N N 104 
GLU CA  C    sing N N 105 
GLU CA  CB   sing N N 106 
GLU CA  HA   sing N N 107 
GLU C   O    doub N N 108 
GLU C   OXT  sing N N 109 
GLU CB  CG   sing N N 110 
GLU CB  HB2  sing N N 111 
GLU CB  HB3  sing N N 112 
GLU CG  CD   sing N N 113 
GLU CG  HG2  sing N N 114 
GLU CG  HG3  sing N N 115 
GLU CD  OE1  doub N N 116 
GLU CD  OE2  sing N N 117 
GLU OE2 HE2  sing N N 118 
GLU OXT HXT  sing N N 119 
GLY N   CA   sing N N 120 
GLY N   H    sing N N 121 
GLY N   H2   sing N N 122 
GLY CA  C    sing N N 123 
GLY CA  HA2  sing N N 124 
GLY CA  HA3  sing N N 125 
GLY C   O    doub N N 126 
GLY C   OXT  sing N N 127 
GLY OXT HXT  sing N N 128 
GOL C1  O1   sing N N 129 
GOL C1  C2   sing N N 130 
GOL C1  H11  sing N N 131 
GOL C1  H12  sing N N 132 
GOL O1  HO1  sing N N 133 
GOL C2  O2   sing N N 134 
GOL C2  C3   sing N N 135 
GOL C2  H2   sing N N 136 
GOL O2  HO2  sing N N 137 
GOL C3  O3   sing N N 138 
GOL C3  H31  sing N N 139 
GOL C3  H32  sing N N 140 
GOL O3  HO3  sing N N 141 
HIS N   CA   sing N N 142 
HIS N   H    sing N N 143 
HIS N   H2   sing N N 144 
HIS CA  C    sing N N 145 
HIS CA  CB   sing N N 146 
HIS CA  HA   sing N N 147 
HIS C   O    doub N N 148 
HIS C   OXT  sing N N 149 
HIS CB  CG   sing N N 150 
HIS CB  HB2  sing N N 151 
HIS CB  HB3  sing N N 152 
HIS CG  ND1  sing Y N 153 
HIS CG  CD2  doub Y N 154 
HIS ND1 CE1  doub Y N 155 
HIS ND1 HD1  sing N N 156 
HIS CD2 NE2  sing Y N 157 
HIS CD2 HD2  sing N N 158 
HIS CE1 NE2  sing Y N 159 
HIS CE1 HE1  sing N N 160 
HIS NE2 HE2  sing N N 161 
HIS OXT HXT  sing N N 162 
HOH O   H1   sing N N 163 
HOH O   H2   sing N N 164 
ILE N   CA   sing N N 165 
ILE N   H    sing N N 166 
ILE N   H2   sing N N 167 
ILE CA  C    sing N N 168 
ILE CA  CB   sing N N 169 
ILE CA  HA   sing N N 170 
ILE C   O    doub N N 171 
ILE C   OXT  sing N N 172 
ILE CB  CG1  sing N N 173 
ILE CB  CG2  sing N N 174 
ILE CB  HB   sing N N 175 
ILE CG1 CD1  sing N N 176 
ILE CG1 HG12 sing N N 177 
ILE CG1 HG13 sing N N 178 
ILE CG2 HG21 sing N N 179 
ILE CG2 HG22 sing N N 180 
ILE CG2 HG23 sing N N 181 
ILE CD1 HD11 sing N N 182 
ILE CD1 HD12 sing N N 183 
ILE CD1 HD13 sing N N 184 
ILE OXT HXT  sing N N 185 
ISK C1  C2   sing N N 186 
ISK O1  C2   doub N N 187 
ISK C2  N1   sing N N 188 
ISK N1  C3   sing N N 189 
ISK C3  C4   sing N N 190 
ISK O2  C4   doub N N 191 
ISK C4  N2   sing N N 192 
ISK N2  C5   sing N N 193 
ISK C5  C6   sing N N 194 
ISK C6  C7   trip N N 195 
ISK C7  BR1  sing N N 196 
ISK C5  H1   sing N N 197 
ISK C5  H2   sing N N 198 
ISK N1  H7   sing N N 199 
ISK N2  H8   sing N N 200 
ISK C3  H9   sing N N 201 
ISK C3  H10  sing N N 202 
ISK C1  H11  sing N N 203 
ISK C1  H12  sing N N 204 
ISK C1  H13  sing N N 205 
LEU N   CA   sing N N 206 
LEU N   H    sing N N 207 
LEU N   H2   sing N N 208 
LEU CA  C    sing N N 209 
LEU CA  CB   sing N N 210 
LEU CA  HA   sing N N 211 
LEU C   O    doub N N 212 
LEU C   OXT  sing N N 213 
LEU CB  CG   sing N N 214 
LEU CB  HB2  sing N N 215 
LEU CB  HB3  sing N N 216 
LEU CG  CD1  sing N N 217 
LEU CG  CD2  sing N N 218 
LEU CG  HG   sing N N 219 
LEU CD1 HD11 sing N N 220 
LEU CD1 HD12 sing N N 221 
LEU CD1 HD13 sing N N 222 
LEU CD2 HD21 sing N N 223 
LEU CD2 HD22 sing N N 224 
LEU CD2 HD23 sing N N 225 
LEU OXT HXT  sing N N 226 
LYS N   CA   sing N N 227 
LYS N   H    sing N N 228 
LYS N   H2   sing N N 229 
LYS CA  C    sing N N 230 
LYS CA  CB   sing N N 231 
LYS CA  HA   sing N N 232 
LYS C   O    doub N N 233 
LYS C   OXT  sing N N 234 
LYS CB  CG   sing N N 235 
LYS CB  HB2  sing N N 236 
LYS CB  HB3  sing N N 237 
LYS CG  CD   sing N N 238 
LYS CG  HG2  sing N N 239 
LYS CG  HG3  sing N N 240 
LYS CD  CE   sing N N 241 
LYS CD  HD2  sing N N 242 
LYS CD  HD3  sing N N 243 
LYS CE  NZ   sing N N 244 
LYS CE  HE2  sing N N 245 
LYS CE  HE3  sing N N 246 
LYS NZ  HZ1  sing N N 247 
LYS NZ  HZ2  sing N N 248 
LYS NZ  HZ3  sing N N 249 
LYS OXT HXT  sing N N 250 
MET N   CA   sing N N 251 
MET N   H    sing N N 252 
MET N   H2   sing N N 253 
MET CA  C    sing N N 254 
MET CA  CB   sing N N 255 
MET CA  HA   sing N N 256 
MET C   O    doub N N 257 
MET C   OXT  sing N N 258 
MET CB  CG   sing N N 259 
MET CB  HB2  sing N N 260 
MET CB  HB3  sing N N 261 
MET CG  SD   sing N N 262 
MET CG  HG2  sing N N 263 
MET CG  HG3  sing N N 264 
MET SD  CE   sing N N 265 
MET CE  HE1  sing N N 266 
MET CE  HE2  sing N N 267 
MET CE  HE3  sing N N 268 
MET OXT HXT  sing N N 269 
PHE N   CA   sing N N 270 
PHE N   H    sing N N 271 
PHE N   H2   sing N N 272 
PHE CA  C    sing N N 273 
PHE CA  CB   sing N N 274 
PHE CA  HA   sing N N 275 
PHE C   O    doub N N 276 
PHE C   OXT  sing N N 277 
PHE CB  CG   sing N N 278 
PHE CB  HB2  sing N N 279 
PHE CB  HB3  sing N N 280 
PHE CG  CD1  doub Y N 281 
PHE CG  CD2  sing Y N 282 
PHE CD1 CE1  sing Y N 283 
PHE CD1 HD1  sing N N 284 
PHE CD2 CE2  doub Y N 285 
PHE CD2 HD2  sing N N 286 
PHE CE1 CZ   doub Y N 287 
PHE CE1 HE1  sing N N 288 
PHE CE2 CZ   sing Y N 289 
PHE CE2 HE2  sing N N 290 
PHE CZ  HZ   sing N N 291 
PHE OXT HXT  sing N N 292 
PRO N   CA   sing N N 293 
PRO N   CD   sing N N 294 
PRO N   H    sing N N 295 
PRO CA  C    sing N N 296 
PRO CA  CB   sing N N 297 
PRO CA  HA   sing N N 298 
PRO C   O    doub N N 299 
PRO C   OXT  sing N N 300 
PRO CB  CG   sing N N 301 
PRO CB  HB2  sing N N 302 
PRO CB  HB3  sing N N 303 
PRO CG  CD   sing N N 304 
PRO CG  HG2  sing N N 305 
PRO CG  HG3  sing N N 306 
PRO CD  HD2  sing N N 307 
PRO CD  HD3  sing N N 308 
PRO OXT HXT  sing N N 309 
SER N   CA   sing N N 310 
SER N   H    sing N N 311 
SER N   H2   sing N N 312 
SER CA  C    sing N N 313 
SER CA  CB   sing N N 314 
SER CA  HA   sing N N 315 
SER C   O    doub N N 316 
SER C   OXT  sing N N 317 
SER CB  OG   sing N N 318 
SER CB  HB2  sing N N 319 
SER CB  HB3  sing N N 320 
SER OG  HG   sing N N 321 
SER OXT HXT  sing N N 322 
THR N   CA   sing N N 323 
THR N   H    sing N N 324 
THR N   H2   sing N N 325 
THR CA  C    sing N N 326 
THR CA  CB   sing N N 327 
THR CA  HA   sing N N 328 
THR C   O    doub N N 329 
THR C   OXT  sing N N 330 
THR CB  OG1  sing N N 331 
THR CB  CG2  sing N N 332 
THR CB  HB   sing N N 333 
THR OG1 HG1  sing N N 334 
THR CG2 HG21 sing N N 335 
THR CG2 HG22 sing N N 336 
THR CG2 HG23 sing N N 337 
THR OXT HXT  sing N N 338 
TRP N   CA   sing N N 339 
TRP N   H    sing N N 340 
TRP N   H2   sing N N 341 
TRP CA  C    sing N N 342 
TRP CA  CB   sing N N 343 
TRP CA  HA   sing N N 344 
TRP C   O    doub N N 345 
TRP C   OXT  sing N N 346 
TRP CB  CG   sing N N 347 
TRP CB  HB2  sing N N 348 
TRP CB  HB3  sing N N 349 
TRP CG  CD1  doub Y N 350 
TRP CG  CD2  sing Y N 351 
TRP CD1 NE1  sing Y N 352 
TRP CD1 HD1  sing N N 353 
TRP CD2 CE2  doub Y N 354 
TRP CD2 CE3  sing Y N 355 
TRP NE1 CE2  sing Y N 356 
TRP NE1 HE1  sing N N 357 
TRP CE2 CZ2  sing Y N 358 
TRP CE3 CZ3  doub Y N 359 
TRP CE3 HE3  sing N N 360 
TRP CZ2 CH2  doub Y N 361 
TRP CZ2 HZ2  sing N N 362 
TRP CZ3 CH2  sing Y N 363 
TRP CZ3 HZ3  sing N N 364 
TRP CH2 HH2  sing N N 365 
TRP OXT HXT  sing N N 366 
TYR N   CA   sing N N 367 
TYR N   H    sing N N 368 
TYR N   H2   sing N N 369 
TYR CA  C    sing N N 370 
TYR CA  CB   sing N N 371 
TYR CA  HA   sing N N 372 
TYR C   O    doub N N 373 
TYR C   OXT  sing N N 374 
TYR CB  CG   sing N N 375 
TYR CB  HB2  sing N N 376 
TYR CB  HB3  sing N N 377 
TYR CG  CD1  doub Y N 378 
TYR CG  CD2  sing Y N 379 
TYR CD1 CE1  sing Y N 380 
TYR CD1 HD1  sing N N 381 
TYR CD2 CE2  doub Y N 382 
TYR CD2 HD2  sing N N 383 
TYR CE1 CZ   doub Y N 384 
TYR CE1 HE1  sing N N 385 
TYR CE2 CZ   sing Y N 386 
TYR CE2 HE2  sing N N 387 
TYR CZ  OH   sing N N 388 
TYR OH  HH   sing N N 389 
TYR OXT HXT  sing N N 390 
VAL N   CA   sing N N 391 
VAL N   H    sing N N 392 
VAL N   H2   sing N N 393 
VAL CA  C    sing N N 394 
VAL CA  CB   sing N N 395 
VAL CA  HA   sing N N 396 
VAL C   O    doub N N 397 
VAL C   OXT  sing N N 398 
VAL CB  CG1  sing N N 399 
VAL CB  CG2  sing N N 400 
VAL CB  HB   sing N N 401 
VAL CG1 HG11 sing N N 402 
VAL CG1 HG12 sing N N 403 
VAL CG1 HG13 sing N N 404 
VAL CG2 HG21 sing N N 405 
VAL CG2 HG22 sing N N 406 
VAL CG2 HG23 sing N N 407 
VAL OXT HXT  sing N N 408 
# 
loop_
_pdbx_audit_support.funding_organization 
_pdbx_audit_support.country 
_pdbx_audit_support.grant_number 
_pdbx_audit_support.ordinal 
'Cancer Research UK' 'United Kingdom' C57659/A27310 1 
'Cancer Research UK' 'United Kingdom' C1362/A20263  2 
'Cancer Research UK' 'United Kingdom' C2215/A21421  3 
# 
_pdbx_entity_instance_feature.ordinal        1 
_pdbx_entity_instance_feature.comp_id        ISK 
_pdbx_entity_instance_feature.asym_id        ? 
_pdbx_entity_instance_feature.seq_num        ? 
_pdbx_entity_instance_feature.auth_comp_id   ISK 
_pdbx_entity_instance_feature.auth_asym_id   ? 
_pdbx_entity_instance_feature.auth_seq_num   ? 
_pdbx_entity_instance_feature.feature_type   'SUBJECT OF INVESTIGATION' 
_pdbx_entity_instance_feature.details        ? 
# 
_pdbx_initial_refinement_model.id               1 
_pdbx_initial_refinement_model.entity_id_list   ? 
_pdbx_initial_refinement_model.type             'experimental model' 
_pdbx_initial_refinement_model.source_name      PDB 
_pdbx_initial_refinement_model.accession_code   5LRQ 
_pdbx_initial_refinement_model.details          ? 
# 
_atom_sites.entry_id                    7ZFY 
_atom_sites.Cartn_transf_matrix[1][1]   ? 
_atom_sites.Cartn_transf_matrix[1][2]   ? 
_atom_sites.Cartn_transf_matrix[1][3]   ? 
_atom_sites.Cartn_transf_matrix[2][1]   ? 
_atom_sites.Cartn_transf_matrix[2][2]   ? 
_atom_sites.Cartn_transf_matrix[2][3]   ? 
_atom_sites.Cartn_transf_matrix[3][1]   ? 
_atom_sites.Cartn_transf_matrix[3][2]   ? 
_atom_sites.Cartn_transf_matrix[3][3]   ? 
_atom_sites.Cartn_transf_vector[1]      ? 
_atom_sites.Cartn_transf_vector[2]      ? 
_atom_sites.Cartn_transf_vector[3]      ? 
_atom_sites.fract_transf_matrix[1][1]   0.02451523 
_atom_sites.fract_transf_matrix[1][2]   0.00874680 
_atom_sites.fract_transf_matrix[1][3]   -0.00433860 
_atom_sites.fract_transf_matrix[2][1]   0.00789776 
_atom_sites.fract_transf_matrix[2][2]   -0.02153803 
_atom_sites.fract_transf_matrix[2][3]   0.00120466 
_atom_sites.fract_transf_matrix[3][1]   -0.00171031 
_atom_sites.fract_transf_matrix[3][2]   -0.00131608 
_atom_sites.fract_transf_matrix[3][3]   -0.01231738 
_atom_sites.fract_transf_vector[1]      -0.320058 
_atom_sites.fract_transf_vector[2]      0.064545 
_atom_sites.fract_transf_vector[3]      -0.118414 
_atom_sites.solution_primary            ? 
_atom_sites.solution_secondary          ? 
_atom_sites.solution_hydrogens          ? 
_atom_sites.special_details             ? 
# 
loop_
_atom_type.symbol 
_atom_type.pdbx_scat_Z 
_atom_type.pdbx_N_electrons 
_atom_type.scat_Cromer_Mann_a1 
_atom_type.scat_Cromer_Mann_b1 
_atom_type.scat_Cromer_Mann_a2 
_atom_type.scat_Cromer_Mann_b2 
_atom_type.scat_Cromer_Mann_a3 
_atom_type.scat_Cromer_Mann_b3 
_atom_type.scat_Cromer_Mann_a4 
_atom_type.scat_Cromer_Mann_b4 
_atom_type.scat_Cromer_Mann_c 
BR 35 35 17.182 2.172  5.237 16.580 5.639 0.261  3.986 41.433 -1.142  
C  6  6  2.310  20.844 1.020 10.208 1.589 0.569  0.865 51.651 0.216   
N  7  7  12.222 0.006  3.135 9.893  2.014 28.997 1.167 0.583  -11.538 
O  8  8  3.049  13.277 2.287 5.701  1.546 0.324  0.867 32.909 0.251   
S  16 16 6.905  1.468  5.203 22.215 1.438 0.254  1.586 56.172 1.030   
# 
loop_
_atom_site.group_PDB 
_atom_site.id 
_atom_site.type_symbol 
_atom_site.label_atom_id 
_atom_site.label_alt_id 
_atom_site.label_comp_id 
_atom_site.label_asym_id 
_atom_site.label_entity_id 
_atom_site.label_seq_id 
_atom_site.pdbx_PDB_ins_code 
_atom_site.Cartn_x 
_atom_site.Cartn_y 
_atom_site.Cartn_z 
_atom_site.occupancy 
_atom_site.B_iso_or_equiv 
_atom_site.pdbx_formal_charge 
_atom_site.auth_seq_id 
_atom_site.auth_comp_id 
_atom_site.auth_asym_id 
_atom_site.auth_atom_id 
_atom_site.pdbx_PDB_model_num 
_atom_site.calc_flag 
ATOM   1    N  N   . GLY A 1 1   ? -2.483  19.368  3.503   1.000 33.103  ? 40  GLY AAA N   1 ? 
ATOM   2    C  CA  . GLY A 1 1   ? -2.857  19.685  2.103   1.000 25.511  ? 40  GLY AAA CA  1 ? 
ATOM   3    C  C   . GLY A 1 1   ? -4.312  20.162  2.046   1.000 21.180  ? 40  GLY AAA C   1 ? 
ATOM   4    O  O   . GLY A 1 1   ? -4.832  20.618  3.050   1.000 24.764  ? 40  GLY AAA O   1 ? 
ATOM   5    N  N   . SER A 1 2   ? -4.967  19.957  0.902   1.000 19.219  ? 41  SER AAA N   1 ? 
ATOM   6    C  CA  . SER A 1 2   ? -6.322  20.452  0.670   1.000 15.932  ? 41  SER AAA CA  1 ? 
ATOM   7    C  C   . SER A 1 2   ? -7.311  19.825  1.634   1.000 14.643  ? 41  SER AAA C   1 ? 
ATOM   8    O  O   . SER A 1 2   ? -7.303  18.594  1.804   1.000 14.464  ? 41  SER AAA O   1 ? 
ATOM   9    C  CB  . SER A 1 2   ? -6.781  20.196  -0.746  1.000 15.518  ? 41  SER AAA CB  1 ? 
ATOM   10   O  OG  . SER A 1 2   ? -8.171  20.531  -0.917  1.000 15.104  ? 41  SER AAA OG  1 ? 
ATOM   11   N  N   . HIS A 1 3   ? -8.243  20.634  2.140   1.000 13.601  ? 42  HIS AAA N   1 ? 
ATOM   12   C  CA  . HIS A 1 3   ? -9.363  20.134  2.914   1.000 13.853  ? 42  HIS AAA CA  1 ? 
ATOM   13   C  C   . HIS A 1 3   ? -10.262 19.195  2.112   1.000 13.494  ? 42  HIS AAA C   1 ? 
ATOM   14   O  O   . HIS A 1 3   ? -11.112 18.505  2.686   1.000 15.933  ? 42  HIS AAA O   1 ? 
ATOM   15   C  CB  . HIS A 1 3   ? -10.163 21.336  3.491   1.000 16.582  ? 42  HIS AAA CB  1 ? 
ATOM   16   C  CG  . HIS A 1 3   ? -11.043 22.024  2.498   1.000 16.659  ? 42  HIS AAA CG  1 ? 
ATOM   17   N  ND1 . HIS A 1 3   ? -10.535 22.828  1.490   1.000 15.993  ? 42  HIS AAA ND1 1 ? 
ATOM   18   C  CD2 . HIS A 1 3   ? -12.382 22.002  2.328   1.000 18.133  ? 42  HIS AAA CD2 1 ? 
ATOM   19   C  CE1 . HIS A 1 3   ? -11.546 23.274  0.742   1.000 16.285  ? 42  HIS AAA CE1 1 ? 
ATOM   20   N  NE2 . HIS A 1 3   ? -12.685 22.798  1.257   1.000 17.888  ? 42  HIS AAA NE2 1 ? 
ATOM   21   N  N   . MET A 1 4   ? -10.142 19.179  0.774   1.000 11.747  ? 43  MET AAA N   1 ? 
ATOM   22   C  CA  . MET A 1 4   ? -10.968 18.323  -0.061  1.000 12.885  ? 43  MET AAA CA  1 ? 
ATOM   23   C  C   . MET A 1 4   ? -10.380 16.926  -0.227  1.000 13.101  ? 43  MET AAA C   1 ? 
ATOM   24   O  O   . MET A 1 4   ? -11.109 16.053  -0.700  1.000 14.514  ? 43  MET AAA O   1 ? 
ATOM   25   C  CB  . MET A 1 4   ? -11.243 18.964  -1.422  1.000 15.230  ? 43  MET AAA CB  1 ? 
ATOM   26   C  CG  . MET A 1 4   ? -11.880 20.335  -1.234  1.000 14.469  ? 43  MET AAA CG  1 ? 
ATOM   27   S  SD  . MET A 1 4   ? -12.630 20.989  -2.735  1.000 18.527  ? 43  MET AAA SD  1 ? 
ATOM   28   C  CE  . MET A 1 4   ? -11.510 20.465  -4.005  1.000 22.451  ? 43  MET AAA CE  1 ? 
ATOM   29   N  N   . ASN A 1 5   ? -9.141  16.687  0.239   1.000 11.536  ? 44  ASN AAA N   1 ? 
ATOM   30   C  CA  . ASN A 1 5   ? -8.652  15.322  0.352   1.000 10.705  ? 44  ASN AAA CA  1 ? 
ATOM   31   C  C   . ASN A 1 5   ? -8.875  14.869  1.783   1.000 11.459  ? 44  ASN AAA C   1 ? 
ATOM   32   O  O   . ASN A 1 5   ? -8.783  15.656  2.712   1.000 12.688  ? 44  ASN AAA O   1 ? 
ATOM   33   C  CB  . ASN A 1 5   ? -7.157  15.236  0.016   1.000 11.777  ? 44  ASN AAA CB  1 ? 
ATOM   34   C  CG  . ASN A 1 5   ? -6.858  15.450  -1.453  1.000 11.074  ? 44  ASN AAA CG  1 ? 
ATOM   35   O  OD1 . ASN A 1 5   ? -7.548  14.880  -2.298  1.000 13.365  ? 44  ASN AAA OD1 1 ? 
ATOM   36   N  ND2 . ASN A 1 5   ? -5.866  16.289  -1.732  1.000 12.445  ? 44  ASN AAA ND2 1 ? 
ATOM   37   N  N   . PRO A 1 6   ? -9.030  13.559  2.029   1.000 10.699  ? 45  PRO AAA N   1 ? 
ATOM   38   C  CA  . PRO A 1 6   ? -9.211  13.077  3.387   1.000 11.231  ? 45  PRO AAA CA  1 ? 
ATOM   39   C  C   . PRO A 1 6   ? -7.884  13.064  4.110   1.000 11.650  ? 45  PRO AAA C   1 ? 
ATOM   40   O  O   . PRO A 1 6   ? -6.798  13.058  3.527   1.000 12.929  ? 45  PRO AAA O   1 ? 
ATOM   41   C  CB  . PRO A 1 6   ? -9.710  11.640  3.197   1.000 12.251  ? 45  PRO AAA CB  1 ? 
ATOM   42   C  CG  . PRO A 1 6   ? -9.152  11.237  1.870   1.000 13.250  ? 45  PRO AAA CG  1 ? 
ATOM   43   C  CD  . PRO A 1 6   ? -9.123  12.485  1.019   1.000 11.240  ? 45  PRO AAA CD  1 ? 
ATOM   44   N  N   . PRO A 1 7   ? -7.949  13.042  5.454   1.000 12.033  ? 46  PRO AAA N   1 ? 
ATOM   45   C  CA  . PRO A 1 7   ? -6.723  12.799  6.211   1.000 13.163  ? 46  PRO AAA CA  1 ? 
ATOM   46   C  C   . PRO A 1 7   ? -6.124  11.445  5.821   1.000 13.851  ? 46  PRO AAA C   1 ? 
ATOM   47   O  O   . PRO A 1 7   ? -6.873  10.511  5.536   1.000 13.330  ? 46  PRO AAA O   1 ? 
ATOM   48   C  CB  . PRO A 1 7   ? -7.237  12.725  7.673   1.000 14.974  ? 46  PRO AAA CB  1 ? 
ATOM   49   C  CG  . PRO A 1 7   ? -8.714  12.975  7.677   1.000 18.550  ? 46  PRO AAA CG  1 ? 
ATOM   50   C  CD  . PRO A 1 7   ? -9.194  13.028  6.240   1.000 13.566  ? 46  PRO AAA CD  1 ? 
ATOM   51   N  N   . PRO A 1 8   ? -4.788  11.316  5.735   1.000 15.014  ? 47  PRO AAA N   1 ? 
ATOM   52   C  CA  . PRO A 1 8   ? -4.188  10.055  5.289   1.000 16.047  ? 47  PRO AAA CA  1 ? 
ATOM   53   C  C   . PRO A 1 8   ? -4.336  8.980   6.361   1.000 14.518  ? 47  PRO AAA C   1 ? 
ATOM   54   O  O   . PRO A 1 8   ? -4.674  9.272   7.507   1.000 16.333  ? 47  PRO AAA O   1 ? 
ATOM   55   C  CB  . PRO A 1 8   ? -2.724  10.446  5.050   1.000 19.125  ? 47  PRO AAA CB  1 ? 
ATOM   56   C  CG  . PRO A 1 8   ? -2.515  11.541  6.073   1.000 20.270  ? 47  PRO AAA CG  1 ? 
ATOM   57   C  CD  . PRO A 1 8   ? -3.784  12.367  6.004   1.000 19.338  ? 47  PRO AAA CD  1 ? 
ATOM   58   N  N   . PRO A 1 9   ? -4.117  7.695   6.051   1.000 13.369  ? 48  PRO AAA N   1 ? 
ATOM   59   C  CA  . PRO A 1 9   ? -4.250  6.646   7.066   1.000 12.376  ? 48  PRO AAA CA  1 ? 
ATOM   60   C  C   . PRO A 1 9   ? -3.226  6.875   8.183   1.000 12.602  ? 48  PRO AAA C   1 ? 
ATOM   61   O  O   . PRO A 1 9   ? -2.127  7.322   7.951   1.000 14.330  ? 48  PRO AAA O   1 ? 
ATOM   62   C  CB  . PRO A 1 9   ? -3.946  5.351   6.273   1.000 12.643  ? 48  PRO AAA CB  1 ? 
ATOM   63   C  CG  . PRO A 1 9   ? -4.220  5.751   4.817   1.000 13.334  ? 48  PRO AAA CG  1 ? 
ATOM   64   C  CD  . PRO A 1 9   ? -3.775  7.183   4.700   1.000 13.620  ? 48  PRO AAA CD  1 ? 
ATOM   65   N  N   . GLU A 1 10  ? -3.616  6.428   9.376   1.000 13.277  ? 49  GLU AAA N   1 ? 
ATOM   66   C  CA  . GLU A 1 10  ? -2.790  6.444   10.587  1.000 13.746  ? 49  GLU AAA CA  1 ? 
ATOM   67   C  C   . GLU A 1 10  ? -1.479  5.693   10.340  1.000 13.505  ? 49  GLU AAA C   1 ? 
ATOM   68   O  O   . GLU A 1 10  ? -1.543  4.577   9.817   1.000 13.583  ? 49  GLU AAA O   1 ? 
ATOM   69   C  CB  . GLU A 1 10  ? -3.573  5.712   11.703  1.000 15.740  ? 49  GLU AAA CB  1 ? 
ATOM   70   C  CG  . GLU A 1 10  ? -2.942  5.825   13.082  1.000 19.527  ? 49  GLU AAA CG  1 ? 
ATOM   71   C  CD  . GLU A 1 10  ? -3.832  5.151   14.097  1.000 18.183  ? 49  GLU AAA CD  1 ? 
ATOM   72   O  OE1 . GLU A 1 10  ? -4.509  5.886   14.864  1.000 21.440  ? 49  GLU AAA OE1 1 ? 
ATOM   73   O  OE2 . GLU A 1 10  ? -3.819  3.908   14.196  1.000 16.151  ? 49  GLU AAA OE2 1 ? 
ATOM   74   N  N   . THR A 1 11  ? -0.326  6.268   10.757  1.000 12.456  ? 50  THR AAA N   1 ? 
ATOM   75   C  CA  . THR A 1 11  ? 0.935   5.533   10.758  1.000 13.400  ? 50  THR AAA CA  1 ? 
ATOM   76   C  C   . THR A 1 11  ? 1.574   5.487   12.147  1.000 12.418  ? 50  THR AAA C   1 ? 
ATOM   77   O  O   . THR A 1 11  ? 2.634   4.865   12.272  1.000 13.314  ? 50  THR AAA O   1 ? 
ATOM   78   C  CB  . THR A 1 11  ? 1.929   6.105   9.751   1.000 14.340  ? 50  THR AAA CB  1 ? 
ATOM   79   O  OG1 . THR A 1 11  ? 2.190   7.449   10.163  1.000 19.068  ? 50  THR AAA OG1 1 ? 
ATOM   80   C  CG2 . THR A 1 11  ? 1.374   6.113   8.340   1.000 15.884  ? 50  THR AAA CG2 1 ? 
ATOM   81   N  N   . SER A 1 12  ? 0.918   6.087   13.135  1.000 12.962  ? 51  SER AAA N   1 ? 
ATOM   82   C  CA  . SER A 1 12  ? 1.477   6.154   14.485  1.000 14.210  ? 51  SER AAA CA  1 ? 
ATOM   83   C  C   . SER A 1 12  ? 0.313   6.134   15.453  1.000 15.033  ? 51  SER AAA C   1 ? 
ATOM   84   O  O   . SER A 1 12  ? -0.682  6.826   15.216  1.000 16.410  ? 51  SER AAA O   1 ? 
ATOM   85   C  CB  . SER A 1 12  ? 2.272   7.455   14.616  1.000 17.215  ? 51  SER AAA CB  1 ? 
ATOM   86   O  OG  . SER A 1 12  ? 2.685   7.666   15.972  1.000 21.892  ? 51  SER AAA OG  1 ? 
ATOM   87   N  N   . ASN A 1 13  ? 0.441   5.370   16.544  1.000 12.786  ? 52  ASN AAA N   1 ? 
ATOM   88   C  CA  . ASN A 1 13  ? -0.562  5.413   17.599  1.000 13.405  ? 52  ASN AAA CA  1 ? 
ATOM   89   C  C   . ASN A 1 13  ? 0.030   4.675   18.790  1.000 12.274  ? 52  ASN AAA C   1 ? 
ATOM   90   O  O   . ASN A 1 13  ? 0.068   3.452   18.754  1.000 11.735  ? 52  ASN AAA O   1 ? 
ATOM   91   C  CB  . ASN A 1 13  ? -1.888  4.723   17.228  1.000 14.807  ? 52  ASN AAA CB  1 ? 
ATOM   92   C  CG  . ASN A 1 13  ? -2.922  4.874   18.332  1.000 14.637  ? 52  ASN AAA CG  1 ? 
ATOM   93   O  OD1 . ASN A 1 13  ? -2.615  5.167   19.480  1.000 16.450  ? 52  ASN AAA OD1 1 ? 
ATOM   94   N  ND2 . ASN A 1 13  ? -4.178  4.687   17.985  1.000 22.625  ? 52  ASN AAA ND2 1 ? 
ATOM   95   N  N   . PRO A 1 14  ? 0.455   5.342   19.874  1.000 12.560  ? 53  PRO AAA N   1 ? 
ATOM   96   C  CA  . PRO A 1 14  ? 1.006   4.629   21.020  1.000 14.208  ? 53  PRO AAA CA  1 ? 
ATOM   97   C  C   . PRO A 1 14  ? 0.088   3.615   21.689  1.000 13.452  ? 53  PRO AAA C   1 ? 
ATOM   98   O  O   . PRO A 1 14  ? 0.574   2.730   22.381  1.000 16.406  ? 53  PRO AAA O   1 ? 
ATOM   99   C  CB  . PRO A 1 14  ? 1.370   5.736   22.018  1.000 15.687  ? 53  PRO AAA CB  1 ? 
ATOM   100  C  CG  . PRO A 1 14  ? 1.431   6.980   21.183  1.000 17.286  ? 53  PRO AAA CG  1 ? 
ATOM   101  C  CD  . PRO A 1 14  ? 0.483   6.809   20.009  1.000 14.634  ? 53  PRO AAA CD  1 ? 
ATOM   102  N  N   . ASN A 1 15  ? -1.214  3.691   21.457  1.000 12.159  ? 54  ASN AAA N   1 ? 
ATOM   103  C  CA  . ASN A 1 15  ? -2.116  2.755   22.114  1.000 13.005  ? 54  ASN AAA CA  1 ? 
ATOM   104  C  C   . ASN A 1 15  ? -2.204  1.429   21.374  1.000 12.704  ? 54  ASN AAA C   1 ? 
ATOM   105  O  O   . ASN A 1 15  ? -2.758  0.464   21.917  1.000 14.582  ? 54  ASN AAA O   1 ? 
ATOM   106  C  CB  . ASN A 1 15  ? -3.511  3.334   22.286  1.000 13.802  ? 54  ASN AAA CB  1 ? 
ATOM   107  C  CG  . ASN A 1 15  ? -3.503  4.535   23.199  1.000 14.671  ? 54  ASN AAA CG  1 ? 
ATOM   108  O  OD1 . ASN A 1 15  ? -2.849  4.551   24.251  1.000 17.072  ? 54  ASN AAA OD1 1 ? 
ATOM   109  N  ND2 . ASN A 1 15  ? -4.212  5.556   22.794  1.000 16.945  ? 54  ASN AAA ND2 1 ? 
ATOM   110  N  N   . LYS A 1 16  ? -1.739  1.393   20.129  1.000 11.894  ? 55  LYS AAA N   1 ? 
ATOM   111  C  CA  . LYS A 1 16  ? -1.828  0.152   19.347  1.000 12.411  ? 55  LYS AAA CA  1 ? 
ATOM   112  C  C   . LYS A 1 16  ? -0.623  -0.735  19.673  1.000 11.443  ? 55  LYS AAA C   1 ? 
ATOM   113  O  O   . LYS A 1 16  ? 0.536   -0.332  19.555  1.000 12.746  ? 55  LYS AAA O   1 ? 
ATOM   114  C  CB  . LYS A 1 16  ? -1.802  0.472   17.847  1.000 11.860  ? 55  LYS AAA CB  1 ? 
ATOM   115  C  CG  . LYS A 1 16  ? -1.956  -0.749  16.927  1.000 12.318  ? 55  LYS AAA CG  1 ? 
ATOM   116  C  CD  . LYS A 1 16  ? -1.795  -0.379  15.455  1.000 11.999  ? 55  LYS AAA CD  1 ? 
ATOM   117  C  CE  . LYS A 1 16  ? -2.194  -1.497  14.514  1.000 12.560  ? 55  LYS AAA CE  1 ? 
ATOM   118  N  NZ  . LYS A 1 16  ? -1.221  -2.608  14.562  1.000 11.490  ? 55  LYS AAA NZ  1 ? 
ATOM   119  N  N   . PRO A 1 17  ? -0.829  -2.008  20.106  1.000 12.780  ? 56  PRO AAA N   1 ? 
ATOM   120  C  CA  . PRO A 1 17  ? 0.315   -2.893  20.381  1.000 13.603  ? 56  PRO AAA CA  1 ? 
ATOM   121  C  C   . PRO A 1 17  ? 1.090   -3.211  19.090  1.000 11.512  ? 56  PRO AAA C   1 ? 
ATOM   122  O  O   . PRO A 1 17  ? 0.494   -3.375  18.046  1.000 13.721  ? 56  PRO AAA O   1 ? 
ATOM   123  C  CB  . PRO A 1 17  ? -0.366  -4.097  21.073  1.000 13.809  ? 56  PRO AAA CB  1 ? 
ATOM   124  C  CG  . PRO A 1 17  ? -1.748  -4.073  20.541  1.000 17.784  ? 56  PRO AAA CG  1 ? 
ATOM   125  C  CD  . PRO A 1 17  ? -2.126  -2.605  20.431  1.000 12.848  ? 56  PRO AAA CD  1 ? 
ATOM   126  N  N   . LYS A 1 18  ? 2.408   -3.325  19.209  1.000 13.865  ? 57  LYS AAA N   1 ? 
ATOM   127  C  CA  . LYS A 1 18  ? 3.313   -3.410  18.056  1.000 14.190  ? 57  LYS AAA CA  1 ? 
ATOM   128  C  C   . LYS A 1 18  ? 4.291   -4.541  18.272  1.000 14.576  ? 57  LYS AAA C   1 ? 
ATOM   129  O  O   . LYS A 1 18  ? 4.623   -4.840  19.416  1.000 14.790  ? 57  LYS AAA O   1 ? 
ATOM   130  C  CB  . LYS A 1 18  ? 4.242   -2.174  17.944  1.000 17.935  ? 57  LYS AAA CB  1 ? 
ATOM   131  C  CG  . LYS A 1 18  ? 3.621   -0.836  18.280  1.000 16.973  ? 57  LYS AAA CG  1 ? 
ATOM   132  C  CD  . LYS A 1 18  ? 3.818   0.294   17.298  1.000 19.626  ? 57  LYS AAA CD  1 ? 
ATOM   133  C  CE  . LYS A 1 18  ? 2.520   1.038   17.026  1.000 18.140  ? 57  LYS AAA CE  1 ? 
ATOM   134  N  NZ  . LYS A 1 18  ? 2.026   1.559   18.316  1.000 13.740  ? 57  LYS AAA NZ  1 ? 
ATOM   135  N  N   . ARG A 1 19  ? 4.807   -5.096  17.182  1.000 14.052  ? 58  ARG AAA N   1 ? 
ATOM   136  C  CA  . ARG A 1 19  ? 5.807   -6.132  17.324  1.000 15.194  ? 58  ARG AAA CA  1 ? 
ATOM   137  C  C   . ARG A 1 19  ? 6.672   -6.048  16.077  1.000 16.369  ? 58  ARG AAA C   1 ? 
ATOM   138  O  O   . ARG A 1 19  ? 6.220   -5.554  15.062  1.000 19.141  ? 58  ARG AAA O   1 ? 
ATOM   139  C  CB  . ARG A 1 19  ? 4.991   -7.438  17.477  1.000 21.353  ? 58  ARG AAA CB  1 ? 
ATOM   140  C  CG  . ARG A 1 19  ? 5.730   -8.735  17.744  1.000 23.971  ? 58  ARG AAA CG  1 ? 
ATOM   141  C  CD  . ARG A 1 19  ? 4.517   -9.617  17.966  1.000 15.743  ? 58  ARG AAA CD  1 ? 
ATOM   142  N  NE  . ARG A 1 19  ? 3.692   -10.004 16.834  1.000 13.239  ? 58  ARG AAA NE  1 ? 
ATOM   143  C  CZ  . ARG A 1 19  ? 3.313   -11.242 16.629  1.000 12.717  ? 58  ARG AAA CZ  1 ? 
ATOM   144  N  NH1 . ARG A 1 19  ? 3.575   -12.171 17.538  1.000 15.511  ? 58  ARG AAA NH1 1 ? 
ATOM   145  N  NH2 . ARG A 1 19  ? 2.590   -11.560 15.551  1.000 14.233  ? 58  ARG AAA NH2 1 ? 
ATOM   146  N  N   . GLN A 1 20  ? 7.931   -6.455  16.198  1.000 18.161  ? 59  GLN AAA N   1 ? 
ATOM   147  C  CA  . GLN A 1 20  ? 8.777   -6.710  15.047  1.000 21.024  ? 59  GLN AAA CA  1 ? 
ATOM   148  C  C   . GLN A 1 20  ? 8.806   -8.232  14.941  1.000 21.265  ? 59  GLN AAA C   1 ? 
ATOM   149  O  O   . GLN A 1 20  ? 8.970   -8.929  15.947  1.000 26.211  ? 59  GLN AAA O   1 ? 
ATOM   150  C  CB  . GLN A 1 20  ? 10.164  -6.121  15.327  1.000 26.570  ? 59  GLN AAA CB  1 ? 
ATOM   151  C  CG  . GLN A 1 20  ? 10.175  -4.599  15.315  1.000 31.845  ? 59  GLN AAA CG  1 ? 
ATOM   152  C  CD  . GLN A 1 20  ? 11.455  -3.944  15.776  1.000 37.555  ? 59  GLN AAA CD  1 ? 
ATOM   153  O  OE1 . GLN A 1 20  ? 12.132  -3.270  15.005  1.000 44.603  ? 59  GLN AAA OE1 1 ? 
ATOM   154  N  NE2 . GLN A 1 20  ? 11.801  -4.137  17.040  1.000 42.032  ? 59  GLN AAA NE2 1 ? 
ATOM   155  N  N   . THR A 1 21  ? 8.425   -8.762  13.785  1.000 15.652  ? 60  THR AAA N   1 ? 
ATOM   156  C  CA  . THR A 1 21  ? 8.574   -10.191 13.576  1.000 14.402  ? 60  THR AAA CA  1 ? 
ATOM   157  C  C   . THR A 1 21  ? 9.497   -10.366 12.379  1.000 13.423  ? 60  THR AAA C   1 ? 
ATOM   158  O  O   . THR A 1 21  ? 9.699   -9.429  11.602  1.000 14.044  ? 60  THR AAA O   1 ? 
ATOM   159  C  CB  . THR A 1 21  ? 7.237   -10.910 13.303  1.000 14.347  ? 60  THR AAA CB  1 ? 
ATOM   160  O  OG1 . THR A 1 21  ? 6.713   -10.525 12.030  1.000 14.514  ? 60  THR AAA OG1 1 ? 
ATOM   161  C  CG2 . THR A 1 21  ? 6.178   -10.682 14.374  1.000 15.734  ? 60  THR AAA CG2 1 ? 
ATOM   162  N  N   . ASN A 1 22  ? 10.039  -11.572 12.226  1.000 13.481  ? 61  ASN AAA N   1 ? 
ATOM   163  C  CA  . ASN A 1 22  ? 10.860  -11.868 11.061  1.000 13.776  ? 61  ASN AAA CA  1 ? 
ATOM   164  C  C   . ASN A 1 22  ? 10.047  -11.645 9.778   1.000 12.110  ? 61  ASN AAA C   1 ? 
ATOM   165  O  O   . ASN A 1 22  ? 10.595  -11.218 8.754   1.000 13.641  ? 61  ASN AAA O   1 ? 
ATOM   166  C  CB  . ASN A 1 22  ? 11.457  -13.289 11.116  1.000 15.888  ? 61  ASN AAA CB  1 ? 
ATOM   167  C  CG  . ASN A 1 22  ? 10.413  -14.381 11.015  1.000 16.636  ? 61  ASN AAA CG  1 ? 
ATOM   168  O  OD1 . ASN A 1 22  ? 9.405   -14.305 11.705  1.000 18.546  ? 61  ASN AAA OD1 1 ? 
ATOM   169  N  ND2 . ASN A 1 22  ? 10.665  -15.398 10.194  1.000 17.870  ? 61  ASN AAA ND2 1 ? 
ATOM   170  N  N   . GLN A 1 23  ? 8.746   -11.978 9.794   1.000 12.168  ? 62  GLN AAA N   1 ? 
ATOM   171  C  CA  . GLN A 1 23  ? 7.916   -11.775 8.599   1.000 12.302  ? 62  GLN AAA CA  1 ? 
ATOM   172  C  C   . GLN A 1 23  ? 7.781   -10.284 8.259   1.000 12.201  ? 62  GLN AAA C   1 ? 
ATOM   173  O  O   . GLN A 1 23  ? 7.842   -9.920  7.093   1.000 12.350  ? 62  GLN AAA O   1 ? 
ATOM   174  C  CB  . GLN A 1 23  ? 6.519   -12.355 8.807   1.000 12.069  ? 62  GLN AAA CB  1 ? 
ATOM   175  C  CG  . GLN A 1 23  ? 6.569   -13.883 8.990   1.000 13.390  ? 62  GLN AAA CG  1 ? 
ATOM   176  C  CD  . GLN A 1 23  ? 5.174   -14.449 9.044   1.000 14.874  ? 62  GLN AAA CD  1 ? 
ATOM   177  O  OE1 . GLN A 1 23  ? 4.271   -13.824 9.595   1.000 17.359  ? 62  GLN AAA OE1 1 ? 
ATOM   178  N  NE2 . GLN A 1 23  ? 4.991   -15.607 8.433   1.000 15.980  ? 62  GLN AAA NE2 1 ? 
ATOM   179  N  N   . LEU A 1 24  ? 7.604   -9.447  9.295   1.000 12.839  ? 63  LEU AAA N   1 ? 
ATOM   180  C  CA  . LEU A 1 24  ? 7.508   -8.012  9.073   1.000 12.265  ? 63  LEU AAA CA  1 ? 
ATOM   181  C  C   . LEU A 1 24  ? 8.842   -7.451  8.576   1.000 12.606  ? 63  LEU AAA C   1 ? 
ATOM   182  O  O   . LEU A 1 24  ? 8.873   -6.567  7.722   1.000 13.435  ? 63  LEU AAA O   1 ? 
ATOM   183  C  CB  . LEU A 1 24  ? 6.998   -7.308  10.334  1.000 12.831  ? 63  LEU AAA CB  1 ? 
ATOM   184  C  CG  . LEU A 1 24  ? 5.485   -7.422  10.507  1.000 12.910  ? 63  LEU AAA CG  1 ? 
ATOM   185  C  CD1 . LEU A 1 24  ? 5.090   -7.167  11.960  1.000 12.991  ? 63  LEU AAA CD1 1 ? 
ATOM   186  C  CD2 . LEU A 1 24  ? 4.735   -6.474  9.579   1.000 13.186  ? 63  LEU AAA CD2 1 ? 
ATOM   187  N  N   . GLN A 1 25  ? 9.957   -7.948  9.127   1.000 13.302  ? 64  GLN AAA N   1 ? 
ATOM   188  C  CA  . GLN A 1 25  ? 11.264  -7.538  8.631   1.000 14.486  ? 64  GLN AAA CA  1 ? 
ATOM   189  C  C   . GLN A 1 25  ? 11.390  -7.885  7.152   1.000 14.019  ? 64  GLN AAA C   1 ? 
ATOM   190  O  O   . GLN A 1 25  ? 11.881  -7.062  6.374   1.000 15.229  ? 64  GLN AAA O   1 ? 
ATOM   191  C  CB  . GLN A 1 25  ? 12.367  -8.245  9.413   1.000 17.148  ? 64  GLN AAA CB  1 ? 
ATOM   192  C  CG  . GLN A 1 25  ? 12.558  -7.636  10.804  1.000 20.122  ? 64  GLN AAA CG  1 ? 
ATOM   193  C  CD  . GLN A 1 25  ? 13.312  -8.481  11.807  0.500 23.491  ? 64  GLN AAA CD  1 ? 
ATOM   194  O  OE1 . GLN A 1 25  ? 13.651  -9.638  11.569  0.500 26.772  ? 64  GLN AAA OE1 1 ? 
ATOM   195  N  NE2 . GLN A 1 25  ? 13.571  -7.902  12.967  0.500 25.995  ? 64  GLN AAA NE2 1 ? 
ATOM   196  N  N   . TYR A 1 26  ? 10.948  -9.089  6.761   1.000 13.064  ? 65  TYR AAA N   1 ? 
ATOM   197  C  CA  . TYR A 1 26  ? 10.988  -9.472  5.352   1.000 12.542  ? 65  TYR AAA CA  1 ? 
ATOM   198  C  C   . TYR A 1 26  ? 10.119  -8.532  4.496   1.000 12.026  ? 65  TYR AAA C   1 ? 
ATOM   199  O  O   . TYR A 1 26  ? 10.478  -8.143  3.369   1.000 12.769  ? 65  TYR AAA O   1 ? 
ATOM   200  C  CB  . TYR A 1 26  ? 10.611  -10.960 5.276   1.000 13.845  ? 65  TYR AAA CB  1 ? 
ATOM   201  C  CG  . TYR A 1 26  ? 10.428  -11.467 3.866   1.000 13.514  ? 65  TYR AAA CG  1 ? 
ATOM   202  C  CD1 . TYR A 1 26  ? 9.183   -11.420 3.241   1.000 13.914  ? 65  TYR AAA CD1 1 ? 
ATOM   203  C  CD2 . TYR A 1 26  ? 11.465  -12.108 3.190   1.000 14.828  ? 65  TYR AAA CD2 1 ? 
ATOM   204  C  CE1 . TYR A 1 26  ? 9.001   -11.905 1.960   1.000 15.379  ? 65  TYR AAA CE1 1 ? 
ATOM   205  C  CE2 . TYR A 1 26  ? 11.311  -12.570 1.883   1.000 15.510  ? 65  TYR AAA CE2 1 ? 
ATOM   206  C  CZ  . TYR A 1 26  ? 10.061  -12.494 1.289   1.000 15.168  ? 65  TYR AAA CZ  1 ? 
ATOM   207  O  OH  . TYR A 1 26  ? 9.867   -12.980 0.033   1.000 17.085  ? 65  TYR AAA OH  1 ? 
ATOM   208  N  N   . LEU A 1 27  ? 8.932   -8.192  5.012   1.000 12.283  ? 66  LEU AAA N   1 ? 
ATOM   209  C  CA  . LEU A 1 27  ? 8.057   -7.292  4.264   1.000 12.583  ? 66  LEU AAA CA  1 ? 
ATOM   210  C  C   . LEU A 1 27  ? 8.704   -5.919  4.046   1.000 12.328  ? 66  LEU AAA C   1 ? 
ATOM   211  O  O   . LEU A 1 27  ? 8.503   -5.329  2.987   1.000 15.062  ? 66  LEU AAA O   1 ? 
ATOM   212  C  CB  . LEU A 1 27  ? 6.727   -7.156  5.019   1.000 12.443  ? 66  LEU AAA CB  1 ? 
ATOM   213  C  CG  . LEU A 1 27  ? 5.768   -8.322  4.770   1.000 12.783  ? 66  LEU AAA CG  1 ? 
ATOM   214  C  CD1 . LEU A 1 27  ? 4.691   -8.420  5.842   1.000 15.487  ? 66  LEU AAA CD1 1 ? 
ATOM   215  C  CD2 . LEU A 1 27  ? 5.136   -8.239  3.393   1.000 16.937  ? 66  LEU AAA CD2 1 ? 
ATOM   216  N  N   . LEU A 1 28  ? 9.523   -5.426  4.960   1.000 12.667  ? 67  LEU AAA N   1 ? 
ATOM   217  C  CA  . LEU A 1 28  ? 10.181  -4.150  4.715   1.000 13.552  ? 67  LEU AAA CA  1 ? 
ATOM   218  C  C   . LEU A 1 28  ? 11.409  -4.337  3.811   1.000 14.254  ? 67  LEU AAA C   1 ? 
ATOM   219  O  O   . LEU A 1 28  ? 11.548  -3.629  2.801   1.000 15.677  ? 67  LEU AAA O   1 ? 
ATOM   220  C  CB  . LEU A 1 28  ? 10.535  -3.533  6.068   1.000 15.211  ? 67  LEU AAA CB  1 ? 
ATOM   221  C  CG  . LEU A 1 28  ? 11.374  -2.258  6.025   1.000 16.301  ? 67  LEU AAA CG  1 ? 
ATOM   222  C  CD1 . LEU A 1 28  ? 10.720  -1.164  5.193   1.000 17.015  ? 67  LEU AAA CD1 1 ? 
ATOM   223  C  CD2 . LEU A 1 28  ? 11.626  -1.790  7.438   1.000 18.747  ? 67  LEU AAA CD2 1 ? 
ATOM   224  N  N   . ARG A 1 29  ? 12.277  -5.300  4.166   1.000 14.447  ? 68  ARG AAA N   1 ? 
ATOM   225  C  CA  . ARG A 1 29  ? 13.618  -5.375  3.590   1.000 16.914  ? 68  ARG AAA CA  1 ? 
ATOM   226  C  C   . ARG A 1 29  ? 13.591  -6.047  2.225   1.000 17.070  ? 68  ARG AAA C   1 ? 
ATOM   227  O  O   . ARG A 1 29  ? 14.500  -5.821  1.419   1.000 18.799  ? 68  ARG AAA O   1 ? 
ATOM   228  C  CB  . ARG A 1 29  ? 14.575  -6.155  4.490   1.000 19.403  ? 68  ARG AAA CB  1 ? 
ATOM   229  C  CG  . ARG A 1 29  ? 14.799  -5.513  5.845   1.000 23.378  ? 68  ARG AAA CG  1 ? 
ATOM   230  C  CD  . ARG A 1 29  ? 15.599  -6.440  6.743   1.000 31.105  ? 68  ARG AAA CD  1 ? 
ATOM   231  N  NE  . ARG A 1 29  ? 15.805  -5.903  8.077   0.500 32.550  ? 68  ARG AAA NE  1 ? 
ATOM   232  C  CZ  . ARG A 1 29  ? 16.660  -4.933  8.381   0.500 35.324  ? 68  ARG AAA CZ  1 ? 
ATOM   233  N  NH1 . ARG A 1 29  ? 17.393  -4.368  7.435   0.500 37.349  ? 68  ARG AAA NH1 1 ? 
ATOM   234  N  NH2 . ARG A 1 29  ? 16.777  -4.528  9.632   0.500 35.872  ? 68  ARG AAA NH2 1 ? 
ATOM   235  N  N   . VAL A 1 30  ? 12.601  -6.890  1.958   1.000 15.099  ? 69  VAL AAA N   1 ? 
ATOM   236  C  CA  . VAL A 1 30  ? 12.501  -7.569  0.680   1.000 15.604  ? 69  VAL AAA CA  1 ? 
ATOM   237  C  C   . VAL A 1 30  ? 11.293  -7.082  -0.127  1.000 16.165  ? 69  VAL AAA C   1 ? 
ATOM   238  O  O   . VAL A 1 30  ? 11.430  -6.677  -1.288  1.000 16.968  ? 69  VAL AAA O   1 ? 
ATOM   239  C  CB  . VAL A 1 30  ? 12.525  -9.108  0.845   1.000 16.000  ? 69  VAL AAA CB  1 ? 
ATOM   240  C  CG1 . VAL A 1 30  ? 12.417  -9.767  -0.526  1.000 15.716  ? 69  VAL AAA CG1 1 ? 
ATOM   241  C  CG2 . VAL A 1 30  ? 13.811  -9.584  1.527   1.000 16.616  ? 69  VAL AAA CG2 1 ? 
ATOM   242  N  N   . VAL A 1 31  ? 10.082  -7.171  0.427   1.000 15.776  ? 70  VAL AAA N   1 ? 
ATOM   243  C  CA  . VAL A 1 31  ? 8.895   -6.934  -0.368  1.000 14.561  ? 70  VAL AAA CA  1 ? 
ATOM   244  C  C   . VAL A 1 31  ? 8.762   -5.438  -0.704  1.000 14.137  ? 70  VAL AAA C   1 ? 
ATOM   245  O  O   . VAL A 1 31  ? 8.672   -5.096  -1.881  1.000 14.807  ? 70  VAL AAA O   1 ? 
ATOM   246  C  CB  . VAL A 1 31  ? 7.630   -7.486  0.332   1.000 14.085  ? 70  VAL AAA CB  1 ? 
ATOM   247  C  CG1 . VAL A 1 31  ? 6.387   -7.301  -0.548  1.000 15.525  ? 70  VAL AAA CG1 1 ? 
ATOM   248  C  CG2 . VAL A 1 31  ? 7.812   -8.973  0.670   1.000 16.064  ? 70  VAL AAA CG2 1 ? 
ATOM   249  N  N   . LEU A 1 32  ? 8.720   -4.581  0.326   1.000 14.122  ? 71  LEU AAA N   1 ? 
ATOM   250  C  CA  . LEU A 1 32  ? 8.536   -3.149  0.062   1.000 14.622  ? 71  LEU AAA CA  1 ? 
ATOM   251  C  C   . LEU A 1 32  ? 9.725   -2.657  -0.759  1.000 16.090  ? 71  LEU AAA C   1 ? 
ATOM   252  O  O   . LEU A 1 32  ? 9.526   -1.917  -1.722  1.000 15.773  ? 71  LEU AAA O   1 ? 
ATOM   253  C  CB  . LEU A 1 32  ? 8.414   -2.405  1.402   1.000 15.859  ? 71  LEU AAA CB  1 ? 
ATOM   254  C  CG  . LEU A 1 32  ? 8.102   -0.898  1.354   1.000 17.711  ? 71  LEU AAA CG  1 ? 
ATOM   255  C  CD1 . LEU A 1 32  ? 9.307   -0.011  1.163   1.000 21.786  ? 71  LEU AAA CD1 1 ? 
ATOM   256  C  CD2 . LEU A 1 32  ? 6.953   -0.540  0.436   1.000 18.647  ? 71  LEU AAA CD2 1 ? 
ATOM   257  N  N   . LYS A 1 33  ? 10.943  -3.045  -0.360  1.000 16.980  ? 72  LYS AAA N   1 ? 
ATOM   258  C  CA  . LYS A 1 33  ? 12.143  -2.596  -1.056  1.000 19.788  ? 72  LYS AAA CA  1 ? 
ATOM   259  C  C   . LYS A 1 33  ? 12.033  -2.918  -2.545  1.000 19.264  ? 72  LYS AAA C   1 ? 
ATOM   260  O  O   . LYS A 1 33  ? 12.297  -2.051  -3.386  1.000 21.492  ? 72  LYS AAA O   1 ? 
ATOM   261  C  CB  . LYS A 1 33  ? 13.374  -3.248  -0.411  1.000 22.393  ? 72  LYS AAA CB  1 ? 
ATOM   262  C  CG  . LYS A 1 33  ? 14.715  -2.822  -0.999  0.500 20.731  ? 72  LYS AAA CG  1 ? 
ATOM   263  C  CD  . LYS A 1 33  ? 15.784  -3.895  -0.911  0.500 24.145  ? 72  LYS AAA CD  1 ? 
ATOM   264  C  CE  . LYS A 1 33  ? 15.839  -4.823  -2.108  0.500 26.745  ? 72  LYS AAA CE  1 ? 
ATOM   265  N  NZ  . LYS A 1 33  ? 17.071  -5.652  -2.117  0.500 25.591  ? 72  LYS AAA NZ  1 ? 
ATOM   266  N  N   . THR A 1 34  ? 11.608  -4.151  -2.891  1.000 16.829  ? 73  THR AAA N   1 ? 
ATOM   267  C  CA  . THR A 1 34  ? 11.489  -4.561  -4.284  1.000 17.536  ? 73  THR AAA CA  1 ? 
ATOM   268  C  C   . THR A 1 34  ? 10.440  -3.732  -5.031  1.000 16.731  ? 73  THR AAA C   1 ? 
ATOM   269  O  O   . THR A 1 34  ? 10.621  -3.328  -6.180  1.000 16.694  ? 73  THR AAA O   1 ? 
ATOM   270  C  CB  . THR A 1 34  ? 11.162  -6.059  -4.376  1.000 18.654  ? 73  THR AAA CB  1 ? 
ATOM   271  O  OG1 . THR A 1 34  ? 12.265  -6.787  -3.820  1.000 23.185  ? 73  THR AAA OG1 1 ? 
ATOM   272  C  CG2 . THR A 1 34  ? 10.975  -6.534  -5.802  1.000 24.445  ? 73  THR AAA CG2 1 ? 
ATOM   273  N  N   . LEU A 1 35  ? 9.257   -3.583  -4.442  1.000 15.402  ? 74  LEU AAA N   1 ? 
ATOM   274  C  CA  . LEU A 1 35  ? 8.201   -2.863  -5.137  1.000 15.024  ? 74  LEU AAA CA  1 ? 
ATOM   275  C  C   . LEU A 1 35  ? 8.486   -1.364  -5.238  1.000 13.536  ? 74  LEU AAA C   1 ? 
ATOM   276  O  O   . LEU A 1 35  ? 8.132   -0.755  -6.236  1.000 15.353  ? 74  LEU AAA O   1 ? 
ATOM   277  C  CB  . LEU A 1 35  ? 6.879   -3.078  -4.393  1.000 15.603  ? 74  LEU AAA CB  1 ? 
ATOM   278  C  CG  . LEU A 1 35  ? 6.065   -4.300  -4.818  1.000 22.428  ? 74  LEU AAA CG  1 ? 
ATOM   279  C  CD1 . LEU A 1 35  ? 6.831   -5.595  -4.687  1.000 25.639  ? 74  LEU AAA CD1 1 ? 
ATOM   280  C  CD2 . LEU A 1 35  ? 4.759   -4.384  -4.025  1.000 22.988  ? 74  LEU AAA CD2 1 ? 
ATOM   281  N  N   . TRP A 1 36  ? 9.084   -0.791  -4.203  1.000 13.431  ? 75  TRP AAA N   1 ? 
ATOM   282  C  CA  . TRP A 1 36  ? 9.282   0.653   -4.102  1.000 14.581  ? 75  TRP AAA CA  1 ? 
ATOM   283  C  C   . TRP A 1 36  ? 10.186  1.156   -5.220  1.000 15.650  ? 75  TRP AAA C   1 ? 
ATOM   284  O  O   . TRP A 1 36  ? 9.984   2.279   -5.693  1.000 16.822  ? 75  TRP AAA O   1 ? 
ATOM   285  C  CB  . TRP A 1 36  ? 9.893   1.015   -2.754  1.000 15.121  ? 75  TRP AAA CB  1 ? 
ATOM   286  C  CG  . TRP A 1 36  ? 9.983   2.495   -2.531  1.000 15.580  ? 75  TRP AAA CG  1 ? 
ATOM   287  C  CD1 . TRP A 1 36  ? 11.073  3.301   -2.744  1.000 16.896  ? 75  TRP AAA CD1 1 ? 
ATOM   288  C  CD2 . TRP A 1 36  ? 8.943   3.351   -2.024  1.000 14.236  ? 75  TRP AAA CD2 1 ? 
ATOM   289  N  NE1 . TRP A 1 36  ? 10.766  4.608   -2.424  1.000 17.505  ? 75  TRP AAA NE1 1 ? 
ATOM   290  C  CE2 . TRP A 1 36  ? 9.477   4.661   -1.942  1.000 15.290  ? 75  TRP AAA CE2 1 ? 
ATOM   291  C  CE3 . TRP A 1 36  ? 7.621   3.142   -1.600  1.000 13.203  ? 75  TRP AAA CE3 1 ? 
ATOM   292  C  CZ2 . TRP A 1 36  ? 8.721   5.761   -1.530  1.000 15.074  ? 75  TRP AAA CZ2 1 ? 
ATOM   293  C  CZ3 . TRP A 1 36  ? 6.903   4.221   -1.143  1.000 13.519  ? 75  TRP AAA CZ3 1 ? 
ATOM   294  C  CH2 . TRP A 1 36  ? 7.438   5.519   -1.087  1.000 14.457  ? 75  TRP AAA CH2 1 ? 
ATOM   295  N  N   . LYS A 1 37  ? 11.120  0.306   -5.674  1.000 16.546  ? 76  LYS AAA N   1 ? 
ATOM   296  C  CA  . LYS A 1 37  ? 12.138  0.741   -6.629  1.000 17.340  ? 76  LYS AAA CA  1 ? 
ATOM   297  C  C   . LYS A 1 37  ? 11.763  0.330   -8.045  1.000 18.226  ? 76  LYS AAA C   1 ? 
ATOM   298  O  O   . LYS A 1 37  ? 12.468  0.633   -9.006  1.000 19.670  ? 76  LYS AAA O   1 ? 
ATOM   299  C  CB  . LYS A 1 37  ? 13.537  0.266   -6.203  1.000 21.066  ? 76  LYS AAA CB  1 ? 
ATOM   300  C  CG  . LYS A 1 37  ? 13.750  -1.243  -6.281  1.000 23.471  ? 76  LYS AAA CG  1 ? 
ATOM   301  C  CD  . LYS A 1 37  ? 15.174  -1.676  -5.841  1.000 28.758  ? 76  LYS AAA CD  1 ? 
ATOM   302  C  CE  . LYS A 1 37  ? 15.354  -3.154  -5.563  1.000 32.462  ? 76  LYS AAA CE  1 ? 
ATOM   303  N  NZ  . LYS A 1 37  ? 14.994  -4.000  -6.725  1.000 36.300  ? 76  LYS AAA NZ  1 ? 
ATOM   304  N  N   . HIS A 1 38  ? 10.618  -0.328  -8.216  1.000 15.969  ? 77  HIS AAA N   1 ? 
ATOM   305  C  CA  . HIS A 1 38  ? 10.163  -0.738  -9.523  1.000 14.969  ? 77  HIS AAA CA  1 ? 
ATOM   306  C  C   . HIS A 1 38  ? 9.834   0.471   -10.411 1.000 14.960  ? 77  HIS AAA C   1 ? 
ATOM   307  O  O   . HIS A 1 38  ? 9.354   1.483   -9.922  1.000 14.851  ? 77  HIS AAA O   1 ? 
ATOM   308  C  CB  . HIS A 1 38  ? 8.921   -1.630  -9.341  1.000 16.317  ? 77  HIS AAA CB  1 ? 
ATOM   309  C  CG  . HIS A 1 38  ? 8.529   -2.373  -10.560 1.000 15.660  ? 77  HIS AAA CG  1 ? 
ATOM   310  N  ND1 . HIS A 1 38  ? 7.791   -1.822  -11.583 1.000 15.382  ? 77  HIS AAA ND1 1 ? 
ATOM   311  C  CD2 . HIS A 1 38  ? 8.736   -3.672  -10.886 1.000 17.404  ? 77  HIS AAA CD2 1 ? 
ATOM   312  C  CE1 . HIS A 1 38  ? 7.536   -2.730  -12.490 1.000 18.862  ? 77  HIS AAA CE1 1 ? 
ATOM   313  N  NE2 . HIS A 1 38  ? 8.114   -3.901  -12.064 1.000 16.306  ? 77  HIS AAA NE2 1 ? 
ATOM   314  N  N   . GLN A 1 39  ? 10.058  0.334   -11.727 1.000 14.441  ? 78  GLN AAA N   1 ? 
ATOM   315  C  CA  . GLN A 1 39  ? 9.721   1.374   -12.696 1.000 15.773  ? 78  GLN AAA CA  1 ? 
ATOM   316  C  C   . GLN A 1 39  ? 8.294   1.897   -12.529 1.000 13.790  ? 78  GLN AAA C   1 ? 
ATOM   317  O  O   . GLN A 1 39  ? 8.000   3.075   -12.744 1.000 15.113  ? 78  GLN AAA O   1 ? 
ATOM   318  C  CB  . GLN A 1 39  ? 9.886   0.849   -14.135 1.000 15.864  ? 78  GLN AAA CB  1 ? 
ATOM   319  C  CG  . GLN A 1 39  ? 9.802   1.926   -15.216 1.000 19.041  ? 78  GLN AAA CG  1 ? 
ATOM   320  C  CD  . GLN A 1 39  ? 10.069  1.385   -16.599 1.000 21.386  ? 78  GLN AAA CD  1 ? 
ATOM   321  O  OE1 . GLN A 1 39  ? 10.948  1.883   -17.346 1.000 25.751  ? 78  GLN AAA OE1 1 ? 
ATOM   322  N  NE2 . GLN A 1 39  ? 9.330   0.354   -16.958 1.000 17.535  ? 78  GLN AAA NE2 1 ? 
ATOM   323  N  N   . PHE A 1 40  ? 7.374   0.991   -12.140 1.000 13.876  ? 79  PHE AAA N   1 ? 
ATOM   324  C  CA  . PHE A 1 40  ? 5.959   1.349   -12.083 1.000 13.326  ? 79  PHE AAA CA  1 ? 
ATOM   325  C  C   . PHE A 1 40  ? 5.472   1.746   -10.689 1.000 11.925  ? 79  PHE AAA C   1 ? 
ATOM   326  O  O   . PHE A 1 40  ? 4.252   1.872   -10.509 1.000 12.607  ? 79  PHE AAA O   1 ? 
ATOM   327  C  CB  . PHE A 1 40  ? 5.118   0.160   -12.549 1.000 13.813  ? 79  PHE AAA CB  1 ? 
ATOM   328  C  CG  . PHE A 1 40  ? 5.197   -0.179  -14.027 1.000 13.825  ? 79  PHE AAA CG  1 ? 
ATOM   329  C  CD1 . PHE A 1 40  ? 5.689   0.711   -14.991 1.000 14.580  ? 79  PHE AAA CD1 1 ? 
ATOM   330  C  CD2 . PHE A 1 40  ? 4.773   -1.444  -14.467 1.000 14.896  ? 79  PHE AAA CD2 1 ? 
ATOM   331  C  CE1 . PHE A 1 40  ? 5.690   0.368   -16.352 1.000 15.221  ? 79  PHE AAA CE1 1 ? 
ATOM   332  C  CE2 . PHE A 1 40  ? 4.773   -1.783  -15.813 1.000 17.605  ? 79  PHE AAA CE2 1 ? 
ATOM   333  C  CZ  . PHE A 1 40  ? 5.251   -0.891  -16.758 1.000 17.779  ? 79  PHE AAA CZ  1 ? 
ATOM   334  N  N   . ALA A 1 41  ? 6.394   1.962   -9.740  1.000 11.782  ? 80  ALA AAA N   1 ? 
ATOM   335  C  CA  . ALA A 1 41  ? 6.006   2.236   -8.356  1.000 12.345  ? 80  ALA AAA CA  1 ? 
ATOM   336  C  C   . ALA A 1 41  ? 5.389   3.624   -8.200  1.000 11.731  ? 80  ALA AAA C   1 ? 
ATOM   337  O  O   . ALA A 1 41  ? 4.582   3.813   -7.286  1.000 11.270  ? 80  ALA AAA O   1 ? 
ATOM   338  C  CB  . ALA A 1 41  ? 7.185   2.156   -7.421  1.000 13.631  ? 80  ALA AAA CB  1 ? 
ATOM   339  N  N   . TRP A 1 42  ? 5.801   4.620   -9.006  1.000 11.535  ? 81  TRP AAA N   1 ? 
ATOM   340  C  CA  . TRP A 1 42  ? 5.554   6.016   -8.660  1.000 11.910  ? 81  TRP AAA CA  1 ? 
ATOM   341  C  C   . TRP A 1 42  ? 4.069   6.360   -8.433  1.000 11.103  ? 81  TRP AAA C   1 ? 
ATOM   342  O  O   . TRP A 1 42  ? 3.800   7.183   -7.534  1.000 11.942  ? 81  TRP AAA O   1 ? 
ATOM   343  C  CB  . TRP A 1 42  ? 6.239   6.977   -9.674  1.000 11.316  ? 81  TRP AAA CB  1 ? 
ATOM   344  C  CG  . TRP A 1 42  ? 5.734   6.859   -11.087 1.000 12.294  ? 81  TRP AAA CG  1 ? 
ATOM   345  C  CD1 . TRP A 1 42  ? 6.256   6.056   -12.069 1.000 12.328  ? 81  TRP AAA CD1 1 ? 
ATOM   346  C  CD2 . TRP A 1 42  ? 4.603   7.527   -11.711 1.000 11.902  ? 81  TRP AAA CD2 1 ? 
ATOM   347  N  NE1 . TRP A 1 42  ? 5.542   6.167   -13.232 1.000 13.128  ? 81  TRP AAA NE1 1 ? 
ATOM   348  C  CE2 . TRP A 1 42  ? 4.534   7.084   -13.054 1.000 12.637  ? 81  TRP AAA CE2 1 ? 
ATOM   349  C  CE3 . TRP A 1 42  ? 3.662   8.480   -11.286 1.000 13.729  ? 81  TRP AAA CE3 1 ? 
ATOM   350  C  CZ2 . TRP A 1 42  ? 3.549   7.531   -13.941 1.000 13.928  ? 81  TRP AAA CZ2 1 ? 
ATOM   351  C  CZ3 . TRP A 1 42  ? 2.685   8.919   -12.165 1.000 14.308  ? 81  TRP AAA CZ3 1 ? 
ATOM   352  C  CH2 . TRP A 1 42  ? 2.632   8.453   -13.478 1.000 14.596  ? 81  TRP AAA CH2 1 ? 
ATOM   353  N  N   . PRO A 1 43  ? 3.062   5.824   -9.171  1.000 10.620  ? 82  PRO AAA N   1 ? 
ATOM   354  C  CA  . PRO A 1 43  ? 1.663   6.194   -8.880  1.000 11.302  ? 82  PRO AAA CA  1 ? 
ATOM   355  C  C   . PRO A 1 43  ? 1.207   5.722   -7.500  1.000 10.889  ? 82  PRO AAA C   1 ? 
ATOM   356  O  O   . PRO A 1 43  ? 0.159   6.174   -7.034  1.000 12.477  ? 82  PRO AAA O   1 ? 
ATOM   357  C  CB  . PRO A 1 43  ? 0.805   5.531   -9.955  1.000 10.739  ? 82  PRO AAA CB  1 ? 
ATOM   358  C  CG  . PRO A 1 43  ? 1.846   5.221   -11.066 1.000 12.070  ? 82  PRO AAA CG  1 ? 
ATOM   359  C  CD  . PRO A 1 43  ? 3.139   4.896   -10.341 1.000 11.183  ? 82  PRO AAA CD  1 ? 
ATOM   360  N  N   . PHE A 1 44  ? 1.958   4.794   -6.895  1.000 10.041  ? 83  PHE AAA N   1 ? 
ATOM   361  C  CA  . PHE A 1 44  ? 1.564   4.145   -5.649  1.000 10.259  ? 83  PHE AAA CA  1 ? 
ATOM   362  C  C   . PHE A 1 44  ? 2.377   4.619   -4.456  1.000 10.925  ? 83  PHE AAA C   1 ? 
ATOM   363  O  O   . PHE A 1 44  ? 2.161   4.104   -3.337  1.000 11.373  ? 83  PHE AAA O   1 ? 
ATOM   364  C  CB  . PHE A 1 44  ? 1.712   2.623   -5.821  1.000 10.574  ? 83  PHE AAA CB  1 ? 
ATOM   365  C  CG  . PHE A 1 44  ? 0.940   2.120   -7.010  1.000 10.199  ? 83  PHE AAA CG  1 ? 
ATOM   366  C  CD1 . PHE A 1 44  ? -0.431  1.914   -6.960  1.000 11.838  ? 83  PHE AAA CD1 1 ? 
ATOM   367  C  CD2 . PHE A 1 44  ? 1.590   1.931   -8.226  1.000 10.360  ? 83  PHE AAA CD2 1 ? 
ATOM   368  C  CE1 . PHE A 1 44  ? -1.133  1.517   -8.099  1.000 12.706  ? 83  PHE AAA CE1 1 ? 
ATOM   369  C  CE2 . PHE A 1 44  ? 0.883   1.521   -9.358  1.000 12.558  ? 83  PHE AAA CE2 1 ? 
ATOM   370  C  CZ  . PHE A 1 44  ? -0.472  1.340   -9.300  1.000 12.971  ? 83  PHE AAA CZ  1 ? 
ATOM   371  N  N   . GLN A 1 45  ? 3.325   5.554   -4.641  1.000 10.359  ? 84  GLN AAA N   1 ? 
ATOM   372  C  CA  . GLN A 1 45  ? 4.262   5.910   -3.579  1.000 10.556  ? 84  GLN AAA CA  1 ? 
ATOM   373  C  C   . GLN A 1 45  ? 3.713   6.935   -2.580  1.000 11.052  ? 84  GLN AAA C   1 ? 
ATOM   374  O  O   . GLN A 1 45  ? 4.397   7.257   -1.609  1.000 11.869  ? 84  GLN AAA O   1 ? 
ATOM   375  C  CB  . GLN A 1 45  ? 5.594   6.387   -4.181  1.000 11.622  ? 84  GLN AAA CB  1 ? 
ATOM   376  C  CG  . GLN A 1 45  ? 6.444   5.238   -4.712  1.000 13.357  ? 84  GLN AAA CG  1 ? 
ATOM   377  C  CD  . GLN A 1 45  ? 7.683   5.746   -5.428  1.000 14.575  ? 84  GLN AAA CD  1 ? 
ATOM   378  O  OE1 . GLN A 1 45  ? 7.688   6.860   -5.963  1.000 16.266  ? 84  GLN AAA OE1 1 ? 
ATOM   379  N  NE2 . GLN A 1 45  ? 8.730   4.937   -5.469  1.000 15.744  ? 84  GLN AAA NE2 1 ? 
ATOM   380  N  N   . GLN A 1 46  ? 2.505   7.452   -2.815  1.000 11.629  ? 85  GLN AAA N   1 ? 
ATOM   381  C  CA  . GLN A 1 46  ? 1.924   8.462   -1.943  1.000 12.384  ? 85  GLN AAA CA  1 ? 
ATOM   382  C  C   . GLN A 1 46  ? 0.417   8.382   -2.090  1.000 11.305  ? 85  GLN AAA C   1 ? 
ATOM   383  O  O   . GLN A 1 46  ? -0.081  7.854   -3.067  1.000 11.007  ? 85  GLN AAA O   1 ? 
ATOM   384  C  CB  . GLN A 1 46  ? 2.425   9.871   -2.307  1.000 14.358  ? 85  GLN AAA CB  1 ? 
ATOM   385  C  CG  . GLN A 1 46  ? 2.120   10.270  -3.749  1.000 15.114  ? 85  GLN AAA CG  1 ? 
ATOM   386  C  CD  . GLN A 1 46  ? 2.963   9.544   -4.774  1.000 15.870  ? 85  GLN AAA CD  1 ? 
ATOM   387  O  OE1 . GLN A 1 46  ? 4.198   9.538   -4.679  1.000 18.630  ? 85  GLN AAA OE1 1 ? 
ATOM   388  N  NE2 . GLN A 1 46  ? 2.304   8.919   -5.752  1.000 15.432  ? 85  GLN AAA NE2 1 ? 
ATOM   389  N  N   . PRO A 1 47  ? -0.353  8.964   -1.157  1.000 11.329  ? 86  PRO AAA N   1 ? 
ATOM   390  C  CA  . PRO A 1 47  ? -1.811  8.977   -1.282  1.000 12.214  ? 86  PRO AAA CA  1 ? 
ATOM   391  C  C   . PRO A 1 47  ? -2.221  9.701   -2.565  1.000 12.569  ? 86  PRO AAA C   1 ? 
ATOM   392  O  O   . PRO A 1 47  ? -1.569  10.640  -3.025  1.000 13.841  ? 86  PRO AAA O   1 ? 
ATOM   393  C  CB  . PRO A 1 47  ? -2.239  9.835   -0.090  1.000 13.488  ? 86  PRO AAA CB  1 ? 
ATOM   394  C  CG  . PRO A 1 47  ? -1.171  9.571   0.955   1.000 13.477  ? 86  PRO AAA CG  1 ? 
ATOM   395  C  CD  . PRO A 1 47  ? 0.101   9.529   0.127   1.000 13.530  ? 86  PRO AAA CD  1 ? 
ATOM   396  N  N   . VAL A 1 48  ? -3.382  9.308   -3.087  1.000 12.395  ? 87  VAL AAA N   1 ? 
ATOM   397  C  CA  . VAL A 1 48  ? -3.961  9.974   -4.239  1.000 12.581  ? 87  VAL AAA CA  1 ? 
ATOM   398  C  C   . VAL A 1 48  ? -4.394  11.406  -3.893  1.000 11.478  ? 87  VAL AAA C   1 ? 
ATOM   399  O  O   . VAL A 1 48  ? -5.198  11.607  -2.977  1.000 11.705  ? 87  VAL AAA O   1 ? 
ATOM   400  C  CB  . VAL A 1 48  ? -5.129  9.167   -4.820  1.000 12.233  ? 87  VAL AAA CB  1 ? 
ATOM   401  C  CG1 . VAL A 1 48  ? -5.801  9.952   -5.939  1.000 14.654  ? 87  VAL AAA CG1 1 ? 
ATOM   402  C  CG2 . VAL A 1 48  ? -4.608  7.828   -5.362  1.000 13.142  ? 87  VAL AAA CG2 1 ? 
ATOM   403  N  N   . ASP A 1 49  ? -3.807  12.395  -4.582  1.000 12.143  ? 88  ASP AAA N   1 ? 
ATOM   404  C  CA  . ASP A 1 49  ? -4.255  13.773  -4.460  1.000 11.710  ? 88  ASP AAA CA  1 ? 
ATOM   405  C  C   . ASP A 1 49  ? -5.351  14.006  -5.491  1.000 11.800  ? 88  ASP AAA C   1 ? 
ATOM   406  O  O   . ASP A 1 49  ? -5.073  14.292  -6.652  1.000 11.946  ? 88  ASP AAA O   1 ? 
ATOM   407  C  CB  . ASP A 1 49  ? -3.079  14.752  -4.553  1.000 13.659  ? 88  ASP AAA CB  1 ? 
ATOM   408  C  CG  . ASP A 1 49  ? -3.484  16.194  -4.358  1.000 14.393  ? 88  ASP AAA CG  1 ? 
ATOM   409  O  OD1 . ASP A 1 49  ? -4.681  16.503  -4.431  1.000 12.817  ? 88  ASP AAA OD1 1 ? 
ATOM   410  O  OD2 . ASP A 1 49  ? -2.527  17.009  -4.237  1.000 18.890  ? 88  ASP AAA OD2 1 ? 
ATOM   411  N  N   . ALA A 1 50  ? -6.599  13.809  -5.063  1.000 11.818  ? 89  ALA AAA N   1 ? 
ATOM   412  C  CA  . ALA A 1 50  ? -7.729  13.868  -5.963  1.000 12.717  ? 89  ALA AAA CA  1 ? 
ATOM   413  C  C   . ALA A 1 50  ? -7.946  15.293  -6.474  1.000 12.771  ? 89  ALA AAA C   1 ? 
ATOM   414  O  O   . ALA A 1 50  ? -8.542  15.461  -7.529  1.000 13.849  ? 89  ALA AAA O   1 ? 
ATOM   415  C  CB  . ALA A 1 50  ? -8.945  13.280  -5.277  1.000 14.926  ? 89  ALA AAA CB  1 ? 
ATOM   416  N  N   . VAL A 1 51  ? -7.502  16.293  -5.716  1.000 13.187  ? 90  VAL AAA N   1 ? 
ATOM   417  C  CA  . VAL A 1 51  ? -7.635  17.670  -6.166  1.000 14.973  ? 90  VAL AAA CA  1 ? 
ATOM   418  C  C   . VAL A 1 51  ? -6.664  17.933  -7.319  1.000 14.202  ? 90  VAL AAA C   1 ? 
ATOM   419  O  O   . VAL A 1 51  ? -7.077  18.388  -8.400  1.000 15.084  ? 90  VAL AAA O   1 ? 
ATOM   420  C  CB  . VAL A 1 51  ? -7.424  18.651  -5.004  1.000 14.454  ? 90  VAL AAA CB  1 ? 
ATOM   421  C  CG1 . VAL A 1 51  ? -7.441  20.101  -5.498  1.000 16.975  ? 90  VAL AAA CG1 1 ? 
ATOM   422  C  CG2 . VAL A 1 51  ? -8.477  18.425  -3.928  1.000 15.136  ? 90  VAL AAA CG2 1 ? 
ATOM   423  N  N   . LYS A 1 52  ? -5.392  17.570  -7.125  1.000 13.338  ? 91  LYS AAA N   1 ? 
ATOM   424  C  CA  . LYS A 1 52  ? -4.384  17.800  -8.160  1.000 13.431  ? 91  LYS AAA CA  1 ? 
ATOM   425  C  C   . LYS A 1 52  ? -4.719  17.011  -9.428  1.000 14.853  ? 91  LYS AAA C   1 ? 
ATOM   426  O  O   . LYS A 1 52  ? -4.457  17.490  -10.547 1.000 15.583  ? 91  LYS AAA O   1 ? 
ATOM   427  C  CB  . LYS A 1 52  ? -2.983  17.464  -7.672  1.000 14.200  ? 91  LYS AAA CB  1 ? 
ATOM   428  C  CG  . LYS A 1 52  ? -1.867  17.908  -8.620  1.000 15.650  ? 91  LYS AAA CG  1 ? 
ATOM   429  C  CD  . LYS A 1 52  ? -0.532  17.937  -7.941  1.000 17.654  ? 91  LYS AAA CD  1 ? 
ATOM   430  C  CE  . LYS A 1 52  ? 0.460   18.716  -8.777  1.000 17.834  ? 91  LYS AAA CE  1 ? 
ATOM   431  N  NZ  . LYS A 1 52  ? 1.814   18.461  -8.262  1.000 20.323  ? 91  LYS AAA NZ  1 ? 
ATOM   432  N  N   . LEU A 1 53  ? -5.265  15.802  -9.278  1.000 14.017  ? 92  LEU AAA N   1 ? 
ATOM   433  C  CA  . LEU A 1 53  ? -5.614  14.967  -10.435 1.000 13.652  ? 92  LEU AAA CA  1 ? 
ATOM   434  C  C   . LEU A 1 53  ? -6.960  15.305  -11.058 1.000 14.458  ? 92  LEU AAA C   1 ? 
ATOM   435  O  O   . LEU A 1 53  ? -7.339  14.709  -12.069 1.000 16.007  ? 92  LEU AAA O   1 ? 
ATOM   436  C  CB  . LEU A 1 53  ? -5.558  13.478  -10.079 1.000 13.774  ? 92  LEU AAA CB  1 ? 
ATOM   437  C  CG  . LEU A 1 53  ? -4.177  12.986  -9.660  1.000 13.750  ? 92  LEU AAA CG  1 ? 
ATOM   438  C  CD1 . LEU A 1 53  ? -4.197  11.538  -9.262  1.000 16.420  ? 92  LEU AAA CD1 1 ? 
ATOM   439  C  CD2 . LEU A 1 53  ? -3.078  13.279  -10.689 1.000 18.183  ? 92  LEU AAA CD2 1 ? 
ATOM   440  N  N   . ASN A 1 54  ? -7.696  16.208  -10.437 1.000 13.837  ? 93  ASN AAA N   1 ? 
ATOM   441  C  CA  . ASN A 1 54  ? -9.031  16.565  -10.920 1.000 15.112  ? 93  ASN AAA CA  1 ? 
ATOM   442  C  C   . ASN A 1 54  ? -9.921  15.322  -10.969 1.000 14.617  ? 93  ASN AAA C   1 ? 
ATOM   443  O  O   . ASN A 1 54  ? -10.611 15.089  -11.963 1.000 16.134  ? 93  ASN AAA O   1 ? 
ATOM   444  C  CB  . ASN A 1 54  ? -8.979  17.268  -12.295 1.000 18.742  ? 93  ASN AAA CB  1 ? 
ATOM   445  C  CG  . ASN A 1 54  ? -10.284 17.947  -12.638 1.000 23.681  ? 93  ASN AAA CG  1 ? 
ATOM   446  O  OD1 . ASN A 1 54  ? -10.994 18.400  -11.742 1.000 27.564  ? 93  ASN AAA OD1 1 ? 
ATOM   447  N  ND2 . ASN A 1 54  ? -10.631 17.970  -13.917 1.000 29.119  ? 93  ASN AAA ND2 1 ? 
ATOM   448  N  N   . LEU A 1 55  ? -9.976  14.569  -9.856  1.000 13.603  ? 94  LEU AAA N   1 ? 
ATOM   449  C  CA  . LEU A 1 55  ? -10.810 13.384  -9.744  1.000 12.797  ? 94  LEU AAA CA  1 ? 
ATOM   450  C  C   . LEU A 1 55  ? -11.720 13.575  -8.547  1.000 12.485  ? 94  LEU AAA C   1 ? 
ATOM   451  O  O   . LEU A 1 55  ? -11.529 12.941  -7.496  1.000 11.635  ? 94  LEU AAA O   1 ? 
ATOM   452  C  CB  . LEU A 1 55  ? -9.951  12.138  -9.526  1.000 13.602  ? 94  LEU AAA CB  1 ? 
ATOM   453  C  CG  . LEU A 1 55  ? -8.975  11.815  -10.651 1.000 16.237  ? 94  LEU AAA CG  1 ? 
ATOM   454  C  CD1 . LEU A 1 55  ? -8.089  10.639  -10.258 1.000 17.892  ? 94  LEU AAA CD1 1 ? 
ATOM   455  C  CD2 . LEU A 1 55  ? -9.703  11.585  -11.951 1.000 18.013  ? 94  LEU AAA CD2 1 ? 
ATOM   456  N  N   . PRO A 1 56  ? -12.715 14.488  -8.632  1.000 11.705  ? 95  PRO AAA N   1 ? 
ATOM   457  C  CA  . PRO A 1 56  ? -13.503 14.788  -7.437  1.000 12.537  ? 95  PRO AAA CA  1 ? 
ATOM   458  C  C   . PRO A 1 56  ? -14.291 13.614  -6.878  1.000 12.247  ? 95  PRO AAA C   1 ? 
ATOM   459  O  O   . PRO A 1 56  ? -14.651 13.615  -5.699  1.000 13.226  ? 95  PRO AAA O   1 ? 
ATOM   460  C  CB  . PRO A 1 56  ? -14.409 15.940  -7.908  1.000 13.304  ? 95  PRO AAA CB  1 ? 
ATOM   461  C  CG  . PRO A 1 56  ? -14.486 15.717  -9.396  1.000 13.011  ? 95  PRO AAA CG  1 ? 
ATOM   462  C  CD  . PRO A 1 56  ? -13.063 15.341  -9.792  1.000 14.114  ? 95  PRO AAA CD  1 ? 
ATOM   463  N  N   . ASP A 1 57  ? -14.546 12.580  -7.686  1.000 11.109  ? 96  ASP AAA N   1 ? 
ATOM   464  C  CA  . ASP A 1 57  ? -15.251 11.397  -7.203  1.000 11.207  ? 96  ASP AAA CA  1 ? 
ATOM   465  C  C   . ASP A 1 57  ? -14.323 10.335  -6.592  1.000 10.311  ? 96  ASP AAA C   1 ? 
ATOM   466  O  O   . ASP A 1 57  ? -14.839 9.330   -6.130  1.000 11.028  ? 96  ASP AAA O   1 ? 
ATOM   467  C  CB  . ASP A 1 57  ? -16.128 10.754  -8.285  1.000 12.092  ? 96  ASP AAA CB  1 ? 
ATOM   468  C  CG  . ASP A 1 57  ? -15.327 10.106  -9.387  1.000 13.089  ? 96  ASP AAA CG  1 ? 
ATOM   469  O  OD1 . ASP A 1 57  ? -14.111 10.365  -9.509  1.000 13.905  ? 96  ASP AAA OD1 1 ? 
ATOM   470  O  OD2 . ASP A 1 57  ? -15.969 9.384   -10.184 1.000 18.128  ? 96  ASP AAA OD2 1 ? 
ATOM   471  N  N   . TYR A 1 58  ? -12.995 10.562  -6.547  1.000 10.399  ? 97  TYR AAA N   1 ? 
ATOM   472  C  CA  . TYR A 1 58  ? -12.112 9.461   -6.149  1.000 10.218  ? 97  TYR AAA CA  1 ? 
ATOM   473  C  C   . TYR A 1 58  ? -12.448 8.980   -4.740  1.000 10.573  ? 97  TYR AAA C   1 ? 
ATOM   474  O  O   . TYR A 1 58  ? -12.618 7.777   -4.540  1.000 10.447  ? 97  TYR AAA O   1 ? 
ATOM   475  C  CB  . TYR A 1 58  ? -10.642 9.899   -6.227  1.000 10.319  ? 97  TYR AAA CB  1 ? 
ATOM   476  C  CG  . TYR A 1 58  ? -9.720  8.735   -5.928  1.000 10.269  ? 97  TYR AAA CG  1 ? 
ATOM   477  C  CD1 . TYR A 1 58  ? -9.379  7.824   -6.941  1.000 11.184  ? 97  TYR AAA CD1 1 ? 
ATOM   478  C  CD2 . TYR A 1 58  ? -9.264  8.520   -4.621  1.000 10.382  ? 97  TYR AAA CD2 1 ? 
ATOM   479  C  CE1 . TYR A 1 58  ? -8.592  6.716   -6.636  1.000 11.745  ? 97  TYR AAA CE1 1 ? 
ATOM   480  C  CE2 . TYR A 1 58  ? -8.471  7.415   -4.333  1.000 10.790  ? 97  TYR AAA CE2 1 ? 
ATOM   481  C  CZ  . TYR A 1 58  ? -8.129  6.535   -5.342  1.000 10.858  ? 97  TYR AAA CZ  1 ? 
ATOM   482  O  OH  . TYR A 1 58  ? -7.367  5.407   -5.078  1.000 13.248  ? 97  TYR AAA OH  1 ? 
ATOM   483  N  N   . TYR A 1 59  ? -12.574 9.904   -3.760  1.000 10.001  ? 98  TYR AAA N   1 ? 
ATOM   484  C  CA  . TYR A 1 59  ? -12.858 9.513   -2.381  1.000 10.106  ? 98  TYR AAA CA  1 ? 
ATOM   485  C  C   . TYR A 1 59  ? -14.355 9.377   -2.119  1.000 11.081  ? 98  TYR AAA C   1 ? 
ATOM   486  O  O   . TYR A 1 59  ? -14.726 9.036   -0.988  1.000 12.464  ? 98  TYR AAA O   1 ? 
ATOM   487  C  CB  . TYR A 1 59  ? -12.141 10.444  -1.398  1.000 10.066  ? 98  TYR AAA CB  1 ? 
ATOM   488  C  CG  . TYR A 1 59  ? -10.639 10.302  -1.451  1.000 9.561   ? 98  TYR AAA CG  1 ? 
ATOM   489  C  CD1 . TYR A 1 59  ? -10.040 9.136   -0.977  1.000 10.338  ? 98  TYR AAA CD1 1 ? 
ATOM   490  C  CD2 . TYR A 1 59  ? -9.825  11.280  -1.995  1.000 9.770   ? 98  TYR AAA CD2 1 ? 
ATOM   491  C  CE1 . TYR A 1 59  ? -8.668  8.973   -1.030  1.000 9.835   ? 98  TYR AAA CE1 1 ? 
ATOM   492  C  CE2 . TYR A 1 59  ? -8.448  11.146  -2.048  1.000 9.457   ? 98  TYR AAA CE2 1 ? 
ATOM   493  C  CZ  . TYR A 1 59  ? -7.881  9.971   -1.564  1.000 9.829   ? 98  TYR AAA CZ  1 ? 
ATOM   494  O  OH  . TYR A 1 59  ? -6.524  9.782   -1.554  1.000 11.083  ? 98  TYR AAA OH  1 ? 
ATOM   495  N  N   . LYS A 1 60  ? -15.199 9.563   -3.149  1.000 10.950  ? 99  LYS AAA N   1 ? 
ATOM   496  C  CA  . LYS A 1 60  ? -16.564 9.055   -3.101  1.000 11.703  ? 99  LYS AAA CA  1 ? 
ATOM   497  C  C   . LYS A 1 60  ? -16.593 7.546   -3.336  1.000 12.538  ? 99  LYS AAA C   1 ? 
ATOM   498  O  O   . LYS A 1 60  ? -17.388 6.833   -2.696  1.000 15.213  ? 99  LYS AAA O   1 ? 
ATOM   499  C  CB  . LYS A 1 60  ? -17.426 9.776   -4.148  1.000 12.450  ? 99  LYS AAA CB  1 ? 
ATOM   500  C  CG  . LYS A 1 60  ? -18.842 9.237   -4.220  1.000 15.377  ? 99  LYS AAA CG  1 ? 
ATOM   501  C  CD  . LYS A 1 60  ? -19.702 10.131  -5.082  1.000 18.485  ? 99  LYS AAA CD  1 ? 
ATOM   502  C  CE  . LYS A 1 60  ? -21.089 9.528   -5.223  1.000 18.906  ? 99  LYS AAA CE  1 ? 
ATOM   503  N  NZ  . LYS A 1 60  ? -22.028 10.435  -5.933  1.000 25.130  ? 99  LYS AAA NZ  1 ? 
ATOM   504  N  N   . ILE A 1 61  ? -15.740 7.064   -4.257  1.000 12.299  ? 100 ILE AAA N   1 ? 
ATOM   505  C  CA  . ILE A 1 61  ? -15.705 5.659   -4.644  1.000 12.517  ? 100 ILE AAA CA  1 ? 
ATOM   506  C  C   . ILE A 1 61  ? -14.791 4.848   -3.699  1.000 11.783  ? 100 ILE AAA C   1 ? 
ATOM   507  O  O   . ILE A 1 61  ? -15.132 3.731   -3.318  1.000 13.724  ? 100 ILE AAA O   1 ? 
ATOM   508  C  CB  . ILE A 1 61  ? -15.268 5.553   -6.123  1.000 13.211  ? 100 ILE AAA CB  1 ? 
ATOM   509  C  CG1 . ILE A 1 61  ? -16.237 6.284   -7.068  1.000 17.015  ? 100 ILE AAA CG1 1 ? 
ATOM   510  C  CG2 . ILE A 1 61  ? -15.034 4.105   -6.561  1.000 14.258  ? 100 ILE AAA CG2 1 ? 
ATOM   511  C  CD1 . ILE A 1 61  ? -17.628 5.894   -6.915  1.000 22.730  ? 100 ILE AAA CD1 1 ? 
ATOM   512  N  N   . ILE A 1 62  ? -13.608 5.401   -3.403  1.000 10.509  ? 101 ILE AAA N   1 ? 
ATOM   513  C  CA  . ILE A 1 62  ? -12.608 4.684   -2.606  1.000 10.808  ? 101 ILE AAA CA  1 ? 
ATOM   514  C  C   . ILE A 1 62  ? -12.699 5.151   -1.149  1.000 10.024  ? 101 ILE AAA C   1 ? 
ATOM   515  O  O   . ILE A 1 62  ? -12.279 6.264   -0.805  1.000 10.852  ? 101 ILE AAA O   1 ? 
ATOM   516  C  CB  . ILE A 1 62  ? -11.205 4.932   -3.206  1.000 9.724   ? 101 ILE AAA CB  1 ? 
ATOM   517  C  CG1 . ILE A 1 62  ? -11.096 4.434   -4.652  1.000 11.135  ? 101 ILE AAA CG1 1 ? 
ATOM   518  C  CG2 . ILE A 1 62  ? -10.136 4.284   -2.330  1.000 10.816  ? 101 ILE AAA CG2 1 ? 
ATOM   519  C  CD1 . ILE A 1 62  ? -11.463 2.968   -4.823  1.000 11.517  ? 101 ILE AAA CD1 1 ? 
ATOM   520  N  N   . LYS A 1 63  ? -13.260 4.281   -0.324  1.000 10.407  ? 102 LYS AAA N   1 ? 
ATOM   521  C  CA  . LYS A 1 63  ? -13.468 4.568   1.094   1.000 11.742  ? 102 LYS AAA CA  1 ? 
ATOM   522  C  C   . LYS A 1 63  ? -12.397 3.937   1.957   1.000 12.102  ? 102 LYS AAA C   1 ? 
ATOM   523  O  O   . LYS A 1 63  ? -12.380 4.168   3.174   1.000 13.562  ? 102 LYS AAA O   1 ? 
ATOM   524  C  CB  . LYS A 1 63  ? -14.841 4.096   1.577   1.000 13.524  ? 102 LYS AAA CB  1 ? 
ATOM   525  C  CG  . LYS A 1 63  ? -15.991 4.821   0.895   1.000 14.033  ? 102 LYS AAA CG  1 ? 
ATOM   526  C  CD  . LYS A 1 63  ? -15.883 6.360   0.999   1.000 15.457  ? 102 LYS AAA CD  1 ? 
ATOM   527  C  CE  . LYS A 1 63  ? -17.179 7.043   0.628   1.000 16.480  ? 102 LYS AAA CE  1 ? 
ATOM   528  N  NZ  . LYS A 1 63  ? -17.002 8.510   0.642   1.000 15.426  ? 102 LYS AAA NZ  1 ? 
ATOM   529  N  N   . THR A 1 64  ? -11.510 3.133   1.378   1.000 11.862  ? 103 THR AAA N   1 ? 
ATOM   530  C  CA  . THR A 1 64  ? -10.457 2.496   2.150   1.000 13.897  ? 103 THR AAA CA  1 ? 
ATOM   531  C  C   . THR A 1 64  ? -9.144  2.781   1.447   1.000 12.538  ? 103 THR AAA C   1 ? 
ATOM   532  O  O   . THR A 1 64  ? -8.454  1.853   1.007   1.000 12.669  ? 103 THR AAA O   1 ? 
ATOM   533  C  CB  . THR A 1 64  ? -10.680 0.982   2.308   1.000 16.341  ? 103 THR AAA CB  1 ? 
ATOM   534  O  OG1 . THR A 1 64  ? -10.509 0.384   1.024   1.000 25.764  ? 103 THR AAA OG1 1 ? 
ATOM   535  C  CG2 . THR A 1 64  ? -12.034 0.683   2.911   1.000 17.758  ? 103 THR AAA CG2 1 ? 
ATOM   536  N  N   . PRO A 1 65  ? -8.707  4.039   1.356   1.000 11.476  ? 104 PRO AAA N   1 ? 
ATOM   537  C  CA  . PRO A 1 65  ? -7.488  4.357   0.611   1.000 11.185  ? 104 PRO AAA CA  1 ? 
ATOM   538  C  C   . PRO A 1 65  ? -6.261  3.747   1.288   1.000 10.256  ? 104 PRO AAA C   1 ? 
ATOM   539  O  O   . PRO A 1 65  ? -6.163  3.648   2.507   1.000 10.833  ? 104 PRO AAA O   1 ? 
ATOM   540  C  CB  . PRO A 1 65  ? -7.374  5.870   0.591   1.000 13.224  ? 104 PRO AAA CB  1 ? 
ATOM   541  C  CG  . PRO A 1 65  ? -8.357  6.313   1.666   1.000 13.489  ? 104 PRO AAA CG  1 ? 
ATOM   542  C  CD  . PRO A 1 65  ? -9.363  5.233   1.940   1.000 12.042  ? 104 PRO AAA CD  1 ? 
ATOM   543  N  N   . MET A 1 66  ? -5.286  3.378   0.467   1.000 10.858  ? 105 MET AAA N   1 ? 
ATOM   544  C  CA  . MET A 1 66  ? -4.027  2.882   0.989   1.000 9.894   ? 105 MET AAA CA  1 ? 
ATOM   545  C  C   . MET A 1 66  ? -3.010  3.036   -0.132  1.000 10.284  ? 105 MET AAA C   1 ? 
ATOM   546  O  O   . MET A 1 66  ? -3.367  2.994   -1.328  1.000 12.735  ? 105 MET AAA O   1 ? 
ATOM   547  C  CB  . MET A 1 66  ? -4.154  1.391   1.348   1.000 10.274  ? 105 MET AAA CB  1 ? 
ATOM   548  C  CG  . MET A 1 66  ? -2.899  0.847   2.042   1.000 10.822  ? 105 MET AAA CG  1 ? 
ATOM   549  S  SD  . MET A 1 66  ? -2.197  1.776   3.426   1.000 10.449  ? 105 MET AAA SD  1 ? 
ATOM   550  C  CE  . MET A 1 66  ? -3.586  1.847   4.559   1.000 11.909  ? 105 MET AAA CE  1 ? 
ATOM   551  N  N   . ASP A 1 67  ? -1.766  3.316   0.220   1.000 9.911   ? 106 ASP AAA N   1 ? 
ATOM   552  C  CA  . ASP A 1 67  ? -0.692  3.595   -0.733  1.000 9.550   ? 106 ASP AAA CA  1 ? 
ATOM   553  C  C   . ASP A 1 67  ? 0.591   3.043   -0.135  1.000 9.810   ? 106 ASP AAA C   1 ? 
ATOM   554  O  O   . ASP A 1 67  ? 0.671   2.791   1.076   1.000 9.110   ? 106 ASP AAA O   1 ? 
ATOM   555  C  CB  . ASP A 1 67  ? -0.591  5.090   -1.056  1.000 10.493  ? 106 ASP AAA CB  1 ? 
ATOM   556  C  CG  . ASP A 1 67  ? -0.158  5.833   0.200   1.000 10.182  ? 106 ASP AAA CG  1 ? 
ATOM   557  O  OD1 . ASP A 1 67  ? -1.061  6.101   1.077   1.000 10.506  ? 106 ASP AAA OD1 1 ? 
ATOM   558  O  OD2 . ASP A 1 67  ? 1.050   6.094   0.346   1.000 10.613  ? 106 ASP AAA OD2 1 ? 
ATOM   559  N  N   . MET A 1 68  ? 1.588   2.857   -0.997  1.000 10.665  ? 107 MET AAA N   1 ? 
ATOM   560  C  CA  . MET A 1 68  ? 2.848   2.308   -0.531  1.000 11.077  ? 107 MET AAA CA  1 ? 
ATOM   561  C  C   . MET A 1 68  ? 3.657   3.257   0.333   1.000 11.075  ? 107 MET AAA C   1 ? 
ATOM   562  O  O   . MET A 1 68  ? 4.504   2.809   1.113   1.000 11.558  ? 107 MET AAA O   1 ? 
ATOM   563  C  CB  . MET A 1 68  ? 3.776   1.898   -1.680  1.000 13.419  ? 107 MET AAA CB  1 ? 
ATOM   564  C  CG  . MET A 1 68  ? 3.356   0.643   -2.371  1.000 14.014  ? 107 MET AAA CG  1 ? 
ATOM   565  S  SD  . MET A 1 68  ? 4.707   -0.250  -3.186  1.000 15.422  ? 107 MET AAA SD  1 ? 
ATOM   566  C  CE  . MET A 1 68  ? 5.283   0.953   -4.376  1.000 15.483  ? 107 MET AAA CE  1 ? 
ATOM   567  N  N   . GLY A 1 69  ? 3.436   4.581   0.229   1.000 10.688  ? 108 GLY AAA N   1 ? 
ATOM   568  C  CA  . GLY A 1 69  ? 4.115   5.483   1.152   1.000 11.501  ? 108 GLY AAA CA  1 ? 
ATOM   569  C  C   . GLY A 1 69  ? 3.632   5.299   2.597   1.000 10.132  ? 108 GLY AAA C   1 ? 
ATOM   570  O  O   . GLY A 1 69  ? 4.421   5.280   3.558   1.000 11.094  ? 108 GLY AAA O   1 ? 
ATOM   571  N  N   . THR A 1 70  ? 2.304   5.125   2.732   1.000 10.137  ? 109 THR AAA N   1 ? 
ATOM   572  C  CA  . THR A 1 70  ? 1.747   4.813   4.034   1.000 9.899   ? 109 THR AAA CA  1 ? 
ATOM   573  C  C   . THR A 1 70  ? 2.274   3.467   4.538   1.000 9.653   ? 109 THR AAA C   1 ? 
ATOM   574  O  O   . THR A 1 70  ? 2.633   3.355   5.728   1.000 9.997   ? 109 THR AAA O   1 ? 
ATOM   575  C  CB  . THR A 1 70  ? 0.218   4.754   3.915   1.000 9.781   ? 109 THR AAA CB  1 ? 
ATOM   576  O  OG1 . THR A 1 70  ? -0.245  6.065   3.603   1.000 11.017  ? 109 THR AAA OG1 1 ? 
ATOM   577  C  CG2 . THR A 1 70  ? -0.450  4.336   5.212   1.000 10.718  ? 109 THR AAA CG2 1 ? 
ATOM   578  N  N   . ILE A 1 71  ? 2.351   2.447   3.670   1.000 9.985   ? 110 ILE AAA N   1 ? 
ATOM   579  C  CA  . ILE A 1 71  ? 2.845   1.150   4.105   1.000 9.622   ? 110 ILE AAA CA  1 ? 
ATOM   580  C  C   . ILE A 1 71  ? 4.305   1.265   4.542   1.000 10.305  ? 110 ILE AAA C   1 ? 
ATOM   581  O  O   . ILE A 1 71  ? 4.690   0.701   5.549   1.000 10.957  ? 110 ILE AAA O   1 ? 
ATOM   582  C  CB  . ILE A 1 71  ? 2.647   0.115   2.978   1.000 9.498   ? 110 ILE AAA CB  1 ? 
ATOM   583  C  CG1 . ILE A 1 71  ? 1.162   -0.159  2.708   1.000 10.460  ? 110 ILE AAA CG1 1 ? 
ATOM   584  C  CG2 . ILE A 1 71  ? 3.385   -1.196  3.330   1.000 11.707  ? 110 ILE AAA CG2 1 ? 
ATOM   585  C  CD1 . ILE A 1 71  ? 0.848   -0.946  1.444   1.000 10.458  ? 110 ILE AAA CD1 1 ? 
ATOM   586  N  N   . LYS A 1 72  ? 5.119   1.977   3.756   1.000 10.382  ? 111 LYS AAA N   1 ? 
ATOM   587  C  CA  . LYS A 1 72  ? 6.511   2.213   4.103   1.000 12.033  ? 111 LYS AAA CA  1 ? 
ATOM   588  C  C   . LYS A 1 72  ? 6.626   2.829   5.489   1.000 12.631  ? 111 LYS AAA C   1 ? 
ATOM   589  O  O   . LYS A 1 72  ? 7.435   2.375   6.311   1.000 13.886  ? 111 LYS AAA O   1 ? 
ATOM   590  C  CB  . LYS A 1 72  ? 7.168   3.030   2.989   1.000 12.438  ? 111 LYS AAA CB  1 ? 
ATOM   591  C  CG  . LYS A 1 72  ? 8.652   3.332   3.235   1.000 14.022  ? 111 LYS AAA CG  1 ? 
ATOM   592  C  CD  . LYS A 1 72  ? 9.209   3.995   1.984   1.000 17.204  ? 111 LYS AAA CD  1 ? 
ATOM   593  C  CE  . LYS A 1 72  ? 10.683  4.354   2.082   1.000 20.626  ? 111 LYS AAA CE  1 ? 
ATOM   594  N  NZ  . LYS A 1 72  ? 10.878  5.419   3.084   1.000 24.100  ? 111 LYS AAA NZ  1 ? 
ATOM   595  N  N   . LYS A 1 73  ? 5.860   3.891   5.746   1.000 13.010  ? 112 LYS AAA N   1 ? 
ATOM   596  C  CA  . LYS A 1 73  ? 5.923   4.529   7.047   1.000 13.332  ? 112 LYS AAA CA  1 ? 
ATOM   597  C  C   . LYS A 1 73  ? 5.435   3.583   8.143   1.000 12.281  ? 112 LYS AAA C   1 ? 
ATOM   598  O  O   . LYS A 1 73  ? 6.011   3.562   9.237   1.000 13.177  ? 112 LYS AAA O   1 ? 
ATOM   599  C  CB  . LYS A 1 73  ? 5.017   5.760   7.008   1.000 15.503  ? 112 LYS AAA CB  1 ? 
ATOM   600  C  CG  . LYS A 1 73  ? 5.585   6.971   6.298   1.000 21.905  ? 112 LYS AAA CG  1 ? 
ATOM   601  C  CD  . LYS A 1 73  ? 4.757   8.220   6.555   1.000 26.678  ? 112 LYS AAA CD  1 ? 
ATOM   602  C  CE  . LYS A 1 73  ? 5.303   9.413   5.800   1.000 32.639  ? 112 LYS AAA CE  1 ? 
ATOM   603  N  NZ  . LYS A 1 73  ? 4.205   10.204  5.179   1.000 38.673  ? 112 LYS AAA NZ  1 ? 
ATOM   604  N  N   . ARG A 1 74  ? 4.351   2.824   7.909   1.000 11.594  ? 113 ARG AAA N   1 ? 
ATOM   605  C  CA  . ARG A 1 74  ? 3.917   1.844   8.901   1.000 10.508  ? 113 ARG AAA CA  1 ? 
ATOM   606  C  C   . ARG A 1 74  ? 5.059   0.880   9.209   1.000 11.412  ? 113 ARG AAA C   1 ? 
ATOM   607  O  O   . ARG A 1 74  ? 5.269   0.548   10.379  1.000 12.415  ? 113 ARG AAA O   1 ? 
ATOM   608  C  CB  . ARG A 1 74  ? 2.646   1.132   8.429   1.000 10.101  ? 113 ARG AAA CB  1 ? 
ATOM   609  C  CG  . ARG A 1 74  ? 1.423   2.037   8.546   1.000 9.804   ? 113 ARG AAA CG  1 ? 
ATOM   610  C  CD  . ARG A 1 74  ? 0.177   1.333   7.999   1.000 9.181   ? 113 ARG AAA CD  1 ? 
ATOM   611  N  NE  . ARG A 1 74  ? -0.985  2.174   8.301   1.000 10.038  ? 113 ARG AAA NE  1 ? 
ATOM   612  C  CZ  . ARG A 1 74  ? -2.239  1.781   8.292   1.000 9.769   ? 113 ARG AAA CZ  1 ? 
ATOM   613  N  NH1 . ARG A 1 74  ? -2.579  0.582   7.851   1.000 10.682  ? 113 ARG AAA NH1 1 ? 
ATOM   614  N  NH2 . ARG A 1 74  ? -3.204  2.611   8.703   1.000 11.484  ? 113 ARG AAA NH2 1 ? 
ATOM   615  N  N   . LEU A 1 75  ? 5.720   0.339   8.182   1.000 11.478  ? 114 LEU AAA N   1 ? 
ATOM   616  C  CA  . LEU A 1 75  ? 6.792   -0.603  8.461   1.000 11.613  ? 114 LEU AAA CA  1 ? 
ATOM   617  C  C   . LEU A 1 75  ? 7.943   0.062   9.223   1.000 13.143  ? 114 LEU AAA C   1 ? 
ATOM   618  O  O   . LEU A 1 75  ? 8.480   -0.531  10.169  1.000 14.535  ? 114 LEU AAA O   1 ? 
ATOM   619  C  CB  . LEU A 1 75  ? 7.276   -1.227  7.143   1.000 11.591  ? 114 LEU AAA CB  1 ? 
ATOM   620  C  CG  . LEU A 1 75  ? 6.335   -2.268  6.522   1.000 11.583  ? 114 LEU AAA CG  1 ? 
ATOM   621  C  CD1 . LEU A 1 75  ? 6.649   -2.552  5.049   1.000 11.732  ? 114 LEU AAA CD1 1 ? 
ATOM   622  C  CD2 . LEU A 1 75  ? 6.288   -3.563  7.306   1.000 11.866  ? 114 LEU AAA CD2 1 ? 
ATOM   623  N  N   . GLU A 1 76  ? 8.338   1.266   8.821   1.000 13.029  ? 115 GLU AAA N   1 ? 
ATOM   624  C  CA  . GLU A 1 76  ? 9.457   1.974   9.431   1.000 15.370  ? 115 GLU AAA CA  1 ? 
ATOM   625  C  C   . GLU A 1 76  ? 9.127   2.330   10.871  1.000 16.277  ? 115 GLU AAA C   1 ? 
ATOM   626  O  O   . GLU A 1 76  ? 10.032  2.406   11.723  1.000 19.983  ? 115 GLU AAA O   1 ? 
ATOM   627  C  CB  . GLU A 1 76  ? 9.756   3.248   8.642   1.000 18.117  ? 115 GLU AAA CB  1 ? 
ATOM   628  C  CG  . GLU A 1 76  ? 10.391  2.911   7.309   1.000 19.021  ? 115 GLU AAA CG  1 ? 
ATOM   629  C  CD  . GLU A 1 76  ? 10.565  4.118   6.411   1.000 21.783  ? 115 GLU AAA CD  1 ? 
ATOM   630  O  OE1 . GLU A 1 76  ? 9.936   5.159   6.693   1.000 25.108  ? 115 GLU AAA OE1 1 ? 
ATOM   631  O  OE2 . GLU A 1 76  ? 11.265  3.974   5.408   1.000 26.883  ? 115 GLU AAA OE2 1 ? 
ATOM   632  N  N   . ASN A 1 77  ? 7.844   2.534   11.151  1.000 15.147  ? 116 ASN AAA N   1 ? 
ATOM   633  C  CA  . ASN A 1 77  ? 7.423   2.941   12.475  1.000 16.316  ? 116 ASN AAA CA  1 ? 
ATOM   634  C  C   . ASN A 1 77  ? 7.017   1.744   13.322  1.000 14.687  ? 116 ASN AAA C   1 ? 
ATOM   635  O  O   . ASN A 1 77  ? 6.554   1.908   14.457  1.000 17.570  ? 116 ASN AAA O   1 ? 
ATOM   636  C  CB  . ASN A 1 77  ? 6.433   4.093   12.339  1.000 20.176  ? 116 ASN AAA CB  1 ? 
ATOM   637  C  CG  . ASN A 1 77  ? 7.225   5.343   11.966  1.000 23.243  ? 116 ASN AAA CG  1 ? 
ATOM   638  O  OD1 . ASN A 1 77  ? 7.729   6.032   12.833  1.000 34.501  ? 116 ASN AAA OD1 1 ? 
ATOM   639  N  ND2 . ASN A 1 77  ? 7.469   5.582   10.690  1.000 31.327  ? 116 ASN AAA ND2 1 ? 
ATOM   640  N  N   . ASN A 1 78  ? 7.207   0.525   12.821  1.000 13.900  ? 117 ASN AAA N   1 ? 
ATOM   641  C  CA  . ASN A 1 78  ? 6.827   -0.697  13.525  1.000 14.510  ? 117 ASN AAA CA  1 ? 
ATOM   642  C  C   . ASN A 1 78  ? 5.363   -0.640  13.963  1.000 15.696  ? 117 ASN AAA C   1 ? 
ATOM   643  O  O   . ASN A 1 78  ? 5.036   -0.982  15.106  1.000 19.944  ? 117 ASN AAA O   1 ? 
ATOM   644  C  CB  . ASN A 1 78  ? 7.751   -1.045  14.711  1.000 17.177  ? 117 ASN AAA CB  1 ? 
ATOM   645  C  CG  . ASN A 1 78  ? 9.205   -1.134  14.325  1.000 21.462  ? 117 ASN AAA CG  1 ? 
ATOM   646  O  OD1 . ASN A 1 78  ? 9.576   -1.989  13.529  1.000 24.012  ? 117 ASN AAA OD1 1 ? 
ATOM   647  N  ND2 . ASN A 1 78  ? 10.025  -0.249  14.875  1.000 25.356  ? 117 ASN AAA ND2 1 ? 
ATOM   648  N  N   . TYR A 1 79  ? 4.483   -0.192  13.059  1.000 12.261  ? 118 TYR AAA N   1 ? 
ATOM   649  C  CA  . TYR A 1 79  ? 3.088   0.042   13.386  1.000 12.071  ? 118 TYR AAA CA  1 ? 
ATOM   650  C  C   . TYR A 1 79  ? 2.280   -1.248  13.520  1.000 10.734  ? 118 TYR AAA C   1 ? 
ATOM   651  O  O   . TYR A 1 79  ? 1.242   -1.286  14.177  1.000 10.935  ? 118 TYR AAA O   1 ? 
ATOM   652  C  CB  . TYR A 1 79  ? 2.507   0.896   12.258  1.000 11.651  ? 118 TYR AAA CB  1 ? 
ATOM   653  C  CG  . TYR A 1 79  ? 1.037   1.202   12.355  1.000 11.381  ? 118 TYR AAA CG  1 ? 
ATOM   654  C  CD1 . TYR A 1 79  ? 0.564   2.193   13.206  1.000 10.900  ? 118 TYR AAA CD1 1 ? 
ATOM   655  C  CD2 . TYR A 1 79  ? 0.099   0.509   11.590  1.000 11.946  ? 118 TYR AAA CD2 1 ? 
ATOM   656  C  CE1 . TYR A 1 79  ? -0.794  2.478   13.293  1.000 11.954  ? 118 TYR AAA CE1 1 ? 
ATOM   657  C  CE2 . TYR A 1 79  ? -1.261  0.789   11.673  1.000 12.883  ? 118 TYR AAA CE2 1 ? 
ATOM   658  C  CZ  . TYR A 1 79  ? -1.711  1.782   12.514  1.000 12.085  ? 118 TYR AAA CZ  1 ? 
ATOM   659  O  OH  . TYR A 1 79  ? -3.064  2.021   12.572  1.000 14.142  ? 118 TYR AAA OH  1 ? 
ATOM   660  N  N   . TYR A 1 80  ? 2.755   -2.321  12.891  1.000 11.030  ? 119 TYR AAA N   1 ? 
ATOM   661  C  CA  . TYR A 1 80  ? 1.976   -3.535  12.782  1.000 11.414  ? 119 TYR AAA CA  1 ? 
ATOM   662  C  C   . TYR A 1 80  ? 2.276   -4.491  13.943  1.000 11.845  ? 119 TYR AAA C   1 ? 
ATOM   663  O  O   . TYR A 1 80  ? 3.346   -4.438  14.535  1.000 12.084  ? 119 TYR AAA O   1 ? 
ATOM   664  C  CB  . TYR A 1 80  ? 2.349   -4.246  11.463  1.000 11.275  ? 119 TYR AAA CB  1 ? 
ATOM   665  C  CG  . TYR A 1 80  ? 2.023   -3.481  10.198  1.000 10.283  ? 119 TYR AAA CG  1 ? 
ATOM   666  C  CD1 . TYR A 1 80  ? 0.719   -3.224  9.829   1.000 10.501  ? 119 TYR AAA CD1 1 ? 
ATOM   667  C  CD2 . TYR A 1 80  ? 3.048   -3.060  9.358   1.000 10.738  ? 119 TYR AAA CD2 1 ? 
ATOM   668  C  CE1 . TYR A 1 80  ? 0.420   -2.612  8.615   1.000 10.027  ? 119 TYR AAA CE1 1 ? 
ATOM   669  C  CE2 . TYR A 1 80  ? 2.771   -2.407  8.160   1.000 10.240  ? 119 TYR AAA CE2 1 ? 
ATOM   670  C  CZ  . TYR A 1 80  ? 1.452   -2.220  7.788   1.000 10.163  ? 119 TYR AAA CZ  1 ? 
ATOM   671  O  OH  . TYR A 1 80  ? 1.246   -1.634  6.565   1.000 10.421  ? 119 TYR AAA OH  1 ? 
ATOM   672  N  N   . TRP A 1 81  ? 1.305   -5.366  14.219  1.000 11.453  ? 120 TRP AAA N   1 ? 
ATOM   673  C  CA  . TRP A 1 81  ? 1.529   -6.517  15.093  1.000 11.581  ? 120 TRP AAA CA  1 ? 
ATOM   674  C  C   . TRP A 1 81  ? 1.931   -7.728  14.266  1.000 12.235  ? 120 TRP AAA C   1 ? 
ATOM   675  O  O   . TRP A 1 81  ? 2.714   -8.563  14.689  1.000 12.798  ? 120 TRP AAA O   1 ? 
ATOM   676  C  CB  . TRP A 1 81  ? 0.247   -6.830  15.879  1.000 12.749  ? 120 TRP AAA CB  1 ? 
ATOM   677  C  CG  . TRP A 1 81  ? 0.395   -7.941  16.891  1.000 10.641  ? 120 TRP AAA CG  1 ? 
ATOM   678  C  CD1 . TRP A 1 81  ? 0.059   -9.269  16.740  1.000 12.364  ? 120 TRP AAA CD1 1 ? 
ATOM   679  C  CD2 . TRP A 1 81  ? 0.986   -7.814  18.192  1.000 10.797  ? 120 TRP AAA CD2 1 ? 
ATOM   680  N  NE1 . TRP A 1 81  ? 0.381   -9.942  17.896  1.000 11.321  ? 120 TRP AAA NE1 1 ? 
ATOM   681  C  CE2 . TRP A 1 81  ? 0.964   -9.103  18.796  1.000 11.108  ? 120 TRP AAA CE2 1 ? 
ATOM   682  C  CE3 . TRP A 1 81  ? 1.525   -6.735  18.926  1.000 11.237  ? 120 TRP AAA CE3 1 ? 
ATOM   683  C  CZ2 . TRP A 1 81  ? 1.440   -9.333  20.089  1.000 11.648  ? 120 TRP AAA CZ2 1 ? 
ATOM   684  C  CZ3 . TRP A 1 81  ? 1.980   -6.976  20.205  1.000 12.545  ? 120 TRP AAA CZ3 1 ? 
ATOM   685  C  CH2 . TRP A 1 81  ? 1.973   -8.261  20.770  1.000 11.846  ? 120 TRP AAA CH2 1 ? 
ATOM   686  N  N   . ASN A 1 82  ? 1.342   -7.868  13.082  1.000 12.729  ? 121 ASN AAA N   1 ? 
ATOM   687  C  CA  . ASN A 1 82  ? 1.686   -9.047  12.305  1.000 13.071  ? 121 ASN AAA CA  1 ? 
ATOM   688  C  C   . ASN A 1 82  ? 1.738   -8.757  10.817  1.000 13.207  ? 121 ASN AAA C   1 ? 
ATOM   689  O  O   . ASN A 1 82  ? 1.333   -7.687  10.335  1.000 13.582  ? 121 ASN AAA O   1 ? 
ATOM   690  C  CB  . ASN A 1 82  ? 0.746   -10.181 12.660  1.000 13.056  ? 121 ASN AAA CB  1 ? 
ATOM   691  C  CG  . ASN A 1 82  ? -0.678  -9.949  12.217  1.000 13.755  ? 121 ASN AAA CG  1 ? 
ATOM   692  O  OD1 . ASN A 1 82  ? -0.929  -9.336  11.167  1.000 15.446  ? 121 ASN AAA OD1 1 ? 
ATOM   693  N  ND2 . ASN A 1 82  ? -1.629  -10.527 12.920  1.000 15.819  ? 121 ASN AAA ND2 1 ? 
ATOM   694  N  N   . ALA A 1 83  ? 2.275   -9.740  10.107  1.000 12.332  ? 122 ALA AAA N   1 ? 
ATOM   695  C  CA  . ALA A 1 83  ? 2.441   -9.608  8.670   1.000 12.416  ? 122 ALA AAA CA  1 ? 
ATOM   696  C  C   . ALA A 1 83  ? 1.105   -9.480  7.953   1.000 11.962  ? 122 ALA AAA C   1 ? 
ATOM   697  O  O   . ALA A 1 83  ? 1.068   -8.819  6.908   1.000 11.473  ? 122 ALA AAA O   1 ? 
ATOM   698  C  CB  . ALA A 1 83  ? 3.275   -10.787 8.180   1.000 15.120  ? 122 ALA AAA CB  1 ? 
ATOM   699  N  N   . GLN A 1 84  ? 0.068   -10.169 8.418   1.000 11.327  ? 123 GLN AAA N   1 ? 
ATOM   700  C  CA  . GLN A 1 84  ? -1.203  -10.153 7.703   1.000 11.413  ? 123 GLN AAA CA  1 ? 
ATOM   701  C  C   . GLN A 1 84  ? -1.758  -8.732  7.615   1.000 10.446  ? 123 GLN AAA C   1 ? 
ATOM   702  O  O   . GLN A 1 84  ? -2.355  -8.378  6.591   1.000 10.441  ? 123 GLN AAA O   1 ? 
ATOM   703  C  CB  . GLN A 1 84  ? -2.214  -11.113 8.328   1.000 13.421  ? 123 GLN AAA CB  1 ? 
ATOM   704  C  CG  . GLN A 1 84  ? -3.487  -11.295 7.498   1.000 17.614  ? 123 GLN AAA CG  1 ? 
ATOM   705  C  CD  . GLN A 1 84  ? -3.302  -11.669 6.038   0.500 17.151  ? 123 GLN AAA CD  1 ? 
ATOM   706  O  OE1 . GLN A 1 84  ? -4.110  -11.316 5.177   0.500 22.190  ? 123 GLN AAA OE1 1 ? 
ATOM   707  N  NE2 . GLN A 1 84  ? -2.238  -12.382 5.732   0.500 15.904  ? 123 GLN AAA NE2 1 ? 
ATOM   708  N  N   . GLU A 1 85  ? -1.554  -7.898  8.648   1.000 10.184  ? 124 GLU AAA N   1 ? 
ATOM   709  C  CA  . GLU A 1 85  ? -2.045  -6.521  8.564   1.000 10.070  ? 124 GLU AAA CA  1 ? 
ATOM   710  C  C   . GLU A 1 85  ? -1.380  -5.789  7.400   1.000 9.641   ? 124 GLU AAA C   1 ? 
ATOM   711  O  O   . GLU A 1 85  ? -2.048  -5.003  6.703   1.000 10.293  ? 124 GLU AAA O   1 ? 
ATOM   712  C  CB  . GLU A 1 85  ? -1.650  -5.762  9.830   1.000 10.387  ? 124 GLU AAA CB  1 ? 
ATOM   713  C  CG  . GLU A 1 85  ? -2.432  -6.124  11.103  1.000 12.182  ? 124 GLU AAA CG  1 ? 
ATOM   714  C  CD  . GLU A 1 85  ? -1.803  -5.339  12.254  1.000 13.005  ? 124 GLU AAA CD  1 ? 
ATOM   715  O  OE1 . GLU A 1 85  ? -2.150  -4.166  12.430  1.000 16.888  ? 124 GLU AAA OE1 1 ? 
ATOM   716  O  OE2 . GLU A 1 85  ? -0.905  -5.839  12.858  1.000 16.799  ? 124 GLU AAA OE2 1 ? 
ATOM   717  N  N   . CYS A 1 86  ? -0.085  -6.028  7.210   1.000 9.229   ? 125 CYS AAA N   1 ? 
ATOM   718  C  CA  . CYS A 1 86  ? 0.652   -5.363  6.139   1.000 9.062   ? 125 CYS AAA CA  1 ? 
ATOM   719  C  C   . CYS A 1 86  ? 0.265   -5.911  4.767   1.000 9.752   ? 125 CYS AAA C   1 ? 
ATOM   720  O  O   . CYS A 1 86  ? 0.033   -5.134  3.816   1.000 9.636   ? 125 CYS AAA O   1 ? 
ATOM   721  C  CB  . CYS A 1 86  ? 2.137   -5.488  6.446   1.000 10.492  ? 125 CYS AAA CB  1 ? 
ATOM   722  S  SG  . CYS A 1 86  ? 3.179   -4.776  5.153   1.000 11.842  ? 125 CYS AAA SG  1 ? 
ATOM   723  N  N   . ILE A 1 87  ? 0.152   -7.248  4.667   1.000 9.257   ? 126 ILE AAA N   1 ? 
ATOM   724  C  CA  . ILE A 1 87  ? -0.303  -7.848  3.425   1.000 9.267   ? 126 ILE AAA CA  1 ? 
ATOM   725  C  C   . ILE A 1 87  ? -1.666  -7.266  3.059   1.000 9.430   ? 126 ILE AAA C   1 ? 
ATOM   726  O  O   . ILE A 1 87  ? -1.924  -7.015  1.868   1.000 9.739   ? 126 ILE AAA O   1 ? 
ATOM   727  C  CB  . ILE A 1 87  ? -0.298  -9.378  3.604   1.000 10.155  ? 126 ILE AAA CB  1 ? 
ATOM   728  C  CG1 . ILE A 1 87  ? 1.158   -9.881  3.661   1.000 11.548  ? 126 ILE AAA CG1 1 ? 
ATOM   729  C  CG2 . ILE A 1 87  ? -1.085  -10.051 2.466   1.000 11.513  ? 126 ILE AAA CG2 1 ? 
ATOM   730  C  CD1 . ILE A 1 87  ? 1.327   -11.325 4.165   1.000 12.957  ? 126 ILE AAA CD1 1 ? 
ATOM   731  N  N   . GLN A 1 88  ? -2.567  -7.158  4.039   1.000 10.033  ? 127 GLN AAA N   1 ? 
ATOM   732  C  CA  . GLN A 1 88  ? -3.879  -6.604  3.753   1.000 10.219  ? 127 GLN AAA CA  1 ? 
ATOM   733  C  C   . GLN A 1 88  ? -3.794  -5.177  3.214   1.000 9.529   ? 127 GLN AAA C   1 ? 
ATOM   734  O  O   . GLN A 1 88  ? -4.530  -4.809  2.296   1.000 10.011  ? 127 GLN AAA O   1 ? 
ATOM   735  C  CB  . GLN A 1 88  ? -4.782  -6.701  4.975   1.000 12.494  ? 127 GLN AAA CB  1 ? 
ATOM   736  C  CG  . GLN A 1 88  ? -6.144  -6.044  4.788   1.000 17.692  ? 127 GLN AAA CG  1 ? 
ATOM   737  C  CD  . GLN A 1 88  ? -6.912  -6.715  3.676   1.000 23.234  ? 127 GLN AAA CD  1 ? 
ATOM   738  O  OE1 . GLN A 1 88  ? -7.175  -6.141  2.604   1.000 29.118  ? 127 GLN AAA OE1 1 ? 
ATOM   739  N  NE2 . GLN A 1 88  ? -7.212  -7.991  3.866   1.000 27.137  ? 127 GLN AAA NE2 1 ? 
ATOM   740  N  N   . ASP A 1 89  ? -2.873  -4.366  3.739   1.000 8.668   ? 128 ASP AAA N   1 ? 
ATOM   741  C  CA  . ASP A 1 89  ? -2.707  -3.018  3.197   1.000 8.662   ? 128 ASP AAA CA  1 ? 
ATOM   742  C  C   . ASP A 1 89  ? -2.307  -3.048  1.718   1.000 8.714   ? 128 ASP AAA C   1 ? 
ATOM   743  O  O   . ASP A 1 89  ? -2.826  -2.279  0.904   1.000 9.223   ? 128 ASP AAA O   1 ? 
ATOM   744  C  CB  . ASP A 1 89  ? -1.701  -2.228  4.024   1.000 9.380   ? 128 ASP AAA CB  1 ? 
ATOM   745  C  CG  . ASP A 1 89  ? -2.222  -1.759  5.377   1.000 9.125   ? 128 ASP AAA CG  1 ? 
ATOM   746  O  OD1 . ASP A 1 89  ? -3.449  -1.759  5.598   1.000 11.009  ? 128 ASP AAA OD1 1 ? 
ATOM   747  O  OD2 . ASP A 1 89  ? -1.351  -1.359  6.202   1.000 10.083  ? 128 ASP AAA OD2 1 ? 
ATOM   748  N  N   . PHE A 1 90  ? -1.346  -3.928  1.357   1.000 8.449   ? 129 PHE AAA N   1 ? 
ATOM   749  C  CA  . PHE A 1 90  ? -1.001  -4.045  -0.056  1.000 8.668   ? 129 PHE AAA CA  1 ? 
ATOM   750  C  C   . PHE A 1 90  ? -2.211  -4.487  -0.890  1.000 9.585   ? 129 PHE AAA C   1 ? 
ATOM   751  O  O   . PHE A 1 90  ? -2.484  -3.935  -1.959  1.000 9.932   ? 129 PHE AAA O   1 ? 
ATOM   752  C  CB  . PHE A 1 90  ? 0.131   -5.067  -0.237  1.000 9.733   ? 129 PHE AAA CB  1 ? 
ATOM   753  C  CG  . PHE A 1 90  ? 1.508   -4.516  0.001   1.000 10.196  ? 129 PHE AAA CG  1 ? 
ATOM   754  C  CD1 . PHE A 1 90  ? 2.129   -3.728  -0.971  1.000 11.364  ? 129 PHE AAA CD1 1 ? 
ATOM   755  C  CD2 . PHE A 1 90  ? 2.212   -4.788  1.168   1.000 10.419  ? 129 PHE AAA CD2 1 ? 
ATOM   756  C  CE1 . PHE A 1 90  ? 3.440   -3.281  -0.783  1.000 12.088  ? 129 PHE AAA CE1 1 ? 
ATOM   757  C  CE2 . PHE A 1 90  ? 3.505   -4.296  1.371   1.000 11.414  ? 129 PHE AAA CE2 1 ? 
ATOM   758  C  CZ  . PHE A 1 90  ? 4.134   -3.563  0.384   1.000 11.854  ? 129 PHE AAA CZ  1 ? 
ATOM   759  N  N   . ASN A 1 91  ? -2.960  -5.490  -0.414  1.000 9.677   ? 130 ASN AAA N   1 ? 
ATOM   760  C  CA  . ASN A 1 91  ? -4.121  -5.963  -1.143  1.000 10.606  ? 130 ASN AAA CA  1 ? 
ATOM   761  C  C   . ASN A 1 91  ? -5.128  -4.834  -1.337  1.000 10.216  ? 130 ASN AAA C   1 ? 
ATOM   762  O  O   . ASN A 1 91  ? -5.750  -4.732  -2.407  1.000 10.524  ? 130 ASN AAA O   1 ? 
ATOM   763  C  CB  . ASN A 1 91  ? -4.750  -7.159  -0.432  1.000 12.563  ? 130 ASN AAA CB  1 ? 
ATOM   764  C  CG  . ASN A 1 91  ? -3.938  -8.436  -0.564  1.000 16.919  ? 130 ASN AAA CG  1 ? 
ATOM   765  O  OD1 . ASN A 1 91  ? -3.129  -8.553  -1.479  1.000 23.151  ? 130 ASN AAA OD1 1 ? 
ATOM   766  N  ND2 . ASN A 1 91  ? -4.130  -9.353  0.371   1.000 23.710  ? 130 ASN AAA ND2 1 ? 
ATOM   767  N  N   . THR A 1 92  ? -5.359  -4.037  -0.289  1.000 10.389  ? 131 THR AAA N   1 ? 
ATOM   768  C  CA  . THR A 1 92  ? -6.292  -2.926  -0.376  1.000 10.279  ? 131 THR AAA CA  1 ? 
ATOM   769  C  C   . THR A 1 92  ? -5.833  -1.941  -1.465  1.000 9.964   ? 131 THR AAA C   1 ? 
ATOM   770  O  O   . THR A 1 92  ? -6.647  -1.426  -2.244  1.000 9.796   ? 131 THR AAA O   1 ? 
ATOM   771  C  CB  . THR A 1 92  ? -6.363  -2.234  0.995   1.000 9.876   ? 131 THR AAA CB  1 ? 
ATOM   772  O  OG1 . THR A 1 92  ? -6.961  -3.183  1.890   1.000 11.993  ? 131 THR AAA OG1 1 ? 
ATOM   773  C  CG2 . THR A 1 92  ? -7.215  -0.991  0.952   1.000 10.950  ? 131 THR AAA CG2 1 ? 
ATOM   774  N  N   . MET A 1 93  ? -4.554  -1.586  -1.437  1.000 9.228   ? 132 MET AAA N   1 ? 
ATOM   775  C  CA  . MET A 1 93  ? -3.999  -0.691  -2.448  1.000 9.292   ? 132 MET AAA CA  1 ? 
ATOM   776  C  C   . MET A 1 93  ? -4.285  -1.193  -3.871  1.000 9.509   ? 132 MET AAA C   1 ? 
ATOM   777  O  O   . MET A 1 93  ? -4.768  -0.428  -4.723  1.000 10.116  ? 132 MET AAA O   1 ? 
ATOM   778  C  CB  . MET A 1 93  ? -2.503  -0.554  -2.202  1.000 9.835   ? 132 MET AAA CB  1 ? 
ATOM   779  C  CG  . MET A 1 93  ? -1.815  0.369   -3.241  1.000 10.458  ? 132 MET AAA CG  1 ? 
ATOM   780  S  SD  . MET A 1 93  ? -0.051  0.430   -3.012  1.000 11.911  ? 132 MET AAA SD  1 ? 
ATOM   781  C  CE  . MET A 1 93  ? 0.401   -1.133  -3.777  1.000 14.137  ? 132 MET AAA CE  1 ? 
ATOM   782  N  N   . PHE A 1 94  ? -3.961  -2.455  -4.137  1.000 8.506   ? 133 PHE AAA N   1 ? 
ATOM   783  C  CA  . PHE A 1 94  ? -4.182  -2.945  -5.499  1.000 9.870   ? 133 PHE AAA CA  1 ? 
ATOM   784  C  C   . PHE A 1 94  ? -5.675  -2.950  -5.807  1.000 10.396  ? 133 PHE AAA C   1 ? 
ATOM   785  O  O   . PHE A 1 94  ? -6.090  -2.554  -6.897  1.000 10.842  ? 133 PHE AAA O   1 ? 
ATOM   786  C  CB  . PHE A 1 94  ? -3.618  -4.366  -5.629  1.000 10.740  ? 133 PHE AAA CB  1 ? 
ATOM   787  C  CG  . PHE A 1 94  ? -2.123  -4.434  -5.564  1.000 10.776  ? 133 PHE AAA CG  1 ? 
ATOM   788  C  CD1 . PHE A 1 94  ? -1.334  -3.679  -6.425  1.000 12.333  ? 133 PHE AAA CD1 1 ? 
ATOM   789  C  CD2 . PHE A 1 94  ? -1.502  -5.271  -4.661  1.000 11.952  ? 133 PHE AAA CD2 1 ? 
ATOM   790  C  CE1 . PHE A 1 94  ? 0.051   -3.709  -6.359  1.000 13.150  ? 133 PHE AAA CE1 1 ? 
ATOM   791  C  CE2 . PHE A 1 94  ? -0.117  -5.309  -4.602  1.000 11.683  ? 133 PHE AAA CE2 1 ? 
ATOM   792  C  CZ  . PHE A 1 94  ? 0.653   -4.539  -5.453  1.000 12.454  ? 133 PHE AAA CZ  1 ? 
ATOM   793  N  N   . THR A 1 95  ? -6.512  -3.413  -4.879  1.000 10.567  ? 134 THR AAA N   1 ? 
ATOM   794  C  CA  A THR A 1 95  ? -7.935  -3.472  -5.153  0.500 11.785  ? 134 THR AAA CA  1 ? 
ATOM   795  C  CA  B THR A 1 95  ? -7.957  -3.458  -5.051  0.500 10.111  ? 134 THR AAA CA  1 ? 
ATOM   796  C  C   . THR A 1 95  ? -8.521  -2.078  -5.399  1.000 11.300  ? 134 THR AAA C   1 ? 
ATOM   797  O  O   . THR A 1 95  ? -9.372  -1.920  -6.291  1.000 11.831  ? 134 THR AAA O   1 ? 
ATOM   798  C  CB  A THR A 1 95  ? -8.639  -4.392  -4.156  0.500 13.137  ? 134 THR AAA CB  1 ? 
ATOM   799  C  CB  B THR A 1 95  ? -8.669  -4.001  -3.807  0.500 9.045   ? 134 THR AAA CB  1 ? 
ATOM   800  O  OG1 A THR A 1 95  ? -8.481  -3.761  -2.895  0.500 18.036  ? 134 THR AAA OG1 1 ? 
ATOM   801  O  OG1 B THR A 1 95  ? -8.248  -5.343  -3.592  0.500 10.289  ? 134 THR AAA OG1 1 ? 
ATOM   802  C  CG2 A THR A 1 95  ? -8.050  -5.785  -4.159  0.500 12.751  ? 134 THR AAA CG2 1 ? 
ATOM   803  C  CG2 B THR A 1 95  ? -10.165 -4.079  -4.015  0.500 9.128   ? 134 THR AAA CG2 1 ? 
ATOM   804  N  N   . ASN A 1 96  ? -8.075  -1.065  -4.676  1.000 10.476  ? 135 ASN AAA N   1 ? 
ATOM   805  C  CA  . ASN A 1 96  ? -8.604  0.266   -4.914  1.000 10.932  ? 135 ASN AAA CA  1 ? 
ATOM   806  C  C   . ASN A 1 96  ? -8.291  0.689   -6.346  1.000 10.447  ? 135 ASN AAA C   1 ? 
ATOM   807  O  O   . ASN A 1 96  ? -9.124  1.316   -7.009  1.000 11.225  ? 135 ASN AAA O   1 ? 
ATOM   808  C  CB  . ASN A 1 96  ? -7.959  1.279   -3.980  1.000 11.714  ? 135 ASN AAA CB  1 ? 
ATOM   809  C  CG  . ASN A 1 96  ? -8.340  1.142   -2.521  1.000 12.279  ? 135 ASN AAA CG  1 ? 
ATOM   810  O  OD1 . ASN A 1 96  ? -9.373  0.576   -2.219  1.000 14.635  ? 135 ASN AAA OD1 1 ? 
ATOM   811  N  ND2 . ASN A 1 96  ? -7.485  1.690   -1.684  1.000 14.284  ? 135 ASN AAA ND2 1 ? 
ATOM   812  N  N   . CYS A 1 97  ? -7.094  0.356   -6.823  1.000 9.679   ? 136 CYS AAA N   1 ? 
ATOM   813  C  CA  . CYS A 1 97  ? -6.699  0.712   -8.184  1.000 10.053  ? 136 CYS AAA CA  1 ? 
ATOM   814  C  C   . CYS A 1 97  ? -7.628  0.068   -9.223  1.000 10.385  ? 136 CYS AAA C   1 ? 
ATOM   815  O  O   . CYS A 1 97  ? -8.081  0.710   -10.155 1.000 10.285  ? 136 CYS AAA O   1 ? 
ATOM   816  C  CB  . CYS A 1 97  ? -5.222  0.358   -8.370  1.000 10.346  ? 136 CYS AAA CB  1 ? 
ATOM   817  S  SG  . CYS A 1 97  ? -4.598  0.854   -9.985  1.000 13.675  ? 136 CYS AAA SG  1 ? 
ATOM   818  N  N   . TYR A 1 98  ? -7.891  -1.229  -9.007  1.000 9.884   ? 137 TYR AAA N   1 ? 
ATOM   819  C  CA  . TYR A 1 98  ? -8.742  -1.968  -9.921  1.000 10.179  ? 137 TYR AAA CA  1 ? 
ATOM   820  C  C   . TYR A 1 98  ? -10.186 -1.473  -9.863  1.000 11.157  ? 137 TYR AAA C   1 ? 
ATOM   821  O  O   . TYR A 1 98  ? -10.866 -1.459  -10.893 1.000 12.892  ? 137 TYR AAA O   1 ? 
ATOM   822  C  CB  . TYR A 1 98  ? -8.661  -3.468  -9.646  1.000 10.774  ? 137 TYR AAA CB  1 ? 
ATOM   823  C  CG  . TYR A 1 98  ? -7.261  -4.019  -9.682  1.000 11.378  ? 137 TYR AAA CG  1 ? 
ATOM   824  C  CD1 . TYR A 1 98  ? -6.356  -3.582  -10.642 1.000 11.939  ? 137 TYR AAA CD1 1 ? 
ATOM   825  C  CD2 . TYR A 1 98  ? -6.860  -5.039  -8.829  1.000 11.398  ? 137 TYR AAA CD2 1 ? 
ATOM   826  C  CE1 . TYR A 1 98  ? -5.073  -4.088  -10.704 1.000 13.012  ? 137 TYR AAA CE1 1 ? 
ATOM   827  C  CE2 . TYR A 1 98  ? -5.591  -5.576  -8.911  1.000 11.324  ? 137 TYR AAA CE2 1 ? 
ATOM   828  C  CZ  . TYR A 1 98  ? -4.685  -5.103  -9.845  1.000 12.486  ? 137 TYR AAA CZ  1 ? 
ATOM   829  O  OH  . TYR A 1 98  ? -3.407  -5.606  -9.916  1.000 13.611  ? 137 TYR AAA OH  1 ? 
ATOM   830  N  N   . ILE A 1 99  ? -10.682 -1.079  -8.687  1.000 10.731  ? 138 ILE AAA N   1 ? 
ATOM   831  C  CA  . ILE A 1 99  ? -12.038 -0.575  -8.568  1.000 11.215  ? 138 ILE AAA CA  1 ? 
ATOM   832  C  C   . ILE A 1 99  ? -12.175 0.774   -9.282  1.000 11.576  ? 138 ILE AAA C   1 ? 
ATOM   833  O  O   . ILE A 1 99  ? -13.122 0.987   -10.051 1.000 13.608  ? 138 ILE AAA O   1 ? 
ATOM   834  C  CB  . ILE A 1 99  ? -12.429 -0.443  -7.077  1.000 12.403  ? 138 ILE AAA CB  1 ? 
ATOM   835  C  CG1 . ILE A 1 99  ? -12.593 -1.829  -6.446  1.000 13.293  ? 138 ILE AAA CG1 1 ? 
ATOM   836  C  CG2 . ILE A 1 99  ? -13.684 0.401   -6.939  1.000 12.201  ? 138 ILE AAA CG2 1 ? 
ATOM   837  C  CD1 . ILE A 1 99  ? -12.789 -1.783  -4.964  1.000 18.848  ? 138 ILE AAA CD1 1 ? 
ATOM   838  N  N   . TYR A 1 100 ? -11.261 1.702   -9.037  1.000 11.575  ? 139 TYR AAA N   1 ? 
ATOM   839  C  CA  . TYR A 1 100 ? -11.479 3.044   -9.551  1.000 11.253  ? 139 TYR AAA CA  1 ? 
ATOM   840  C  C   . TYR A 1 100 ? -11.267 3.061   -11.070 1.000 11.641  ? 139 TYR AAA C   1 ? 
ATOM   841  O  O   . TYR A 1 100 ? -11.910 3.864   -11.755 1.000 13.152  ? 139 TYR AAA O   1 ? 
ATOM   842  C  CB  . TYR A 1 100 ? -10.585 4.065   -8.825  1.000 11.320  ? 139 TYR AAA CB  1 ? 
ATOM   843  C  CG  . TYR A 1 100 ? -10.923 5.470   -9.272  1.000 10.844  ? 139 TYR AAA CG  1 ? 
ATOM   844  C  CD1 . TYR A 1 100 ? -12.065 6.089   -8.777  1.000 11.970  ? 139 TYR AAA CD1 1 ? 
ATOM   845  C  CD2 . TYR A 1 100 ? -10.177 6.126   -10.239 1.000 10.970  ? 139 TYR AAA CD2 1 ? 
ATOM   846  C  CE1 . TYR A 1 100 ? -12.452 7.348   -9.208  1.000 11.771  ? 139 TYR AAA CE1 1 ? 
ATOM   847  C  CE2 . TYR A 1 100 ? -10.546 7.387   -10.675 1.000 12.423  ? 139 TYR AAA CE2 1 ? 
ATOM   848  C  CZ  . TYR A 1 100 ? -11.709 7.975   -10.188 1.000 11.524  ? 139 TYR AAA CZ  1 ? 
ATOM   849  O  OH  . TYR A 1 100 ? -12.062 9.216   -10.643 1.000 13.279  ? 139 TYR AAA OH  1 ? 
ATOM   850  N  N   . ASN A 1 101 ? -10.277 2.315   -11.571 1.000 11.948  ? 140 ASN AAA N   1 ? 
ATOM   851  C  CA  . ASN A 1 101 ? -9.863  2.408   -12.966 1.000 12.212  ? 140 ASN AAA CA  1 ? 
ATOM   852  C  C   . ASN A 1 101 ? -10.480 1.280   -13.798 1.000 14.036  ? 140 ASN AAA C   1 ? 
ATOM   853  O  O   . ASN A 1 101 ? -11.325 0.564   -13.314 1.000 16.675  ? 140 ASN AAA O   1 ? 
ATOM   854  C  CB  . ASN A 1 101 ? -8.347  2.420   -13.039 1.000 11.866  ? 140 ASN AAA CB  1 ? 
ATOM   855  C  CG  . ASN A 1 101 ? -7.790  3.596   -12.281 1.000 12.638  ? 140 ASN AAA CG  1 ? 
ATOM   856  O  OD1 . ASN A 1 101 ? -7.914  4.737   -12.724 1.000 13.538  ? 140 ASN AAA OD1 1 ? 
ATOM   857  N  ND2 . ASN A 1 101 ? -7.306  3.370   -11.072 1.000 12.208  ? 140 ASN AAA ND2 1 ? 
ATOM   858  N  N   . LYS A 1 102 ? -10.116 1.201   -15.090 1.000 16.307  ? 141 LYS AAA N   1 ? 
ATOM   859  C  CA  . LYS A 1 102 ? -10.739 0.289   -16.052 1.000 18.250  ? 141 LYS AAA CA  1 ? 
ATOM   860  C  C   . LYS A 1 102 ? -9.714  -0.768  -16.445 1.000 16.542  ? 141 LYS AAA C   1 ? 
ATOM   861  O  O   . LYS A 1 102 ? -8.535  -0.503  -16.493 1.000 16.712  ? 141 LYS AAA O   1 ? 
ATOM   862  C  CB  . LYS A 1 102 ? -11.138 1.056   -17.325 1.000 22.075  ? 141 LYS AAA CB  1 ? 
ATOM   863  C  CG  . LYS A 1 102 ? -12.167 2.158   -17.124 1.000 28.960  ? 141 LYS AAA CG  1 ? 
ATOM   864  C  CD  . LYS A 1 102 ? -12.654 2.730   -18.447 0.500 29.357  ? 141 LYS AAA CD  1 ? 
ATOM   865  C  CE  . LYS A 1 102 ? -13.323 4.082   -18.315 0.500 33.818  ? 141 LYS AAA CE  1 ? 
ATOM   866  N  NZ  . LYS A 1 102 ? -12.339 5.180   -18.139 1.000 39.514  ? 141 LYS AAA NZ  1 ? 
ATOM   867  N  N   . PRO A 1 103 ? -10.123 -2.011  -16.804 1.000 19.901  ? 142 PRO AAA N   1 ? 
ATOM   868  C  CA  . PRO A 1 103 ? -9.176  -2.997  -17.333 1.000 19.883  ? 142 PRO AAA CA  1 ? 
ATOM   869  C  C   . PRO A 1 103 ? -8.410  -2.400  -18.506 1.000 18.397  ? 142 PRO AAA C   1 ? 
ATOM   870  O  O   . PRO A 1 103 ? -8.987  -1.689  -19.321 1.000 20.728  ? 142 PRO AAA O   1 ? 
ATOM   871  C  CB  . PRO A 1 103 ? -10.074 -4.178  -17.787 1.000 21.731  ? 142 PRO AAA CB  1 ? 
ATOM   872  C  CG  . PRO A 1 103 ? -11.312 -4.022  -16.932 1.000 24.174  ? 142 PRO AAA CG  1 ? 
ATOM   873  C  CD  . PRO A 1 103 ? -11.507 -2.527  -16.754 1.000 22.177  ? 142 PRO AAA CD  1 ? 
ATOM   874  N  N   . GLY A 1 104 ? -7.098  -2.615  -18.502 1.000 18.149  ? 143 GLY AAA N   1 ? 
ATOM   875  C  CA  . GLY A 1 104 ? -6.268  -2.131  -19.589 1.000 18.785  ? 143 GLY AAA CA  1 ? 
ATOM   876  C  C   . GLY A 1 104 ? -5.790  -0.680  -19.469 1.000 19.246  ? 143 GLY AAA C   1 ? 
ATOM   877  O  O   . GLY A 1 104 ? -4.891  -0.299  -20.226 1.000 20.608  ? 143 GLY AAA O   1 ? 
ATOM   878  N  N   . ASP A 1 105 ? -6.314  0.122   -18.510 1.000 17.460  ? 144 ASP AAA N   1 ? 
ATOM   879  C  CA  . ASP A 1 105 ? -5.766  1.456   -18.251 1.000 14.934  ? 144 ASP AAA CA  1 ? 
ATOM   880  C  C   . ASP A 1 105 ? -4.312  1.326   -17.826 1.000 14.779  ? 144 ASP AAA C   1 ? 
ATOM   881  O  O   . ASP A 1 105 ? -3.946  0.335   -17.199 1.000 13.181  ? 144 ASP AAA O   1 ? 
ATOM   882  C  CB  . ASP A 1 105 ? -6.478  2.117   -17.069 1.000 15.035  ? 144 ASP AAA CB  1 ? 
ATOM   883  C  CG  . ASP A 1 105 ? -7.825  2.725   -17.392 1.000 16.870  ? 144 ASP AAA CG  1 ? 
ATOM   884  O  OD1 . ASP A 1 105 ? -8.193  2.784   -18.590 1.000 20.840  ? 144 ASP AAA OD1 1 ? 
ATOM   885  O  OD2 . ASP A 1 105 ? -8.517  3.130   -16.471 1.000 18.375  ? 144 ASP AAA OD2 1 ? 
ATOM   886  N  N   . ASP A 1 106 ? -3.469  2.308   -18.167 1.000 13.100  ? 145 ASP AAA N   1 ? 
ATOM   887  C  CA  . ASP A 1 106 ? -2.074  2.251   -17.824 1.000 13.514  ? 145 ASP AAA CA  1 ? 
ATOM   888  C  C   . ASP A 1 106 ? -1.860  1.977   -16.331 1.000 12.084  ? 145 ASP AAA C   1 ? 
ATOM   889  O  O   . ASP A 1 106 ? -0.986  1.170   -15.990 1.000 12.586  ? 145 ASP AAA O   1 ? 
ATOM   890  C  CB  . ASP A 1 106 ? -1.410  3.565   -18.204 1.000 13.253  ? 145 ASP AAA CB  1 ? 
ATOM   891  C  CG  . ASP A 1 106 ? -1.090  3.644   -19.694 1.000 13.994  ? 145 ASP AAA CG  1 ? 
ATOM   892  O  OD1 . ASP A 1 106 ? -0.954  2.616   -20.339 1.000 15.679  ? 145 ASP AAA OD1 1 ? 
ATOM   893  O  OD2 . ASP A 1 106 ? -0.887  4.784   -20.134 1.000 15.443  ? 145 ASP AAA OD2 1 ? 
ATOM   894  N  N   . ILE A 1 107 ? -2.626  2.628   -15.457 1.000 11.498  ? 146 ILE AAA N   1 ? 
ATOM   895  C  CA  . ILE A 1 107 ? -2.329  2.443   -14.049 1.000 11.856  ? 146 ILE AAA CA  1 ? 
ATOM   896  C  C   . ILE A 1 107 ? -2.684  1.017   -13.605 1.000 10.840  ? 146 ILE AAA C   1 ? 
ATOM   897  O  O   . ILE A 1 107 ? -2.066  0.497   -12.679 1.000 10.905  ? 146 ILE AAA O   1 ? 
ATOM   898  C  CB  . ILE A 1 107 ? -3.010  3.522   -13.196 1.000 12.093  ? 146 ILE AAA CB  1 ? 
ATOM   899  C  CG1 . ILE A 1 107 ? -2.396  3.550   -11.787 1.000 13.087  ? 146 ILE AAA CG1 1 ? 
ATOM   900  C  CG2 . ILE A 1 107 ? -4.513  3.338   -13.184 1.000 12.370  ? 146 ILE AAA CG2 1 ? 
ATOM   901  C  CD1 . ILE A 1 107 ? -2.847  4.677   -10.892 1.000 16.823  ? 146 ILE AAA CD1 1 ? 
ATOM   902  N  N   . VAL A 1 108 ? -3.703  0.419   -14.235 1.000 10.517  ? 147 VAL AAA N   1 ? 
ATOM   903  C  CA  . VAL A 1 108 ? -4.051  -0.965  -13.950 1.000 11.087  ? 147 VAL AAA CA  1 ? 
ATOM   904  C  C   . VAL A 1 108 ? -2.976  -1.922  -14.442 1.000 11.113  ? 147 VAL AAA C   1 ? 
ATOM   905  O  O   . VAL A 1 108 ? -2.612  -2.862  -13.736 1.000 12.195  ? 147 VAL AAA O   1 ? 
ATOM   906  C  CB  . VAL A 1 108 ? -5.404  -1.297  -14.589 1.000 10.827  ? 147 VAL AAA CB  1 ? 
ATOM   907  C  CG1 . VAL A 1 108 ? -5.705  -2.786  -14.523 1.000 11.544  ? 147 VAL AAA CG1 1 ? 
ATOM   908  C  CG2 . VAL A 1 108 ? -6.525  -0.493  -13.940 1.000 11.694  ? 147 VAL AAA CG2 1 ? 
ATOM   909  N  N   . LEU A 1 109 ? -2.441  -1.702  -15.655 1.000 11.726  ? 148 LEU AAA N   1 ? 
ATOM   910  C  CA  . LEU A 1 109 ? -1.318  -2.503  -16.111 1.000 12.109  ? 148 LEU AAA CA  1 ? 
ATOM   911  C  C   . LEU A 1 109 ? -0.136  -2.420  -15.153 1.000 12.078  ? 148 LEU AAA C   1 ? 
ATOM   912  O  O   . LEU A 1 109 ? 0.556   -3.421  -14.897 1.000 13.088  ? 148 LEU AAA O   1 ? 
ATOM   913  C  CB  . LEU A 1 109 ? -0.894  -2.028  -17.506 1.000 13.030  ? 148 LEU AAA CB  1 ? 
ATOM   914  C  CG  . LEU A 1 109 ? -1.930  -2.213  -18.615 1.000 14.890  ? 148 LEU AAA CG  1 ? 
ATOM   915  C  CD1 . LEU A 1 109 ? -1.441  -1.567  -19.916 1.000 16.339  ? 148 LEU AAA CD1 1 ? 
ATOM   916  C  CD2 . LEU A 1 109 ? -2.238  -3.673  -18.818 1.000 18.825  ? 148 LEU AAA CD2 1 ? 
ATOM   917  N  N   . MET A 1 110 ? 0.141   -1.203  -14.643 1.000 11.781  ? 149 MET AAA N   1 ? 
ATOM   918  C  CA  . MET A 1 110 ? 1.218   -1.035  -13.673 1.000 11.571  ? 149 MET AAA CA  1 ? 
ATOM   919  C  C   . MET A 1 110 ? 0.934   -1.785  -12.367 1.000 11.142  ? 149 MET AAA C   1 ? 
ATOM   920  O  O   . MET A 1 110 ? 1.816   -2.502  -11.881 1.000 11.099  ? 149 MET AAA O   1 ? 
ATOM   921  C  CB  . MET A 1 110 ? 1.387   0.459   -13.386 1.000 10.890  ? 149 MET AAA CB  1 ? 
ATOM   922  C  CG  . MET A 1 110 ? 1.807   1.207   -14.686 1.000 11.628  ? 149 MET AAA CG  1 ? 
ATOM   923  S  SD  . MET A 1 110 ? 1.638   2.999   -14.590 1.000 16.094  ? 149 MET AAA SD  1 ? 
ATOM   924  C  CE  . MET A 1 110 ? 3.157   3.127   -13.795 1.000 13.053  ? 149 MET AAA CE  1 ? 
ATOM   925  N  N   . ALA A 1 111 ? -0.282  -1.616  -11.852 1.000 10.787  ? 150 ALA AAA N   1 ? 
ATOM   926  C  CA  . ALA A 1 111 ? -0.673  -2.343  -10.646 1.000 10.675  ? 150 ALA AAA CA  1 ? 
ATOM   927  C  C   . ALA A 1 111 ? -0.551  -3.852  -10.831 1.000 11.659  ? 150 ALA AAA C   1 ? 
ATOM   928  O  O   . ALA A 1 111 ? -0.064  -4.550  -9.936  1.000 12.306  ? 150 ALA AAA O   1 ? 
ATOM   929  C  CB  . ALA A 1 111 ? -2.046  -1.932  -10.212 1.000 11.374  ? 150 ALA AAA CB  1 ? 
ATOM   930  N  N   . GLU A 1 112 ? -0.975  -4.340  -11.991 1.000 10.598  ? 151 GLU AAA N   1 ? 
ATOM   931  C  CA  . GLU A 1 112 ? -0.923  -5.787  -12.236 1.000 12.069  ? 151 GLU AAA CA  1 ? 
ATOM   932  C  C   . GLU A 1 112 ? 0.510   -6.281  -12.204 1.000 12.419  ? 151 GLU AAA C   1 ? 
ATOM   933  O  O   . GLU A 1 112 ? 0.771   -7.389  -11.683 1.000 13.187  ? 151 GLU AAA O   1 ? 
ATOM   934  C  CB  . GLU A 1 112 ? -1.564  -6.142  -13.574 1.000 14.387  ? 151 GLU AAA CB  1 ? 
ATOM   935  C  CG  . GLU A 1 112 ? -3.075  -6.091  -13.505 1.000 18.143  ? 151 GLU AAA CG  1 ? 
ATOM   936  C  CD  . GLU A 1 112 ? -3.774  -6.149  -14.863 1.000 23.753  ? 151 GLU AAA CD  1 ? 
ATOM   937  O  OE1 . GLU A 1 112 ? -3.099  -5.998  -15.894 1.000 28.046  ? 151 GLU AAA OE1 1 ? 
ATOM   938  O  OE2 . GLU A 1 112 ? -4.989  -6.252  -14.883 1.000 31.337  ? 151 GLU AAA OE2 1 ? 
ATOM   939  N  N   . ALA A 1 113 ? 1.454   -5.515  -12.764 1.000 12.583  ? 152 ALA AAA N   1 ? 
ATOM   940  C  CA  . ALA A 1 113 ? 2.853   -5.920  -12.761 1.000 13.362  ? 152 ALA AAA CA  1 ? 
ATOM   941  C  C   . ALA A 1 113 ? 3.377   -5.952  -11.330 1.000 12.982  ? 152 ALA AAA C   1 ? 
ATOM   942  O  O   . ALA A 1 113 ? 4.079   -6.885  -10.931 1.000 13.535  ? 152 ALA AAA O   1 ? 
ATOM   943  C  CB  . ALA A 1 113 ? 3.675   -4.985  -13.654 1.000 14.591  ? 152 ALA AAA CB  1 ? 
ATOM   944  N  N   . LEU A 1 114 ? 3.080   -4.905  -10.539 1.000 11.556  ? 153 LEU AAA N   1 ? 
ATOM   945  C  CA  . LEU A 1 114 ? 3.530   -4.868  -9.153  1.000 11.904  ? 153 LEU AAA CA  1 ? 
ATOM   946  C  C   . LEU A 1 114 ? 2.882   -5.986  -8.332  1.000 11.538  ? 153 LEU AAA C   1 ? 
ATOM   947  O  O   . LEU A 1 114 ? 3.557   -6.572  -7.476  1.000 12.105  ? 153 LEU AAA O   1 ? 
ATOM   948  C  CB  . LEU A 1 114 ? 3.117   -3.521  -8.556  1.000 12.280  ? 153 LEU AAA CB  1 ? 
ATOM   949  C  CG  . LEU A 1 114 ? 3.839   -2.312  -9.147  1.000 14.514  ? 153 LEU AAA CG  1 ? 
ATOM   950  C  CD1 . LEU A 1 114 ? 3.243   -1.050  -8.561  1.000 17.163  ? 153 LEU AAA CD1 1 ? 
ATOM   951  C  CD2 . LEU A 1 114 ? 5.327   -2.370  -8.847  1.000 18.079  ? 153 LEU AAA CD2 1 ? 
ATOM   952  N  N   . GLU A 1 115 ? 1.603   -6.251  -8.605  1.000 11.010  ? 154 GLU AAA N   1 ? 
ATOM   953  C  CA  . GLU A 1 115 ? 0.926   -7.288  -7.824  1.000 11.301  ? 154 GLU AAA CA  1 ? 
ATOM   954  C  C   . GLU A 1 115 ? 1.515   -8.672  -8.100  1.000 12.477  ? 154 GLU AAA C   1 ? 
ATOM   955  O  O   . GLU A 1 115 ? 1.604   -9.504  -7.207  1.000 11.981  ? 154 GLU AAA O   1 ? 
ATOM   956  C  CB  . GLU A 1 115 ? -0.563  -7.247  -8.097  1.000 12.164  ? 154 GLU AAA CB  1 ? 
ATOM   957  C  CG  . GLU A 1 115 ? -1.339  -8.208  -7.187  1.000 14.202  ? 154 GLU AAA CG  1 ? 
ATOM   958  C  CD  . GLU A 1 115 ? -2.825  -8.183  -7.429  1.000 17.607  ? 154 GLU AAA CD  1 ? 
ATOM   959  O  OE1 . GLU A 1 115 ? -3.256  -7.956  -8.578  1.000 16.515  ? 154 GLU AAA OE1 1 ? 
ATOM   960  O  OE2 . GLU A 1 115 ? -3.541  -8.476  -6.432  1.000 23.280  ? 154 GLU AAA OE2 1 ? 
ATOM   961  N  N   . LYS A 1 116 ? 1.865   -8.959  -9.362  1.000 12.246  ? 155 LYS AAA N   1 ? 
ATOM   962  C  CA  . LYS A 1 116 ? 2.510   -10.243 -9.648  1.000 13.196  ? 155 LYS AAA CA  1 ? 
ATOM   963  C  C   . LYS A 1 116 ? 3.797   -10.386 -8.846  1.000 12.805  ? 155 LYS AAA C   1 ? 
ATOM   964  O  O   . LYS A 1 116 ? 4.089   -11.457 -8.270  1.000 13.921  ? 155 LYS AAA O   1 ? 
ATOM   965  C  CB  . LYS A 1 116 ? 2.770   -10.353 -11.148 1.000 15.572  ? 155 LYS AAA CB  1 ? 
ATOM   966  C  CG  . LYS A 1 116 ? 3.628   -11.555 -11.524 1.000 19.177  ? 155 LYS AAA CG  1 ? 
ATOM   967  C  CD  . LYS A 1 116 ? 3.784   -11.777 -13.004 1.000 23.654  ? 155 LYS AAA CD  1 ? 
ATOM   968  C  CE  . LYS A 1 116 ? 4.622   -13.014 -13.260 1.000 25.682  ? 155 LYS AAA CE  1 ? 
ATOM   969  N  NZ  . LYS A 1 116 ? 5.027   -13.126 -14.681 1.000 32.174  ? 155 LYS AAA NZ  1 ? 
ATOM   970  N  N   . LEU A 1 117 ? 4.625   -9.345  -8.820  1.000 12.393  ? 156 LEU AAA N   1 ? 
ATOM   971  C  CA  . LEU A 1 117 ? 5.870   -9.343  -8.060  1.000 12.533  ? 156 LEU AAA CA  1 ? 
ATOM   972  C  C   . LEU A 1 117 ? 5.599   -9.508  -6.566  1.000 12.045  ? 156 LEU AAA C   1 ? 
ATOM   973  O  O   . LEU A 1 117 ? 6.248   -10.310 -5.880  1.000 12.258  ? 156 LEU AAA O   1 ? 
ATOM   974  C  CB  . LEU A 1 117 ? 6.605   -8.015  -8.354  1.000 15.408  ? 156 LEU AAA CB  1 ? 
ATOM   975  C  CG  . LEU A 1 117 ? 8.099   -8.046  -8.638  1.000 25.543  ? 156 LEU AAA CG  1 ? 
ATOM   976  C  CD1 . LEU A 1 117 ? 8.740   -6.692  -8.383  1.000 23.629  ? 156 LEU AAA CD1 1 ? 
ATOM   977  C  CD2 . LEU A 1 117 ? 8.857   -9.210  -7.999  1.000 23.085  ? 156 LEU AAA CD2 1 ? 
ATOM   978  N  N   . PHE A 1 118 ? 4.572   -8.802  -6.066  1.000 11.802  ? 157 PHE AAA N   1 ? 
ATOM   979  C  CA  . PHE A 1 118 ? 4.138   -8.930  -4.689  1.000 11.136  ? 157 PHE AAA CA  1 ? 
ATOM   980  C  C   . PHE A 1 118 ? 3.768   -10.382 -4.379  1.000 11.568  ? 157 PHE AAA C   1 ? 
ATOM   981  O  O   . PHE A 1 118 ? 4.200   -10.892 -3.335  1.000 12.705  ? 157 PHE AAA O   1 ? 
ATOM   982  C  CB  . PHE A 1 118 ? 2.940   -8.001  -4.455  1.000 11.174  ? 157 PHE AAA CB  1 ? 
ATOM   983  C  CG  . PHE A 1 118 ? 2.347   -8.104  -3.075  1.000 11.611  ? 157 PHE AAA CG  1 ? 
ATOM   984  C  CD1 . PHE A 1 118 ? 3.053   -7.672  -1.974  1.000 12.645  ? 157 PHE AAA CD1 1 ? 
ATOM   985  C  CD2 . PHE A 1 118 ? 1.081   -8.657  -2.925  1.000 13.937  ? 157 PHE AAA CD2 1 ? 
ATOM   986  C  CE1 . PHE A 1 118 ? 2.485   -7.781  -0.701  1.000 13.339  ? 157 PHE AAA CE1 1 ? 
ATOM   987  C  CE2 . PHE A 1 118 ? 0.513   -8.753  -1.646  1.000 15.453  ? 157 PHE AAA CE2 1 ? 
ATOM   988  C  CZ  . PHE A 1 118 ? 1.248   -8.348  -0.564  1.000 15.314  ? 157 PHE AAA CZ  1 ? 
ATOM   989  N  N   . LEU A 1 119 ? 2.945   -10.983 -5.226  1.000 11.917  ? 158 LEU AAA N   1 ? 
ATOM   990  C  CA  . LEU A 1 119 ? 2.533   -12.364 -4.970  1.000 12.669  ? 158 LEU AAA CA  1 ? 
ATOM   991  C  C   . LEU A 1 119 ? 3.755   -13.279 -4.920  1.000 13.308  ? 158 LEU AAA C   1 ? 
ATOM   992  O  O   . LEU A 1 119 ? 3.849   -14.168 -4.050  1.000 13.650  ? 158 LEU AAA O   1 ? 
ATOM   993  C  CB  . LEU A 1 119 ? 1.579   -12.804 -6.074  1.000 14.782  ? 158 LEU AAA CB  1 ? 
ATOM   994  C  CG  . LEU A 1 119 ? 1.237   -14.296 -6.120  1.000 18.194  ? 158 LEU AAA CG  1 ? 
ATOM   995  C  CD1 . LEU A 1 119 ? 0.623   -14.731 -4.796  1.000 22.525  ? 158 LEU AAA CD1 1 ? 
ATOM   996  C  CD2 . LEU A 1 119 ? 0.284   -14.603 -7.277  1.000 22.491  ? 158 LEU AAA CD2 1 ? 
ATOM   997  N  N   . GLN A 1 120 ? 4.713   -13.098 -5.833  1.000 12.268  ? 159 GLN AAA N   1 ? 
ATOM   998  C  CA  . GLN A 1 120 ? 5.904   -13.951 -5.814  1.000 13.938  ? 159 GLN AAA CA  1 ? 
ATOM   999  C  C   . GLN A 1 120 ? 6.634   -13.787 -4.488  1.000 14.481  ? 159 GLN AAA C   1 ? 
ATOM   1000 O  O   . GLN A 1 120 ? 7.078   -14.776 -3.864  1.000 16.471  ? 159 GLN AAA O   1 ? 
ATOM   1001 C  CB  . GLN A 1 120 ? 6.798   -13.568 -6.988  1.000 15.219  ? 159 GLN AAA CB  1 ? 
ATOM   1002 C  CG  . GLN A 1 120 ? 6.210   -14.001 -8.316  1.000 20.895  ? 159 GLN AAA CG  1 ? 
ATOM   1003 C  CD  . GLN A 1 120 ? 6.990   -13.522 -9.506  0.500 21.507  ? 159 GLN AAA CD  1 ? 
ATOM   1004 O  OE1 . GLN A 1 120 ? 7.390   -12.367 -9.583  0.500 23.337  ? 159 GLN AAA OE1 1 ? 
ATOM   1005 N  NE2 . GLN A 1 120 ? 7.204   -14.423 -10.450 0.500 23.325  ? 159 GLN AAA NE2 1 ? 
ATOM   1006 N  N   . LYS A 1 121 ? 6.765   -12.537 -4.040  1.000 14.577  ? 160 LYS AAA N   1 ? 
ATOM   1007 C  CA  . LYS A 1 121 ? 7.445   -12.301 -2.776  1.000 14.215  ? 160 LYS AAA CA  1 ? 
ATOM   1008 C  C   . LYS A 1 121 ? 6.678   -12.893 -1.598  1.000 14.981  ? 160 LYS AAA C   1 ? 
ATOM   1009 O  O   . LYS A 1 121 ? 7.297   -13.407 -0.653  1.000 16.854  ? 160 LYS AAA O   1 ? 
ATOM   1010 C  CB  . LYS A 1 121 ? 7.690   -10.801 -2.578  1.000 17.834  ? 160 LYS AAA CB  1 ? 
ATOM   1011 C  CG  . LYS A 1 121 ? 8.689   -10.203 -3.551  1.000 19.361  ? 160 LYS AAA CG  1 ? 
ATOM   1012 C  CD  . LYS A 1 121 ? 10.048  -10.835 -3.333  1.000 24.618  ? 160 LYS AAA CD  1 ? 
ATOM   1013 C  CE  . LYS A 1 121 ? 11.091  -10.456 -4.352  1.000 25.666  ? 160 LYS AAA CE  1 ? 
ATOM   1014 N  NZ  . LYS A 1 121 ? 12.223  -11.406 -4.221  1.000 27.493  ? 160 LYS AAA NZ  1 ? 
ATOM   1015 N  N   . ILE A 1 122 ? 5.354   -12.842 -1.612  1.000 13.726  ? 161 ILE AAA N   1 ? 
ATOM   1016 C  CA  . ILE A 1 122 ? 4.615   -13.374 -0.474  1.000 15.018  ? 161 ILE AAA CA  1 ? 
ATOM   1017 C  C   . ILE A 1 122 ? 4.638   -14.906 -0.463  1.000 14.315  ? 161 ILE AAA C   1 ? 
ATOM   1018 O  O   . ILE A 1 122 ? 4.632   -15.524 0.613   1.000 14.405  ? 161 ILE AAA O   1 ? 
ATOM   1019 C  CB  . ILE A 1 122 ? 3.225   -12.722 -0.481  1.000 18.043  ? 161 ILE AAA CB  1 ? 
ATOM   1020 C  CG1 . ILE A 1 122 ? 2.884   -12.045 0.845   1.000 29.016  ? 161 ILE AAA CG1 1 ? 
ATOM   1021 C  CG2 . ILE A 1 122 ? 2.131   -13.494 -1.179  1.000 23.799  ? 161 ILE AAA CG2 1 ? 
ATOM   1022 C  CD1 . ILE A 1 122 ? 3.842   -10.924 1.136   1.000 20.671  ? 161 ILE AAA CD1 1 ? 
ATOM   1023 N  N   . ASN A 1 123 ? 4.722   -15.501 -1.652  1.000 13.016  ? 162 ASN AAA N   1 ? 
ATOM   1024 C  CA  . ASN A 1 123 ? 4.896   -16.946 -1.731  1.000 14.781  ? 162 ASN AAA CA  1 ? 
ATOM   1025 C  C   . ASN A 1 123 ? 6.163   -17.383 -0.989  1.000 14.296  ? 162 ASN AAA C   1 ? 
ATOM   1026 O  O   . ASN A 1 123 ? 6.211   -18.555 -0.544  1.000 15.628  ? 162 ASN AAA O   1 ? 
ATOM   1027 C  CB  . ASN A 1 123 ? 4.813   -17.419 -3.192  1.000 15.780  ? 162 ASN AAA CB  1 ? 
ATOM   1028 C  CG  . ASN A 1 123 ? 3.402   -17.407 -3.740  1.000 15.310  ? 162 ASN AAA CG  1 ? 
ATOM   1029 O  OD1 . ASN A 1 123 ? 2.427   -17.248 -3.012  1.000 18.238  ? 162 ASN AAA OD1 1 ? 
ATOM   1030 N  ND2 . ASN A 1 123 ? 3.258   -17.514 -5.061  1.000 19.219  ? 162 ASN AAA ND2 1 ? 
ATOM   1031 N  N   . GLU A 1 124 ? 7.160   -16.491 -0.805  1.000 14.337  ? 163 GLU AAA N   1 ? 
ATOM   1032 C  CA  . GLU A 1 124 ? 8.423   -16.796 -0.152  1.000 15.509  ? 163 GLU AAA CA  1 ? 
ATOM   1033 C  C   . GLU A 1 124 ? 8.489   -16.250 1.267   1.000 15.045  ? 163 GLU AAA C   1 ? 
ATOM   1034 O  O   . GLU A 1 124 ? 9.524   -16.318 1.911   1.000 17.302  ? 163 GLU AAA O   1 ? 
ATOM   1035 C  CB  . GLU A 1 124 ? 9.611   -16.224 -0.935  1.000 18.479  ? 163 GLU AAA CB  1 ? 
ATOM   1036 C  CG  . GLU A 1 124 ? 9.631   -16.731 -2.373  1.000 24.217  ? 163 GLU AAA CG  1 ? 
ATOM   1037 C  CD  . GLU A 1 124 ? 10.679  -16.055 -3.239  1.000 26.216  ? 163 GLU AAA CD  1 ? 
ATOM   1038 O  OE1 . GLU A 1 124 ? 10.415  -15.863 -4.458  1.000 30.910  ? 163 GLU AAA OE1 1 ? 
ATOM   1039 O  OE2 . GLU A 1 124 ? 11.750  -15.724 -2.702  1.000 27.619  ? 163 GLU AAA OE2 1 ? 
ATOM   1040 N  N   . LEU A 1 125 ? 7.387   -15.685 1.754   1.000 13.573  ? 164 LEU AAA N   1 ? 
ATOM   1041 C  CA  . LEU A 1 125 ? 7.375   -15.172 3.112   1.000 13.916  ? 164 LEU AAA CA  1 ? 
ATOM   1042 C  C   . LEU A 1 125 ? 7.785   -16.291 4.062   1.000 13.704  ? 164 LEU AAA C   1 ? 
ATOM   1043 O  O   . LEU A 1 125 ? 7.161   -17.346 4.063   1.000 14.665  ? 164 LEU AAA O   1 ? 
ATOM   1044 C  CB  . LEU A 1 125 ? 5.950   -14.680 3.407   1.000 14.007  ? 164 LEU AAA CB  1 ? 
ATOM   1045 C  CG  . LEU A 1 125 ? 5.738   -14.070 4.798   1.000 15.115  ? 164 LEU AAA CG  1 ? 
ATOM   1046 C  CD1 . LEU A 1 125 ? 6.306   -12.647 4.857   1.000 18.367  ? 164 LEU AAA CD1 1 ? 
ATOM   1047 C  CD2 . LEU A 1 125 ? 4.252   -14.072 5.167   1.000 17.077  ? 164 LEU AAA CD2 1 ? 
ATOM   1048 N  N   . PRO A 1 126 ? 8.767   -16.059 4.963   1.000 13.817  ? 165 PRO AAA N   1 ? 
ATOM   1049 C  CA  . PRO A 1 126 ? 9.187   -17.128 5.875   1.000 15.979  ? 165 PRO AAA CA  1 ? 
ATOM   1050 C  C   . PRO A 1 126 ? 8.168   -17.416 6.960   1.000 16.018  ? 165 PRO AAA C   1 ? 
ATOM   1051 O  O   . PRO A 1 126 ? 7.326   -16.574 7.304   1.000 16.810  ? 165 PRO AAA O   1 ? 
ATOM   1052 C  CB  . PRO A 1 126 ? 10.437  -16.534 6.545   1.000 17.666  ? 165 PRO AAA CB  1 ? 
ATOM   1053 C  CG  . PRO A 1 126 ? 10.228  -15.021 6.447   1.000 18.249  ? 165 PRO AAA CG  1 ? 
ATOM   1054 C  CD  . PRO A 1 126 ? 9.582   -14.831 5.084   1.000 16.926  ? 165 PRO AAA CD  1 ? 
ATOM   1055 N  N   . THR A 1 127 ? 8.220   -18.660 7.501   1.000 19.255  ? 166 THR AAA N   1 ? 
ATOM   1056 C  CA  . THR A 1 127 ? 7.415   -18.941 8.681   1.000 21.096  ? 166 THR AAA CA  1 ? 
ATOM   1057 C  C   . THR A 1 127 ? 7.800   -17.987 9.815   1.000 19.833  ? 166 THR AAA C   1 ? 
ATOM   1058 O  O   . THR A 1 127 ? 8.976   -17.626 9.940   1.000 20.768  ? 166 THR AAA O   1 ? 
ATOM   1059 C  CB  . THR A 1 127 ? 7.537   -20.404 9.152   1.000 24.875  ? 166 THR AAA CB  1 ? 
ATOM   1060 O  OG1 . THR A 1 127 ? 6.871   -21.225 8.187   1.000 27.903  ? 166 THR AAA OG1 1 ? 
ATOM   1061 C  CG2 . THR A 1 127 ? 6.867   -20.643 10.483  1.000 24.444  ? 166 THR AAA CG2 1 ? 
ATOM   1062 N  N   . GLU A 1 128 ? 6.779   -17.575 10.583  1.000 22.542  ? 167 GLU AAA N   1 ? 
ATOM   1063 C  CA  . GLU A 1 128 ? 6.990   -16.677 11.711  1.000 26.521  ? 167 GLU AAA CA  1 ? 
ATOM   1064 C  C   . GLU A 1 128 ? 7.870   -17.402 12.736  1.000 30.703  ? 167 GLU AAA C   1 ? 
ATOM   1065 O  O   . GLU A 1 128 ? 7.568   -18.524 13.137  1.000 31.838  ? 167 GLU AAA O   1 ? 
ATOM   1066 C  CB  . GLU A 1 128 ? 5.665   -16.159 12.280  1.000 24.933  ? 167 GLU AAA CB  1 ? 
ATOM   1067 C  CG  . GLU A 1 128 ? 5.800   -14.916 13.167  1.000 26.658  ? 167 GLU AAA CG  1 ? 
ATOM   1068 C  CD  . GLU A 1 128 ? 4.528   -14.538 13.910  1.000 26.337  ? 167 GLU AAA CD  1 ? 
ATOM   1069 O  OE1 . GLU A 1 128 ? 4.185   -15.292 14.837  1.000 35.132  ? 167 GLU AAA OE1 1 ? 
ATOM   1070 O  OE2 . GLU A 1 128 ? 3.849   -13.535 13.537  1.000 25.378  ? 167 GLU AAA OE2 1 ? 
ATOM   1071 N  N   . GLU A 1 129 ? 8.999   -16.792 13.103  1.000 33.681  ? 168 GLU AAA N   1 ? 
ATOM   1072 C  CA  . GLU A 1 129 ? 9.959   -17.469 13.964  1.000 38.602  ? 168 GLU AAA CA  1 ? 
ATOM   1073 C  C   . GLU A 1 129 ? 10.273  -16.549 15.143  1.000 45.252  ? 168 GLU AAA C   1 ? 
ATOM   1074 O  O   . GLU A 1 129 ? 10.611  -15.384 14.928  1.000 46.624  ? 168 GLU AAA O   1 ? 
ATOM   1075 C  CB  . GLU A 1 129 ? 11.222  -17.852 13.184  1.000 44.786  ? 168 GLU AAA CB  1 ? 
ATOM   1076 C  CG  . GLU A 1 129 ? 12.202  -16.703 13.011  1.000 49.668  ? 168 GLU AAA CG  1 ? 
ATOM   1077 C  CD  . GLU A 1 129 ? 13.356  -16.941 12.052  1.000 55.952  ? 168 GLU AAA CD  1 ? 
ATOM   1078 O  OE1 . GLU A 1 129 ? 13.291  -17.916 11.274  1.000 57.255  ? 168 GLU AAA OE1 1 ? 
ATOM   1079 O  OE2 . GLU A 1 129 ? 14.316  -16.137 12.079  1.000 57.565  ? 168 GLU AAA OE2 1 ? 
ATOM   1080 O  OXT . GLU A 1 129 ? 10.177  -16.968 16.298  1.000 51.177  ? 168 GLU AAA OXT 1 ? 
HETATM 1081 C  C4  . ISK B 2 .   ? -6.211  6.924   -10.530 1.000 37.772  ? 201 ISK AAA C4  1 ? 
HETATM 1082 C  C5  . ISK B 2 .   ? -6.596  7.964   -12.746 1.000 53.156  ? 201 ISK AAA C5  1 ? 
HETATM 1083 C  C6  . ISK B 2 .   ? -7.798  7.839   -13.843 1.000 67.972  ? 201 ISK AAA C6  1 ? 
HETATM 1084 C  C7  . ISK B 2 .   ? -8.848  7.302   -14.716 1.000 80.949  ? 201 ISK AAA C7  1 ? 
HETATM 1085 N  N1  . ISK B 2 .   ? -5.674  4.860   -9.072  1.000 31.422  ? 201 ISK AAA N1  1 ? 
HETATM 1086 N  N2  . ISK B 2 .   ? -6.856  6.955   -11.707 1.000 39.959  ? 201 ISK AAA N2  1 ? 
HETATM 1087 C  C3  . ISK B 2 .   ? -6.631  5.830   -9.551  1.000 28.920  ? 201 ISK AAA C3  1 ? 
HETATM 1088 C  C1  . ISK B 2 .   ? -4.265  4.641   -7.131  1.000 30.370  ? 201 ISK AAA C1  1 ? 
HETATM 1089 C  C2  . ISK B 2 .   ? -5.584  4.440   -7.804  1.000 15.918  ? 201 ISK AAA C2  1 ? 
HETATM 1090 O  O1  . ISK B 2 .   ? -6.502  3.888   -7.184  1.000 31.943  ? 201 ISK AAA O1  1 ? 
HETATM 1091 O  O2  . ISK B 2 .   ? -5.337  7.743   -10.243 1.000 44.197  ? 201 ISK AAA O2  1 ? 
HETATM 1092 BR BR1 . ISK B 2 .   ? -10.203 5.742   -15.374 1.000 102.831 ? 201 ISK AAA BR1 1 ? 
HETATM 1093 C  C1  . GOL C 3 .   ? -12.530 0.324   -1.110  1.000 22.894  ? 202 GOL AAA C1  1 ? 
HETATM 1094 O  O1  . GOL C 3 .   ? -11.739 1.509   -1.079  1.000 16.548  ? 202 GOL AAA O1  1 ? 
HETATM 1095 C  C2  . GOL C 3 .   ? -13.853 0.636   -1.762  1.000 25.337  ? 202 GOL AAA C2  1 ? 
HETATM 1096 O  O2  . GOL C 3 .   ? -13.681 0.892   -3.153  1.000 37.691  ? 202 GOL AAA O2  1 ? 
HETATM 1097 C  C3  . GOL C 3 .   ? -14.613 1.756   -1.080  1.000 20.949  ? 202 GOL AAA C3  1 ? 
HETATM 1098 O  O3  . GOL C 3 .   ? -14.618 1.549   0.331   1.000 37.249  ? 202 GOL AAA O3  1 ? 
HETATM 1099 C  C1  . GOL D 3 .   ? -5.163  16.067  3.476   1.000 37.918  ? 203 GOL AAA C1  1 ? 
HETATM 1100 O  O1  . GOL D 3 .   ? -4.925  17.136  2.563   1.000 31.736  ? 203 GOL AAA O1  1 ? 
HETATM 1101 C  C2  . GOL D 3 .   ? -5.184  16.565  4.902   1.000 45.722  ? 203 GOL AAA C2  1 ? 
HETATM 1102 O  O2  . GOL D 3 .   ? -4.625  17.875  4.987   1.000 48.181  ? 203 GOL AAA O2  1 ? 
HETATM 1103 C  C3  . GOL D 3 .   ? -6.564  16.569  5.512   1.000 48.703  ? 203 GOL AAA C3  1 ? 
HETATM 1104 O  O3  . GOL D 3 .   ? -6.496  16.328  6.914   1.000 52.487  ? 203 GOL AAA O3  1 ? 
HETATM 1105 C  C1  . GOL E 3 .   ? -7.772  1.743   5.086   1.000 25.568  ? 204 GOL AAA C1  1 ? 
HETATM 1106 O  O1  . GOL E 3 .   ? -7.022  0.751   5.790   1.000 28.070  ? 204 GOL AAA O1  1 ? 
HETATM 1107 C  C2  . GOL E 3 .   ? -7.350  3.147   5.449   1.000 21.483  ? 204 GOL AAA C2  1 ? 
HETATM 1108 O  O2  . GOL E 3 .   ? -7.923  4.032   4.486   1.000 16.511  ? 204 GOL AAA O2  1 ? 
HETATM 1109 C  C3  . GOL E 3 .   ? -7.650  3.589   6.877   1.000 22.334  ? 204 GOL AAA C3  1 ? 
HETATM 1110 O  O3  . GOL E 3 .   ? -9.051  3.783   7.076   1.000 23.249  ? 204 GOL AAA O3  1 ? 
HETATM 1111 C  C1  . GOL F 3 .   ? -0.308  6.208   -14.211 1.000 20.281  ? 205 GOL AAA C1  1 ? 
HETATM 1112 O  O1  . GOL F 3 .   ? -1.420  6.904   -13.639 1.000 24.216  ? 205 GOL AAA O1  1 ? 
HETATM 1113 C  C2  . GOL F 3 .   ? -0.146  6.615   -15.647 1.000 26.141  ? 205 GOL AAA C2  1 ? 
HETATM 1114 O  O2  . GOL F 3 .   ? -1.403  6.511   -16.326 1.000 28.849  ? 205 GOL AAA O2  1 ? 
HETATM 1115 C  C3  . GOL F 3 .   ? 0.957   5.859   -16.357 1.000 28.849  ? 205 GOL AAA C3  1 ? 
HETATM 1116 O  O3  . GOL F 3 .   ? 1.097   6.254   -17.714 1.000 31.371  ? 205 GOL AAA O3  1 ? 
HETATM 1117 C  C1  . GOL G 3 .   ? -2.802  19.656  -3.552  1.000 54.464  ? 206 GOL AAA C1  1 ? 
HETATM 1118 O  O1  . GOL G 3 .   ? -3.685  19.681  -4.668  1.000 40.773  ? 206 GOL AAA O1  1 ? 
HETATM 1119 C  C2  . GOL G 3 .   ? -3.575  19.762  -2.259  1.000 55.550  ? 206 GOL AAA C2  1 ? 
HETATM 1120 O  O2  . GOL G 3 .   ? -3.307  18.649  -1.406  1.000 56.816  ? 206 GOL AAA O2  1 ? 
HETATM 1121 C  C3  . GOL G 3 .   ? -3.322  21.061  -1.528  1.000 59.680  ? 206 GOL AAA C3  1 ? 
HETATM 1122 O  O3  . GOL G 3 .   ? -3.964  22.148  -2.200  1.000 67.214  ? 206 GOL AAA O3  1 ? 
HETATM 1123 C  C1  . GOL H 3 .   ? -1.950  8.649   17.314  1.000 40.759  ? 207 GOL AAA C1  1 ? 
HETATM 1124 O  O1  . GOL H 3 .   ? -1.998  9.315   18.570  1.000 46.849  ? 207 GOL AAA O1  1 ? 
HETATM 1125 C  C2  . GOL H 3 .   ? -2.786  9.362   16.275  1.000 46.426  ? 207 GOL AAA C2  1 ? 
HETATM 1126 O  O2  . GOL H 3 .   ? -2.042  9.496   15.064  1.000 48.605  ? 207 GOL AAA O2  1 ? 
HETATM 1127 C  C3  . GOL H 3 .   ? -4.123  8.690   16.030  1.000 43.605  ? 207 GOL AAA C3  1 ? 
HETATM 1128 O  O3  . GOL H 3 .   ? -4.416  8.539   14.644  1.000 40.435  ? 207 GOL AAA O3  1 ? 
HETATM 1129 C  C1  . GOL I 3 .   ? -14.306 25.707  -0.385  1.000 45.287  ? 208 GOL AAA C1  1 ? 
HETATM 1130 O  O1  . GOL I 3 .   ? -15.203 25.724  -1.495  1.000 36.715  ? 208 GOL AAA O1  1 ? 
HETATM 1131 C  C2  . GOL I 3 .   ? -14.987 26.111  0.907   1.000 48.654  ? 208 GOL AAA C2  1 ? 
HETATM 1132 O  O2  . GOL I 3 .   ? -14.472 25.367  2.010   1.000 55.194  ? 208 GOL AAA O2  1 ? 
HETATM 1133 C  C3  . GOL I 3 .   ? -16.500 26.036  0.879   1.000 49.105  ? 208 GOL AAA C3  1 ? 
HETATM 1134 O  O3  . GOL I 3 .   ? -17.074 27.337  0.960   1.000 50.865  ? 208 GOL AAA O3  1 ? 
HETATM 1135 C  C1  . GOL J 3 .   ? 8.351   -4.140  12.011  1.000 29.430  ? 209 GOL AAA C1  1 ? 
HETATM 1136 O  O1  . GOL J 3 .   ? 7.890   -3.158  11.084  1.000 36.811  ? 209 GOL AAA O1  1 ? 
HETATM 1137 C  C2  . GOL J 3 .   ? 9.248   -5.115  11.283  1.000 40.900  ? 209 GOL AAA C2  1 ? 
HETATM 1138 O  O2  . GOL J 3 .   ? 9.991   -5.945  12.179  1.000 41.434  ? 209 GOL AAA O2  1 ? 
HETATM 1139 C  C3  . GOL J 3 .   ? 10.131  -4.445  10.253  1.000 41.089  ? 209 GOL AAA C3  1 ? 
HETATM 1140 O  O3  . GOL J 3 .   ? 10.826  -3.335  10.814  1.000 44.826  ? 209 GOL AAA O3  1 ? 
HETATM 1141 O  O   . HOH K 4 .   ? -15.221 23.810  0.800   1.000 18.155  ? 301 HOH AAA O   1 ? 
HETATM 1142 O  O   . HOH K 4 .   ? -12.784 -0.536  -12.019 1.000 11.783  ? 302 HOH AAA O   1 ? 
HETATM 1143 O  O   . HOH K 4 .   ? -1.335  -7.030  -16.957 1.000 36.486  ? 303 HOH AAA O   1 ? 
HETATM 1144 O  O   . HOH K 4 .   ? 9.814   -13.212 14.563  1.000 25.674  ? 304 HOH AAA O   1 ? 
HETATM 1145 O  O   . HOH K 4 .   ? -3.896  16.974  0.225   1.000 32.457  ? 305 HOH AAA O   1 ? 
HETATM 1146 O  O   . HOH K 4 .   ? -2.979  7.981   20.436  1.000 32.260  ? 306 HOH AAA O   1 ? 
HETATM 1147 O  O   . HOH K 4 .   ? -3.048  20.884  -6.798  1.000 31.626  ? 307 HOH AAA O   1 ? 
HETATM 1148 O  O   . HOH K 4 .   ? 5.237   6.003   11.832  1.000 24.470  ? 308 HOH AAA O   1 ? 
HETATM 1149 O  O   . HOH K 4 .   ? -9.007  16.774  6.640   1.000 44.702  ? 309 HOH AAA O   1 ? 
HETATM 1150 O  O   . HOH K 4 .   ? -5.696  -9.884  2.344   1.000 43.780  ? 310 HOH AAA O   1 ? 
HETATM 1151 O  O   . HOH K 4 .   ? -4.954  2.860   -3.359  1.000 30.649  ? 311 HOH AAA O   1 ? 
HETATM 1152 O  O   . HOH K 4 .   ? 5.473   -18.043 -6.290  1.000 46.474  ? 312 HOH AAA O   1 ? 
HETATM 1153 O  O   . HOH K 4 .   ? -16.306 27.881  -2.452  1.000 39.965  ? 313 HOH AAA O   1 ? 
HETATM 1154 O  O   . HOH K 4 .   ? -15.260 7.495   -11.842 1.000 24.194  ? 314 HOH AAA O   1 ? 
HETATM 1155 O  O   . HOH K 4 .   ? -0.625  2.344   -22.917 1.000 15.525  ? 315 HOH AAA O   1 ? 
HETATM 1156 O  O   . HOH K 4 .   ? 11.802  -13.287 -1.715  1.000 25.497  ? 316 HOH AAA O   1 ? 
HETATM 1157 O  O   . HOH K 4 .   ? 4.127   8.587   11.535  1.000 41.897  ? 317 HOH AAA O   1 ? 
HETATM 1158 O  O   . HOH K 4 .   ? 6.338   9.342   -6.214  1.000 25.653  ? 318 HOH AAA O   1 ? 
HETATM 1159 O  O   . HOH K 4 .   ? 0.085   16.618  -4.252  1.000 33.298  ? 319 HOH AAA O   1 ? 
HETATM 1160 O  O   . HOH K 4 .   ? -0.155  12.669  -2.053  1.000 25.511  ? 320 HOH AAA O   1 ? 
HETATM 1161 O  O   . HOH K 4 .   ? -14.183 12.598  -10.949 1.000 31.417  ? 321 HOH AAA O   1 ? 
HETATM 1162 O  O   . HOH K 4 .   ? 13.940  -15.195 -4.118  1.000 28.144  ? 322 HOH AAA O   1 ? 
HETATM 1163 O  O   . HOH K 4 .   ? 5.038   6.437   15.748  1.000 35.107  ? 323 HOH AAA O   1 ? 
HETATM 1164 O  O   . HOH K 4 .   ? -10.786 14.914  -3.087  1.000 26.202  ? 324 HOH AAA O   1 ? 
HETATM 1165 O  O   . HOH K 4 .   ? -1.936  3.071   26.279  1.000 22.796  ? 325 HOH AAA O   1 ? 
HETATM 1166 O  O   . HOH K 4 .   ? -11.607 19.263  -9.282  1.000 59.181  ? 326 HOH AAA O   1 ? 
HETATM 1167 O  O   . HOH K 4 .   ? 4.258   -11.796 11.535  1.000 17.127  ? 327 HOH AAA O   1 ? 
HETATM 1168 O  O   . HOH K 4 .   ? 12.082  -3.920  -8.354  1.000 34.460  ? 328 HOH AAA O   1 ? 
HETATM 1169 O  O   . HOH K 4 .   ? -10.206 -2.188  -1.530  1.000 34.353  ? 329 HOH AAA O   1 ? 
HETATM 1170 O  O   . HOH K 4 .   ? -1.812  -4.146  16.857  1.000 14.657  ? 330 HOH AAA O   1 ? 
HETATM 1171 O  O   . HOH K 4 .   ? -5.567  0.900   8.072   1.000 29.636  ? 331 HOH AAA O   1 ? 
HETATM 1172 O  O   . HOH K 4 .   ? 9.154   7.361   2.303   1.000 50.182  ? 332 HOH AAA O   1 ? 
HETATM 1173 O  O   . HOH K 4 .   ? -2.710  -9.770  -4.191  1.000 37.242  ? 333 HOH AAA O   1 ? 
HETATM 1174 O  O   . HOH K 4 .   ? 7.203   -10.663 -11.695 1.000 45.021  ? 334 HOH AAA O   1 ? 
HETATM 1175 O  O   . HOH K 4 .   ? -7.025  8.454   3.762   1.000 15.130  ? 335 HOH AAA O   1 ? 
HETATM 1176 O  O   . HOH K 4 .   ? -6.064  4.857   -2.749  1.000 19.529  ? 336 HOH AAA O   1 ? 
HETATM 1177 O  O   . HOH K 4 .   ? -5.898  -2.108  4.452   1.000 22.259  ? 337 HOH AAA O   1 ? 
HETATM 1178 O  O   . HOH K 4 .   ? -1.488  8.159   -7.942  1.000 23.607  ? 338 HOH AAA O   1 ? 
HETATM 1179 O  O   . HOH K 4 .   ? 12.239  -17.160 -6.031  1.000 26.012  ? 339 HOH AAA O   1 ? 
HETATM 1180 O  O   . HOH K 4 .   ? 4.846   8.982   0.470   1.000 30.654  ? 340 HOH AAA O   1 ? 
HETATM 1181 O  O   . HOH K 4 .   ? 4.294   -18.641 10.120  1.000 35.132  ? 341 HOH AAA O   1 ? 
HETATM 1182 O  O   . HOH K 4 .   ? -6.889  5.149   -15.560 1.000 44.227  ? 342 HOH AAA O   1 ? 
HETATM 1183 O  O   . HOH K 4 .   ? -18.690 9.035   -9.894  1.000 25.505  ? 343 HOH AAA O   1 ? 
HETATM 1184 O  O   . HOH K 4 .   ? -19.484 9.364   -0.209  1.000 32.485  ? 344 HOH AAA O   1 ? 
HETATM 1185 O  O   . HOH K 4 .   ? 1.157   -5.476  -16.639 1.000 24.721  ? 345 HOH AAA O   1 ? 
HETATM 1186 O  O   . HOH K 4 .   ? 9.191   5.211   -14.032 1.000 29.592  ? 346 HOH AAA O   1 ? 
HETATM 1187 O  O   . HOH K 4 .   ? -1.416  5.998   -4.623  1.000 15.718  ? 347 HOH AAA O   1 ? 
HETATM 1188 O  O   . HOH K 4 .   ? -4.510  2.284   -5.219  1.000 27.951  ? 348 HOH AAA O   1 ? 
HETATM 1189 O  O   . HOH K 4 .   ? 5.962   2.702   17.046  1.000 52.872  ? 349 HOH AAA O   1 ? 
HETATM 1190 O  O   . HOH K 4 .   ? -4.689  12.895  -0.570  1.000 19.073  ? 350 HOH AAA O   1 ? 
HETATM 1191 O  O   . HOH K 4 .   ? 13.663  0.264   -2.683  1.000 34.335  ? 351 HOH AAA O   1 ? 
HETATM 1192 O  O   . HOH K 4 .   ? -3.801  6.529   0.808   1.000 12.877  ? 352 HOH AAA O   1 ? 
HETATM 1193 O  O   . HOH K 4 .   ? -8.646  1.708   -21.122 1.000 54.051  ? 353 HOH AAA O   1 ? 
HETATM 1194 O  O   . HOH K 4 .   ? -8.220  6.657   5.375   1.000 14.994  ? 354 HOH AAA O   1 ? 
HETATM 1195 O  O   . HOH K 4 .   ? -0.353  7.952   5.663   1.000 20.242  ? 355 HOH AAA O   1 ? 
HETATM 1196 O  O   . HOH K 4 .   ? 8.569   -2.119  -15.888 1.000 42.024  ? 356 HOH AAA O   1 ? 
HETATM 1197 O  O   . HOH K 4 .   ? -19.333 4.893   -3.251  1.000 45.083  ? 357 HOH AAA O   1 ? 
HETATM 1198 O  O   . HOH K 4 .   ? -4.517  4.323   -19.814 1.000 23.372  ? 358 HOH AAA O   1 ? 
HETATM 1199 O  O   . HOH K 4 .   ? -3.742  -2.937  8.134   1.000 23.462  ? 359 HOH AAA O   1 ? 
HETATM 1200 O  O   . HOH K 4 .   ? -5.852  12.953  -13.693 1.000 36.055  ? 360 HOH AAA O   1 ? 
HETATM 1201 O  O   . HOH K 4 .   ? -17.126 1.775   -3.726  1.000 41.725  ? 361 HOH AAA O   1 ? 
HETATM 1202 O  O   . HOH K 4 .   ? -5.177  2.260   16.044  1.000 27.217  ? 362 HOH AAA O   1 ? 
HETATM 1203 O  O   . HOH K 4 .   ? -5.296  -9.247  -10.044 1.000 47.408  ? 363 HOH AAA O   1 ? 
HETATM 1204 O  O   . HOH K 4 .   ? 12.179  -17.058 2.584   1.000 50.504  ? 364 HOH AAA O   1 ? 
HETATM 1205 O  O   . HOH K 4 .   ? -3.152  -2.184  10.643  1.000 24.169  ? 365 HOH AAA O   1 ? 
HETATM 1206 O  O   . HOH K 4 .   ? -4.860  7.319   -1.677  1.000 17.096  ? 366 HOH AAA O   1 ? 
HETATM 1207 O  O   . HOH K 4 .   ? -6.065  -5.046  -17.234 1.000 26.614  ? 367 HOH AAA O   1 ? 
HETATM 1208 O  O   . HOH K 4 .   ? 11.375  -2.013  -12.684 1.000 26.609  ? 368 HOH AAA O   1 ? 
HETATM 1209 O  O   . HOH K 4 .   ? -6.448  6.502   9.836   1.000 33.546  ? 369 HOH AAA O   1 ? 
HETATM 1210 O  O   . HOH K 4 .   ? 0.733   9.307   17.298  1.000 32.511  ? 370 HOH AAA O   1 ? 
HETATM 1211 O  O   . HOH K 4 .   ? -9.299  20.075  -9.103  1.000 39.224  ? 371 HOH AAA O   1 ? 
HETATM 1212 O  O   . HOH K 4 .   ? -9.988  -2.648  -13.365 1.000 27.075  ? 372 HOH AAA O   1 ? 
HETATM 1213 O  O   . HOH K 4 .   ? 5.862   -8.250  -12.735 1.000 23.758  ? 373 HOH AAA O   1 ? 
HETATM 1214 O  O   . HOH K 4 .   ? -5.025  11.371  2.007   1.000 20.447  ? 374 HOH AAA O   1 ? 
HETATM 1215 O  O   . HOH K 4 .   ? 7.762   -6.407  -13.445 1.000 29.724  ? 375 HOH AAA O   1 ? 
HETATM 1216 O  O   . HOH K 4 .   ? 4.525   -22.757 8.871   1.000 32.028  ? 376 HOH AAA O   1 ? 
HETATM 1217 O  O   . HOH K 4 .   ? -4.677  -0.275  11.886  1.000 35.362  ? 377 HOH AAA O   1 ? 
HETATM 1218 O  O   . HOH K 4 .   ? 5.422   -3.599  12.533  1.000 18.035  ? 378 HOH AAA O   1 ? 
HETATM 1219 O  O   . HOH K 4 .   ? -0.935  8.680   12.241  1.000 22.095  ? 379 HOH AAA O   1 ? 
HETATM 1220 O  O   . HOH K 4 .   ? 0.230   -12.498 10.147  1.000 20.024  ? 380 HOH AAA O   1 ? 
HETATM 1221 O  O   . HOH K 4 .   ? -1.434  12.177  -6.253  1.000 26.890  ? 381 HOH AAA O   1 ? 
HETATM 1222 O  O   . HOH K 4 .   ? -0.196  9.271   8.981   1.000 32.750  ? 382 HOH AAA O   1 ? 
HETATM 1223 O  O   . HOH K 4 .   ? -1.363  -9.404  -11.534 1.000 30.820  ? 383 HOH AAA O   1 ? 
HETATM 1224 O  O   . HOH K 4 .   ? -2.742  3.815   -4.089  1.000 25.083  ? 384 HOH AAA O   1 ? 
HETATM 1225 O  O   . HOH K 4 .   ? -12.303 12.826  -4.040  1.000 18.786  ? 385 HOH AAA O   1 ? 
HETATM 1226 O  O   . HOH K 4 .   ? 13.215  -15.202 8.724   1.000 39.669  ? 386 HOH AAA O   1 ? 
HETATM 1227 O  O   . HOH K 4 .   ? -4.312  -10.547 11.670  1.000 25.955  ? 387 HOH AAA O   1 ? 
HETATM 1228 O  O   . HOH K 4 .   ? -9.566  14.501  -14.674 1.000 44.945  ? 388 HOH AAA O   1 ? 
HETATM 1229 O  O   . HOH K 4 .   ? -0.634  9.372   -5.787  1.000 21.815  ? 389 HOH AAA O   1 ? 
HETATM 1230 O  O   . HOH K 4 .   ? -4.115  5.087   -16.223 1.000 18.933  ? 390 HOH AAA O   1 ? 
HETATM 1231 O  O   . HOH K 4 .   ? 13.304  -1.243  2.364   1.000 40.071  ? 391 HOH AAA O   1 ? 
HETATM 1232 O  O   . HOH K 4 .   ? 3.592   -2.758  21.904  1.000 23.130  ? 392 HOH AAA O   1 ? 
HETATM 1233 O  O   . HOH K 4 .   ? 3.921   3.371   14.540  1.000 30.430  ? 393 HOH AAA O   1 ? 
HETATM 1234 O  O   . HOH K 4 .   ? 6.783   7.103   3.086   1.000 35.033  ? 394 HOH AAA O   1 ? 
HETATM 1235 O  O   . HOH K 4 .   ? -6.289  8.061   12.292  1.000 36.468  ? 395 HOH AAA O   1 ? 
HETATM 1236 O  O   . HOH K 4 .   ? -1.568  -12.297 15.396  1.000 21.602  ? 396 HOH AAA O   1 ? 
HETATM 1237 O  O   . HOH K 4 .   ? 8.685   4.474   -10.115 1.000 19.759  ? 397 HOH AAA O   1 ? 
HETATM 1238 O  O   . HOH K 4 .   ? 11.830  -19.042 8.826   1.000 47.811  ? 398 HOH AAA O   1 ? 
HETATM 1239 O  O   . HOH K 4 .   ? 0.129   9.157   11.694  1.000 29.757  ? 399 HOH AAA O   1 ? 
HETATM 1240 O  O   . HOH K 4 .   ? 0.611   -18.221 -6.456  1.000 37.176  ? 400 HOH AAA O   1 ? 
HETATM 1241 O  O   . HOH K 4 .   ? -5.530  1.573   10.433  1.000 42.931  ? 401 HOH AAA O   1 ? 
HETATM 1242 O  O   . HOH K 4 .   ? -5.239  -4.392  13.019  1.000 31.839  ? 402 HOH AAA O   1 ? 
HETATM 1243 O  O   . HOH K 4 .   ? 12.399  7.258   -2.953  1.000 49.053  ? 403 HOH AAA O   1 ? 
HETATM 1244 O  O   . HOH K 4 .   ? -8.869  -6.023  -0.571  1.000 48.200  ? 404 HOH AAA O   1 ? 
HETATM 1245 O  O   . HOH K 4 .   ? 10.704  4.217   -19.487 1.000 38.833  ? 405 HOH AAA O   1 ? 
HETATM 1246 O  O   . HOH K 4 .   ? -9.915  -3.712  0.785   1.000 45.569  ? 406 HOH AAA O   1 ? 
HETATM 1247 O  O   . HOH K 4 .   ? 8.892   -7.329  19.124  1.000 27.289  ? 407 HOH AAA O   1 ? 
HETATM 1248 O  O   . HOH K 4 .   ? -6.106  4.423   9.637   1.000 30.023  ? 408 HOH AAA O   1 ? 
HETATM 1249 O  O   . HOH K 4 .   ? -5.896  -9.331  7.031   1.000 49.882  ? 409 HOH AAA O   1 ? 
HETATM 1250 O  O   . HOH K 4 .   ? -11.133 17.656  -7.319  1.000 23.909  ? 410 HOH AAA O   1 ? 
HETATM 1251 O  O   . HOH K 4 .   ? -1.373  24.392  -1.354  1.000 55.416  ? 411 HOH AAA O   1 ? 
HETATM 1252 O  O   . HOH K 4 .   ? -5.376  8.775   1.677   1.000 18.084  ? 412 HOH AAA O   1 ? 
HETATM 1253 O  O   . HOH K 4 .   ? -5.033  -8.913  9.546   1.000 55.834  ? 413 HOH AAA O   1 ? 
HETATM 1254 O  O   . HOH K 4 .   ? -0.765  -11.576 -9.846  1.000 35.646  ? 414 HOH AAA O   1 ? 
HETATM 1255 O  O   . HOH K 4 .   ? 5.176   10.768  -8.441  1.000 36.913  ? 415 HOH AAA O   1 ? 
HETATM 1256 O  O   . HOH K 4 .   ? -11.431 16.881  -5.209  1.000 29.824  ? 416 HOH AAA O   1 ? 
HETATM 1257 O  O   . HOH K 4 .   ? -3.820  -12.026 -3.341  1.000 43.012  ? 417 HOH AAA O   1 ? 
HETATM 1258 O  O   . HOH K 4 .   ? 14.479  2.071   7.069   1.000 56.691  ? 418 HOH AAA O   1 ? 
HETATM 1259 O  O   . HOH K 4 .   ? -2.274  14.241  -0.668  1.000 43.165  ? 419 HOH AAA O   1 ? 
HETATM 1260 O  O   . HOH K 4 .   ? 12.141  1.352   0.171   1.000 40.574  ? 420 HOH AAA O   1 ? 
HETATM 1261 O  O   . HOH K 4 .   ? 6.022   9.700   9.221   1.000 49.387  ? 421 HOH AAA O   1 ? 
HETATM 1262 O  O   . HOH K 4 .   ? 12.201  -8.847  -8.224  1.000 42.877  ? 422 HOH AAA O   1 ? 
# 
